data_2XL4
# 
_entry.id   2XL4 
# 
_audit_conform.dict_name       mmcif_pdbx.dic 
_audit_conform.dict_version    5.398 
_audit_conform.dict_location   http://mmcif.pdb.org/dictionaries/ascii/mmcif_pdbx.dic 
# 
loop_
_database_2.database_id 
_database_2.database_code 
_database_2.pdbx_database_accession 
_database_2.pdbx_DOI 
PDB   2XL4         pdb_00002xl4 10.2210/pdb2xl4/pdb 
PDBE  EBI-44631    ?            ?                   
WWPDB D_1290044631 ?            ?                   
# 
loop_
_pdbx_audit_revision_history.ordinal 
_pdbx_audit_revision_history.data_content_type 
_pdbx_audit_revision_history.major_revision 
_pdbx_audit_revision_history.minor_revision 
_pdbx_audit_revision_history.revision_date 
1 'Structure model' 1 0 2011-02-02 
2 'Structure model' 1 1 2011-05-08 
3 'Structure model' 1 2 2011-07-13 
4 'Structure model' 1 3 2018-10-03 
5 'Structure model' 1 4 2024-11-13 
# 
_pdbx_audit_revision_details.ordinal             1 
_pdbx_audit_revision_details.revision_ordinal    1 
_pdbx_audit_revision_details.data_content_type   'Structure model' 
_pdbx_audit_revision_details.provider            repository 
_pdbx_audit_revision_details.type                'Initial release' 
_pdbx_audit_revision_details.description         ? 
_pdbx_audit_revision_details.details             ? 
# 
loop_
_pdbx_audit_revision_group.ordinal 
_pdbx_audit_revision_group.revision_ordinal 
_pdbx_audit_revision_group.data_content_type 
_pdbx_audit_revision_group.group 
1  2 'Structure model' 'Version format compliance' 
2  3 'Structure model' 'Version format compliance' 
3  4 'Structure model' 'Data collection'           
4  4 'Structure model' 'Database references'       
5  4 'Structure model' 'Derived calculations'      
6  4 'Structure model' 'Source and taxonomy'       
7  4 'Structure model' 'Structure summary'         
8  5 'Structure model' 'Data collection'           
9  5 'Structure model' 'Database references'       
10 5 'Structure model' 'Derived calculations'      
11 5 'Structure model' Other                       
12 5 'Structure model' 'Structure summary'         
# 
loop_
_pdbx_audit_revision_category.ordinal 
_pdbx_audit_revision_category.revision_ordinal 
_pdbx_audit_revision_category.data_content_type 
_pdbx_audit_revision_category.category 
1  4 'Structure model' audit_author              
2  4 'Structure model' citation                  
3  4 'Structure model' entity                    
4  4 'Structure model' entity_name_com           
5  4 'Structure model' entity_src_gen            
6  4 'Structure model' entity_src_nat            
7  4 'Structure model' pdbx_struct_mod_residue   
8  4 'Structure model' struct_ref                
9  5 'Structure model' chem_comp_atom            
10 5 'Structure model' chem_comp_bond            
11 5 'Structure model' database_2                
12 5 'Structure model' pdbx_database_status      
13 5 'Structure model' pdbx_entry_details        
14 5 'Structure model' pdbx_modification_feature 
15 5 'Structure model' struct_conn               
16 5 'Structure model' struct_site               
# 
loop_
_pdbx_audit_revision_item.ordinal 
_pdbx_audit_revision_item.revision_ordinal 
_pdbx_audit_revision_item.data_content_type 
_pdbx_audit_revision_item.item 
1  4 'Structure model' '_audit_author.name'                           
2  4 'Structure model' '_citation.journal_id_ISSN'                    
3  4 'Structure model' '_citation.page_last'                          
4  4 'Structure model' '_citation.pdbx_database_id_DOI'               
5  4 'Structure model' '_citation.title'                              
6  4 'Structure model' '_entity.pdbx_description'                     
7  4 'Structure model' '_entity.pdbx_mutation'                        
8  4 'Structure model' '_entity.src_method'                           
9  4 'Structure model' '_pdbx_struct_mod_residue.details'             
10 4 'Structure model' '_struct_ref.db_code'                          
11 4 'Structure model' '_struct_ref.pdbx_align_begin'                 
12 4 'Structure model' '_struct_ref.pdbx_seq_one_letter_code'         
13 5 'Structure model' '_database_2.pdbx_DOI'                         
14 5 'Structure model' '_database_2.pdbx_database_accession'          
15 5 'Structure model' '_pdbx_database_status.status_code_sf'         
16 5 'Structure model' '_pdbx_entry_details.has_protein_modification' 
17 5 'Structure model' '_struct_conn.pdbx_leaving_atom_flag'          
18 5 'Structure model' '_struct_site.pdbx_auth_asym_id'               
19 5 'Structure model' '_struct_site.pdbx_auth_comp_id'               
20 5 'Structure model' '_struct_site.pdbx_auth_seq_id'                
# 
_pdbx_database_status.status_code                     REL 
_pdbx_database_status.entry_id                        2XL4 
_pdbx_database_status.deposit_site                    PDBE 
_pdbx_database_status.process_site                    PDBE 
_pdbx_database_status.SG_entry                        . 
_pdbx_database_status.recvd_initial_deposition_date   2010-07-19 
_pdbx_database_status.pdb_format_compatible           Y 
_pdbx_database_status.status_code_sf                  REL 
_pdbx_database_status.status_code_mr                  ? 
_pdbx_database_status.status_code_cs                  ? 
_pdbx_database_status.methods_development_category    ? 
_pdbx_database_status.status_code_nmr_data            ? 
# 
loop_
_audit_author.name 
_audit_author.pdbx_ordinal 
_audit_author.identifier_ORCID 
'Lebreton, A.' 1  ? 
'Job, V.'      2  ? 
'Tham, T.N.'   3  ? 
'Camejo, A.'   4  ? 
'Mattei, P.J.' 5  ? 
'Regnault, B.' 6  ? 
'Cabanes, D.'  7  ? 
'Dessen, A.'   8  ? 
'Cossart, P.'  9  ? 
'Bierne, H.'   10 ? 
# 
_citation.id                        primary 
_citation.title                     
'A bacterial protein targets the BAHD1 chromatin complex to stimulate type III interferon response.' 
_citation.journal_abbrev            Science 
_citation.journal_volume            331 
_citation.page_first                1319 
_citation.page_last                 1321 
_citation.year                      2011 
_citation.journal_id_ASTM           SCIEAS 
_citation.country                   US 
_citation.journal_id_ISSN           1095-9203 
_citation.journal_id_CSD            0038 
_citation.book_publisher            ? 
_citation.pdbx_database_id_PubMed   21252314 
_citation.pdbx_database_id_DOI      10.1126/science.1200120 
# 
loop_
_citation_author.citation_id 
_citation_author.name 
_citation_author.ordinal 
_citation_author.identifier_ORCID 
primary 'Lebreton, A.'   1  ? 
primary 'Lakisic, G.'    2  ? 
primary 'Job, V.'        3  ? 
primary 'Fritsch, L.'    4  ? 
primary 'Tham, T.N.'     5  ? 
primary 'Camejo, A.'     6  ? 
primary 'Mattei, P.J.'   7  ? 
primary 'Regnault, B.'   8  ? 
primary 'Nahori, M.A.'   9  ? 
primary 'Cabanes, D.'    10 ? 
primary 'Gautreau, A.'   11 ? 
primary 'Ait-Si-Ali, S.' 12 ? 
primary 'Dessen, A.'     13 ? 
primary 'Cossart, P.'    14 ? 
primary 'Bierne, H.'     15 ? 
# 
loop_
_entity.id 
_entity.type 
_entity.src_method 
_entity.pdbx_description 
_entity.formula_weight 
_entity.pdbx_number_of_molecules 
_entity.pdbx_ec 
_entity.pdbx_mutation 
_entity.pdbx_fragment 
_entity.details 
1 polymer     man 'Listeria nuclear targeted protein A' 20157.469 1  ? S127A 'RESIDUES 34-205' ? 
2 non-polymer syn GLYCEROL                              92.094    2  ? ?     ?                 ? 
3 water       nat water                                 18.015    41 ? ?     ?                 ? 
# 
_entity_poly.entity_id                      1 
_entity_poly.type                           'polypeptide(L)' 
_entity_poly.nstd_linkage                   no 
_entity_poly.nstd_monomer                   yes 
_entity_poly.pdbx_seq_one_letter_code       
;GS(MSE)GEDEGEQTKTKKDSNKVVKTASRPKLSTKDLALIKADLAEFEARELSSEKILKDTIKEESWSDLDFANDNINQ
(MSE)IGT(MSE)KRYQQEILSIDAIKRASEASADTEAFKKIFKEWSEFKIERIQVTIDLLNGKKDSEAVFKKTYPNQII
FKKVRTNKLQTALNNLKVGYELLDSQK
;
_entity_poly.pdbx_seq_one_letter_code_can   
;GSMGEDEGEQTKTKKDSNKVVKTASRPKLSTKDLALIKADLAEFEARELSSEKILKDTIKEESWSDLDFANDNINQMIGT
MKRYQQEILSIDAIKRASEASADTEAFKKIFKEWSEFKIERIQVTIDLLNGKKDSEAVFKKTYPNQIIFKKVRTNKLQTA
LNNLKVGYELLDSQK
;
_entity_poly.pdbx_strand_id                 A 
_entity_poly.pdbx_target_identifier         ? 
# 
loop_
_pdbx_entity_nonpoly.entity_id 
_pdbx_entity_nonpoly.name 
_pdbx_entity_nonpoly.comp_id 
2 GLYCEROL GOL 
3 water    HOH 
# 
loop_
_entity_poly_seq.entity_id 
_entity_poly_seq.num 
_entity_poly_seq.mon_id 
_entity_poly_seq.hetero 
1 1   GLY n 
1 2   SER n 
1 3   MSE n 
1 4   GLY n 
1 5   GLU n 
1 6   ASP n 
1 7   GLU n 
1 8   GLY n 
1 9   GLU n 
1 10  GLN n 
1 11  THR n 
1 12  LYS n 
1 13  THR n 
1 14  LYS n 
1 15  LYS n 
1 16  ASP n 
1 17  SER n 
1 18  ASN n 
1 19  LYS n 
1 20  VAL n 
1 21  VAL n 
1 22  LYS n 
1 23  THR n 
1 24  ALA n 
1 25  SER n 
1 26  ARG n 
1 27  PRO n 
1 28  LYS n 
1 29  LEU n 
1 30  SER n 
1 31  THR n 
1 32  LYS n 
1 33  ASP n 
1 34  LEU n 
1 35  ALA n 
1 36  LEU n 
1 37  ILE n 
1 38  LYS n 
1 39  ALA n 
1 40  ASP n 
1 41  LEU n 
1 42  ALA n 
1 43  GLU n 
1 44  PHE n 
1 45  GLU n 
1 46  ALA n 
1 47  ARG n 
1 48  GLU n 
1 49  LEU n 
1 50  SER n 
1 51  SER n 
1 52  GLU n 
1 53  LYS n 
1 54  ILE n 
1 55  LEU n 
1 56  LYS n 
1 57  ASP n 
1 58  THR n 
1 59  ILE n 
1 60  LYS n 
1 61  GLU n 
1 62  GLU n 
1 63  SER n 
1 64  TRP n 
1 65  SER n 
1 66  ASP n 
1 67  LEU n 
1 68  ASP n 
1 69  PHE n 
1 70  ALA n 
1 71  ASN n 
1 72  ASP n 
1 73  ASN n 
1 74  ILE n 
1 75  ASN n 
1 76  GLN n 
1 77  MSE n 
1 78  ILE n 
1 79  GLY n 
1 80  THR n 
1 81  MSE n 
1 82  LYS n 
1 83  ARG n 
1 84  TYR n 
1 85  GLN n 
1 86  GLN n 
1 87  GLU n 
1 88  ILE n 
1 89  LEU n 
1 90  SER n 
1 91  ILE n 
1 92  ASP n 
1 93  ALA n 
1 94  ILE n 
1 95  LYS n 
1 96  ARG n 
1 97  ALA n 
1 98  SER n 
1 99  GLU n 
1 100 ALA n 
1 101 SER n 
1 102 ALA n 
1 103 ASP n 
1 104 THR n 
1 105 GLU n 
1 106 ALA n 
1 107 PHE n 
1 108 LYS n 
1 109 LYS n 
1 110 ILE n 
1 111 PHE n 
1 112 LYS n 
1 113 GLU n 
1 114 TRP n 
1 115 SER n 
1 116 GLU n 
1 117 PHE n 
1 118 LYS n 
1 119 ILE n 
1 120 GLU n 
1 121 ARG n 
1 122 ILE n 
1 123 GLN n 
1 124 VAL n 
1 125 THR n 
1 126 ILE n 
1 127 ASP n 
1 128 LEU n 
1 129 LEU n 
1 130 ASN n 
1 131 GLY n 
1 132 LYS n 
1 133 LYS n 
1 134 ASP n 
1 135 SER n 
1 136 GLU n 
1 137 ALA n 
1 138 VAL n 
1 139 PHE n 
1 140 LYS n 
1 141 LYS n 
1 142 THR n 
1 143 TYR n 
1 144 PRO n 
1 145 ASN n 
1 146 GLN n 
1 147 ILE n 
1 148 ILE n 
1 149 PHE n 
1 150 LYS n 
1 151 LYS n 
1 152 VAL n 
1 153 ARG n 
1 154 THR n 
1 155 ASN n 
1 156 LYS n 
1 157 LEU n 
1 158 GLN n 
1 159 THR n 
1 160 ALA n 
1 161 LEU n 
1 162 ASN n 
1 163 ASN n 
1 164 LEU n 
1 165 LYS n 
1 166 VAL n 
1 167 GLY n 
1 168 TYR n 
1 169 GLU n 
1 170 LEU n 
1 171 LEU n 
1 172 ASP n 
1 173 SER n 
1 174 GLN n 
1 175 LYS n 
# 
_entity_src_gen.entity_id                          1 
_entity_src_gen.pdbx_src_id                        1 
_entity_src_gen.pdbx_alt_source_flag               sample 
_entity_src_gen.pdbx_seq_type                      'Biological sequence' 
_entity_src_gen.pdbx_beg_seq_num                   1 
_entity_src_gen.pdbx_end_seq_num                   175 
_entity_src_gen.gene_src_common_name               ? 
_entity_src_gen.gene_src_genus                     ? 
_entity_src_gen.pdbx_gene_src_gene                 'lntA, lmo0438' 
_entity_src_gen.gene_src_species                   ? 
_entity_src_gen.gene_src_strain                    'ATCC BAA-679 / EGD-e' 
_entity_src_gen.gene_src_tissue                    ? 
_entity_src_gen.gene_src_tissue_fraction           ? 
_entity_src_gen.gene_src_details                   ? 
_entity_src_gen.pdbx_gene_src_fragment             ? 
_entity_src_gen.pdbx_gene_src_scientific_name      'Listeria monocytogenes serovar 1/2a' 
_entity_src_gen.pdbx_gene_src_ncbi_taxonomy_id     169963 
_entity_src_gen.pdbx_gene_src_variant              ? 
_entity_src_gen.pdbx_gene_src_cell_line            ? 
_entity_src_gen.pdbx_gene_src_atcc                 BAA-679 
_entity_src_gen.pdbx_gene_src_organ                ? 
_entity_src_gen.pdbx_gene_src_organelle            ? 
_entity_src_gen.pdbx_gene_src_cell                 ? 
_entity_src_gen.pdbx_gene_src_cellular_location    ? 
_entity_src_gen.host_org_common_name               ? 
_entity_src_gen.pdbx_host_org_scientific_name      'Escherichia coli BL21(DE3)' 
_entity_src_gen.pdbx_host_org_ncbi_taxonomy_id     469008 
_entity_src_gen.host_org_genus                     ? 
_entity_src_gen.pdbx_host_org_gene                 ? 
_entity_src_gen.pdbx_host_org_organ                ? 
_entity_src_gen.host_org_species                   ? 
_entity_src_gen.pdbx_host_org_tissue               ? 
_entity_src_gen.pdbx_host_org_tissue_fraction      ? 
_entity_src_gen.pdbx_host_org_strain               ? 
_entity_src_gen.pdbx_host_org_variant              ? 
_entity_src_gen.pdbx_host_org_cell_line            ? 
_entity_src_gen.pdbx_host_org_atcc                 ? 
_entity_src_gen.pdbx_host_org_culture_collection   ? 
_entity_src_gen.pdbx_host_org_cell                 ? 
_entity_src_gen.pdbx_host_org_organelle            ? 
_entity_src_gen.pdbx_host_org_cellular_location    ? 
_entity_src_gen.pdbx_host_org_vector_type          plasmid 
_entity_src_gen.pdbx_host_org_vector               pGEX 
_entity_src_gen.host_org_details                   ? 
_entity_src_gen.expression_system_id               ? 
_entity_src_gen.plasmid_name                       pGEX-lntA 
_entity_src_gen.plasmid_details                    ? 
_entity_src_gen.pdbx_description                   ? 
# 
loop_
_chem_comp.id 
_chem_comp.type 
_chem_comp.mon_nstd_flag 
_chem_comp.name 
_chem_comp.pdbx_synonyms 
_chem_comp.formula 
_chem_comp.formula_weight 
ALA 'L-peptide linking' y ALANINE          ?                               'C3 H7 N O2'     89.093  
ARG 'L-peptide linking' y ARGININE         ?                               'C6 H15 N4 O2 1' 175.209 
ASN 'L-peptide linking' y ASPARAGINE       ?                               'C4 H8 N2 O3'    132.118 
ASP 'L-peptide linking' y 'ASPARTIC ACID'  ?                               'C4 H7 N O4'     133.103 
GLN 'L-peptide linking' y GLUTAMINE        ?                               'C5 H10 N2 O3'   146.144 
GLU 'L-peptide linking' y 'GLUTAMIC ACID'  ?                               'C5 H9 N O4'     147.129 
GLY 'peptide linking'   y GLYCINE          ?                               'C2 H5 N O2'     75.067  
GOL non-polymer         . GLYCEROL         'GLYCERIN; PROPANE-1,2,3-TRIOL' 'C3 H8 O3'       92.094  
HOH non-polymer         . WATER            ?                               'H2 O'           18.015  
ILE 'L-peptide linking' y ISOLEUCINE       ?                               'C6 H13 N O2'    131.173 
LEU 'L-peptide linking' y LEUCINE          ?                               'C6 H13 N O2'    131.173 
LYS 'L-peptide linking' y LYSINE           ?                               'C6 H15 N2 O2 1' 147.195 
MSE 'L-peptide linking' n SELENOMETHIONINE ?                               'C5 H11 N O2 Se' 196.106 
PHE 'L-peptide linking' y PHENYLALANINE    ?                               'C9 H11 N O2'    165.189 
PRO 'L-peptide linking' y PROLINE          ?                               'C5 H9 N O2'     115.130 
SER 'L-peptide linking' y SERINE           ?                               'C3 H7 N O3'     105.093 
THR 'L-peptide linking' y THREONINE        ?                               'C4 H9 N O3'     119.119 
TRP 'L-peptide linking' y TRYPTOPHAN       ?                               'C11 H12 N2 O2'  204.225 
TYR 'L-peptide linking' y TYROSINE         ?                               'C9 H11 N O3'    181.189 
VAL 'L-peptide linking' y VALINE           ?                               'C5 H11 N O2'    117.146 
# 
loop_
_pdbx_poly_seq_scheme.asym_id 
_pdbx_poly_seq_scheme.entity_id 
_pdbx_poly_seq_scheme.seq_id 
_pdbx_poly_seq_scheme.mon_id 
_pdbx_poly_seq_scheme.ndb_seq_num 
_pdbx_poly_seq_scheme.pdb_seq_num 
_pdbx_poly_seq_scheme.auth_seq_num 
_pdbx_poly_seq_scheme.pdb_mon_id 
_pdbx_poly_seq_scheme.auth_mon_id 
_pdbx_poly_seq_scheme.pdb_strand_id 
_pdbx_poly_seq_scheme.pdb_ins_code 
_pdbx_poly_seq_scheme.hetero 
A 1 1   GLY 1   31  ?   ?   ?   A . n 
A 1 2   SER 2   32  ?   ?   ?   A . n 
A 1 3   MSE 3   33  ?   ?   ?   A . n 
A 1 4   GLY 4   34  ?   ?   ?   A . n 
A 1 5   GLU 5   35  ?   ?   ?   A . n 
A 1 6   ASP 6   36  ?   ?   ?   A . n 
A 1 7   GLU 7   37  ?   ?   ?   A . n 
A 1 8   GLY 8   38  ?   ?   ?   A . n 
A 1 9   GLU 9   39  ?   ?   ?   A . n 
A 1 10  GLN 10  40  ?   ?   ?   A . n 
A 1 11  THR 11  41  ?   ?   ?   A . n 
A 1 12  LYS 12  42  ?   ?   ?   A . n 
A 1 13  THR 13  43  ?   ?   ?   A . n 
A 1 14  LYS 14  44  ?   ?   ?   A . n 
A 1 15  LYS 15  45  ?   ?   ?   A . n 
A 1 16  ASP 16  46  ?   ?   ?   A . n 
A 1 17  SER 17  47  ?   ?   ?   A . n 
A 1 18  ASN 18  48  ?   ?   ?   A . n 
A 1 19  LYS 19  49  ?   ?   ?   A . n 
A 1 20  VAL 20  50  ?   ?   ?   A . n 
A 1 21  VAL 21  51  ?   ?   ?   A . n 
A 1 22  LYS 22  52  ?   ?   ?   A . n 
A 1 23  THR 23  53  ?   ?   ?   A . n 
A 1 24  ALA 24  54  ?   ?   ?   A . n 
A 1 25  SER 25  55  ?   ?   ?   A . n 
A 1 26  ARG 26  56  56  ARG ARG A . n 
A 1 27  PRO 27  57  57  PRO PRO A . n 
A 1 28  LYS 28  58  58  LYS LYS A . n 
A 1 29  LEU 29  59  59  LEU LEU A . n 
A 1 30  SER 30  60  60  SER SER A . n 
A 1 31  THR 31  61  61  THR THR A . n 
A 1 32  LYS 32  62  62  LYS LYS A . n 
A 1 33  ASP 33  63  63  ASP ASP A . n 
A 1 34  LEU 34  64  64  LEU LEU A . n 
A 1 35  ALA 35  65  65  ALA ALA A . n 
A 1 36  LEU 36  66  66  LEU LEU A . n 
A 1 37  ILE 37  67  67  ILE ILE A . n 
A 1 38  LYS 38  68  68  LYS LYS A . n 
A 1 39  ALA 39  69  69  ALA ALA A . n 
A 1 40  ASP 40  70  70  ASP ASP A . n 
A 1 41  LEU 41  71  71  LEU LEU A . n 
A 1 42  ALA 42  72  72  ALA ALA A . n 
A 1 43  GLU 43  73  73  GLU GLU A . n 
A 1 44  PHE 44  74  74  PHE PHE A . n 
A 1 45  GLU 45  75  75  GLU GLU A . n 
A 1 46  ALA 46  76  76  ALA ALA A . n 
A 1 47  ARG 47  77  77  ARG ARG A . n 
A 1 48  GLU 48  78  78  GLU GLU A . n 
A 1 49  LEU 49  79  79  LEU LEU A . n 
A 1 50  SER 50  80  80  SER SER A . n 
A 1 51  SER 51  81  81  SER SER A . n 
A 1 52  GLU 52  82  82  GLU GLU A . n 
A 1 53  LYS 53  83  83  LYS LYS A . n 
A 1 54  ILE 54  84  84  ILE ILE A . n 
A 1 55  LEU 55  85  85  LEU LEU A . n 
A 1 56  LYS 56  86  86  LYS LYS A . n 
A 1 57  ASP 57  87  87  ASP ASP A . n 
A 1 58  THR 58  88  88  THR THR A . n 
A 1 59  ILE 59  89  89  ILE ILE A . n 
A 1 60  LYS 60  90  90  LYS LYS A . n 
A 1 61  GLU 61  91  91  GLU GLU A . n 
A 1 62  GLU 62  92  92  GLU GLU A . n 
A 1 63  SER 63  93  93  SER SER A . n 
A 1 64  TRP 64  94  94  TRP TRP A . n 
A 1 65  SER 65  95  95  SER SER A . n 
A 1 66  ASP 66  96  96  ASP ASP A . n 
A 1 67  LEU 67  97  97  LEU LEU A . n 
A 1 68  ASP 68  98  98  ASP ASP A . n 
A 1 69  PHE 69  99  99  PHE PHE A . n 
A 1 70  ALA 70  100 100 ALA ALA A . n 
A 1 71  ASN 71  101 101 ASN ASN A . n 
A 1 72  ASP 72  102 102 ASP ASP A . n 
A 1 73  ASN 73  103 103 ASN ASN A . n 
A 1 74  ILE 74  104 104 ILE ILE A . n 
A 1 75  ASN 75  105 105 ASN ASN A . n 
A 1 76  GLN 76  106 106 GLN GLN A . n 
A 1 77  MSE 77  107 107 MSE MSE A . n 
A 1 78  ILE 78  108 108 ILE ILE A . n 
A 1 79  GLY 79  109 109 GLY GLY A . n 
A 1 80  THR 80  110 110 THR THR A . n 
A 1 81  MSE 81  111 111 MSE MSE A . n 
A 1 82  LYS 82  112 112 LYS LYS A . n 
A 1 83  ARG 83  113 113 ARG ARG A . n 
A 1 84  TYR 84  114 114 TYR TYR A . n 
A 1 85  GLN 85  115 115 GLN GLN A . n 
A 1 86  GLN 86  116 116 GLN GLN A . n 
A 1 87  GLU 87  117 117 GLU GLU A . n 
A 1 88  ILE 88  118 118 ILE ILE A . n 
A 1 89  LEU 89  119 119 LEU LEU A . n 
A 1 90  SER 90  120 120 SER SER A . n 
A 1 91  ILE 91  121 121 ILE ILE A . n 
A 1 92  ASP 92  122 122 ASP ASP A . n 
A 1 93  ALA 93  123 123 ALA ALA A . n 
A 1 94  ILE 94  124 124 ILE ILE A . n 
A 1 95  LYS 95  125 125 LYS LYS A . n 
A 1 96  ARG 96  126 126 ARG ARG A . n 
A 1 97  ALA 97  127 127 ALA ALA A . n 
A 1 98  SER 98  128 128 SER SER A . n 
A 1 99  GLU 99  129 129 GLU GLU A . n 
A 1 100 ALA 100 130 130 ALA ALA A . n 
A 1 101 SER 101 131 131 SER SER A . n 
A 1 102 ALA 102 132 132 ALA ALA A . n 
A 1 103 ASP 103 133 133 ASP ASP A . n 
A 1 104 THR 104 134 134 THR THR A . n 
A 1 105 GLU 105 135 135 GLU GLU A . n 
A 1 106 ALA 106 136 136 ALA ALA A . n 
A 1 107 PHE 107 137 137 PHE PHE A . n 
A 1 108 LYS 108 138 138 LYS LYS A . n 
A 1 109 LYS 109 139 139 LYS LYS A . n 
A 1 110 ILE 110 140 140 ILE ILE A . n 
A 1 111 PHE 111 141 141 PHE PHE A . n 
A 1 112 LYS 112 142 142 LYS LYS A . n 
A 1 113 GLU 113 143 143 GLU GLU A . n 
A 1 114 TRP 114 144 144 TRP TRP A . n 
A 1 115 SER 115 145 145 SER SER A . n 
A 1 116 GLU 116 146 146 GLU GLU A . n 
A 1 117 PHE 117 147 147 PHE PHE A . n 
A 1 118 LYS 118 148 148 LYS LYS A . n 
A 1 119 ILE 119 149 149 ILE ILE A . n 
A 1 120 GLU 120 150 150 GLU GLU A . n 
A 1 121 ARG 121 151 151 ARG ARG A . n 
A 1 122 ILE 122 152 152 ILE ILE A . n 
A 1 123 GLN 123 153 153 GLN GLN A . n 
A 1 124 VAL 124 154 154 VAL VAL A . n 
A 1 125 THR 125 155 155 THR THR A . n 
A 1 126 ILE 126 156 156 ILE ILE A . n 
A 1 127 ASP 127 157 157 ASP ASP A . n 
A 1 128 LEU 128 158 158 LEU LEU A . n 
A 1 129 LEU 129 159 159 LEU LEU A . n 
A 1 130 ASN 130 160 160 ASN ASN A . n 
A 1 131 GLY 131 161 161 GLY GLY A . n 
A 1 132 LYS 132 162 162 LYS LYS A . n 
A 1 133 LYS 133 163 163 LYS LYS A . n 
A 1 134 ASP 134 164 164 ASP ASP A . n 
A 1 135 SER 135 165 165 SER SER A . n 
A 1 136 GLU 136 166 166 GLU GLU A . n 
A 1 137 ALA 137 167 167 ALA ALA A . n 
A 1 138 VAL 138 168 168 VAL VAL A . n 
A 1 139 PHE 139 169 169 PHE PHE A . n 
A 1 140 LYS 140 170 170 LYS LYS A . n 
A 1 141 LYS 141 171 171 LYS LYS A . n 
A 1 142 THR 142 172 172 THR THR A . n 
A 1 143 TYR 143 173 173 TYR TYR A . n 
A 1 144 PRO 144 174 174 PRO PRO A . n 
A 1 145 ASN 145 175 175 ASN ASN A . n 
A 1 146 GLN 146 176 176 GLN GLN A . n 
A 1 147 ILE 147 177 177 ILE ILE A . n 
A 1 148 ILE 148 178 178 ILE ILE A . n 
A 1 149 PHE 149 179 179 PHE PHE A . n 
A 1 150 LYS 150 180 180 LYS LYS A . n 
A 1 151 LYS 151 181 181 LYS LYS A . n 
A 1 152 VAL 152 182 182 VAL VAL A . n 
A 1 153 ARG 153 183 183 ARG ARG A . n 
A 1 154 THR 154 184 184 THR THR A . n 
A 1 155 ASN 155 185 185 ASN ASN A . n 
A 1 156 LYS 156 186 186 LYS LYS A . n 
A 1 157 LEU 157 187 187 LEU LEU A . n 
A 1 158 GLN 158 188 188 GLN GLN A . n 
A 1 159 THR 159 189 189 THR THR A . n 
A 1 160 ALA 160 190 190 ALA ALA A . n 
A 1 161 LEU 161 191 191 LEU LEU A . n 
A 1 162 ASN 162 192 192 ASN ASN A . n 
A 1 163 ASN 163 193 193 ASN ASN A . n 
A 1 164 LEU 164 194 194 LEU LEU A . n 
A 1 165 LYS 165 195 195 LYS LYS A . n 
A 1 166 VAL 166 196 196 VAL VAL A . n 
A 1 167 GLY 167 197 197 GLY GLY A . n 
A 1 168 TYR 168 198 198 TYR TYR A . n 
A 1 169 GLU 169 199 199 GLU GLU A . n 
A 1 170 LEU 170 200 200 LEU LEU A . n 
A 1 171 LEU 171 201 201 LEU LEU A . n 
A 1 172 ASP 172 202 202 ASP ASP A . n 
A 1 173 SER 173 203 ?   ?   ?   A . n 
A 1 174 GLN 174 204 ?   ?   ?   A . n 
A 1 175 LYS 175 205 ?   ?   ?   A . n 
# 
loop_
_pdbx_nonpoly_scheme.asym_id 
_pdbx_nonpoly_scheme.entity_id 
_pdbx_nonpoly_scheme.mon_id 
_pdbx_nonpoly_scheme.ndb_seq_num 
_pdbx_nonpoly_scheme.pdb_seq_num 
_pdbx_nonpoly_scheme.auth_seq_num 
_pdbx_nonpoly_scheme.pdb_mon_id 
_pdbx_nonpoly_scheme.auth_mon_id 
_pdbx_nonpoly_scheme.pdb_strand_id 
_pdbx_nonpoly_scheme.pdb_ins_code 
B 2 GOL 1  1203 1203 GOL GOL A . 
C 2 GOL 1  1204 1204 GOL GOL A . 
D 3 HOH 1  2001 2001 HOH HOH A . 
D 3 HOH 2  2002 2002 HOH HOH A . 
D 3 HOH 3  2003 2003 HOH HOH A . 
D 3 HOH 4  2004 2004 HOH HOH A . 
D 3 HOH 5  2005 2005 HOH HOH A . 
D 3 HOH 6  2006 2006 HOH HOH A . 
D 3 HOH 7  2007 2007 HOH HOH A . 
D 3 HOH 8  2008 2008 HOH HOH A . 
D 3 HOH 9  2009 2009 HOH HOH A . 
D 3 HOH 10 2010 2010 HOH HOH A . 
D 3 HOH 11 2011 2011 HOH HOH A . 
D 3 HOH 12 2012 2012 HOH HOH A . 
D 3 HOH 13 2013 2013 HOH HOH A . 
D 3 HOH 14 2014 2014 HOH HOH A . 
D 3 HOH 15 2015 2015 HOH HOH A . 
D 3 HOH 16 2016 2016 HOH HOH A . 
D 3 HOH 17 2017 2017 HOH HOH A . 
D 3 HOH 18 2018 2018 HOH HOH A . 
D 3 HOH 19 2019 2019 HOH HOH A . 
D 3 HOH 20 2020 2020 HOH HOH A . 
D 3 HOH 21 2021 2021 HOH HOH A . 
D 3 HOH 22 2022 2022 HOH HOH A . 
D 3 HOH 23 2023 2023 HOH HOH A . 
D 3 HOH 24 2024 2024 HOH HOH A . 
D 3 HOH 25 2025 2025 HOH HOH A . 
D 3 HOH 26 2026 2026 HOH HOH A . 
D 3 HOH 27 2027 2027 HOH HOH A . 
D 3 HOH 28 2028 2028 HOH HOH A . 
D 3 HOH 29 2029 2029 HOH HOH A . 
D 3 HOH 30 2030 2030 HOH HOH A . 
D 3 HOH 31 2031 2031 HOH HOH A . 
D 3 HOH 32 2032 2032 HOH HOH A . 
D 3 HOH 33 2033 2033 HOH HOH A . 
D 3 HOH 34 2034 2034 HOH HOH A . 
D 3 HOH 35 2035 2035 HOH HOH A . 
D 3 HOH 36 2036 2036 HOH HOH A . 
D 3 HOH 37 2037 2037 HOH HOH A . 
D 3 HOH 38 2038 2038 HOH HOH A . 
D 3 HOH 39 2039 2039 HOH HOH A . 
D 3 HOH 40 2040 2040 HOH HOH A . 
D 3 HOH 41 2041 2041 HOH HOH A . 
# 
loop_
_software.name 
_software.classification 
_software.version 
_software.citation_id 
_software.pdbx_ordinal 
REFMAC refinement       5.5.0102 ? 1 
XDS    'data reduction' .        ? 2 
XDS    'data scaling'   .        ? 3 
SHARP  phasing          .        ? 4 
# 
_cell.entry_id           2XL4 
_cell.length_a           49.672 
_cell.length_b           49.672 
_cell.length_c           141.799 
_cell.angle_alpha        90.00 
_cell.angle_beta         90.00 
_cell.angle_gamma        90.00 
_cell.Z_PDB              8 
_cell.pdbx_unique_axis   ? 
# 
_symmetry.entry_id                         2XL4 
_symmetry.space_group_name_H-M             'P 41 21 2' 
_symmetry.pdbx_full_space_group_name_H-M   ? 
_symmetry.cell_setting                     ? 
_symmetry.Int_Tables_number                92 
# 
_exptl.entry_id          2XL4 
_exptl.method            'X-RAY DIFFRACTION' 
_exptl.crystals_number   1 
# 
_exptl_crystal.id                    1 
_exptl_crystal.density_meas          ? 
_exptl_crystal.density_Matthews      2.26 
_exptl_crystal.density_percent_sol   45.46 
_exptl_crystal.description           NONE 
# 
_exptl_crystal_grow.crystal_id      1 
_exptl_crystal_grow.method          ? 
_exptl_crystal_grow.temp            ? 
_exptl_crystal_grow.temp_details    ? 
_exptl_crystal_grow.pH              ? 
_exptl_crystal_grow.pdbx_pH_range   ? 
_exptl_crystal_grow.pdbx_details    '0.15 M NASO4 18% PEG 3350' 
# 
_diffrn.id                     1 
_diffrn.ambient_temp           100 
_diffrn.ambient_temp_details   ? 
_diffrn.crystal_id             1 
# 
_diffrn_detector.diffrn_id              1 
_diffrn_detector.detector               'IMAGE PLATE' 
_diffrn_detector.type                   MARRESEARCH 
_diffrn_detector.pdbx_collection_date   2009-09-28 
_diffrn_detector.details                ? 
# 
_diffrn_radiation.diffrn_id                        1 
_diffrn_radiation.wavelength_id                    1 
_diffrn_radiation.pdbx_monochromatic_or_laue_m_l   M 
_diffrn_radiation.monochromator                    ? 
_diffrn_radiation.pdbx_diffrn_protocol             'SINGLE WAVELENGTH' 
_diffrn_radiation.pdbx_scattering_type             x-ray 
# 
_diffrn_radiation_wavelength.id           1 
_diffrn_radiation_wavelength.wavelength   0.979 
_diffrn_radiation_wavelength.wt           1.0 
# 
_diffrn_source.diffrn_id                   1 
_diffrn_source.source                      SYNCHROTRON 
_diffrn_source.type                        'ESRF BEAMLINE BM30A' 
_diffrn_source.pdbx_synchrotron_site       ESRF 
_diffrn_source.pdbx_synchrotron_beamline   BM30A 
_diffrn_source.pdbx_wavelength             0.979 
_diffrn_source.pdbx_wavelength_list        ? 
# 
_reflns.pdbx_diffrn_id               1 
_reflns.pdbx_ordinal                 1 
_reflns.entry_id                     2XL4 
_reflns.observed_criterion_sigma_I   2.0 
_reflns.observed_criterion_sigma_F   ? 
_reflns.d_resolution_low             50.00 
_reflns.d_resolution_high            2.30 
_reflns.number_obs                   8491 
_reflns.number_all                   ? 
_reflns.percent_possible_obs         96.4 
_reflns.pdbx_Rmerge_I_obs            0.08 
_reflns.pdbx_Rsym_value              ? 
_reflns.pdbx_netI_over_sigmaI        24.90 
_reflns.B_iso_Wilson_estimate        41.23 
_reflns.pdbx_redundancy              13.6 
_reflns.pdbx_CC_half                 ? 
_reflns.pdbx_Rpim_I_all              ? 
_reflns.pdbx_Rrim_I_all              ? 
# 
_reflns_shell.pdbx_diffrn_id         1 
_reflns_shell.pdbx_ordinal           1 
_reflns_shell.d_res_high             2.30 
_reflns_shell.d_res_low              6.83 
_reflns_shell.percent_possible_all   90.3 
_reflns_shell.Rmerge_I_obs           0.50 
_reflns_shell.pdbx_Rsym_value        ? 
_reflns_shell.meanI_over_sigI_obs    7.00 
_reflns_shell.pdbx_redundancy        13.3 
_reflns_shell.number_measured_obs    ? 
_reflns_shell.number_unique_all      ? 
_reflns_shell.number_unique_obs      ? 
_reflns_shell.pdbx_CC_half           ? 
_reflns_shell.pdbx_Rpim_I_all        ? 
_reflns_shell.pdbx_Rrim_I_all        ? 
# 
_refine.pdbx_refine_id                           'X-RAY DIFFRACTION' 
_refine.entry_id                                 2XL4 
_refine.pdbx_diffrn_id                           1 
_refine.pdbx_TLS_residual_ADP_flag               ? 
_refine.ls_number_reflns_obs                     8086 
_refine.ls_number_reflns_all                     ? 
_refine.pdbx_ls_sigma_I                          ? 
_refine.pdbx_ls_sigma_F                          . 
_refine.pdbx_data_cutoff_high_absF               ? 
_refine.pdbx_data_cutoff_low_absF                ? 
_refine.pdbx_data_cutoff_high_rms_absF           ? 
_refine.ls_d_res_low                             28.85 
_refine.ls_d_res_high                            2.30 
_refine.ls_percent_reflns_obs                    99.98 
_refine.ls_R_factor_obs                          0.23323 
_refine.ls_R_factor_all                          ? 
_refine.ls_R_factor_R_work                       0.23220 
_refine.ls_R_factor_R_free                       0.25521 
_refine.ls_R_factor_R_free_error                 ? 
_refine.ls_R_factor_R_free_error_details         ? 
_refine.ls_percent_reflns_R_free                 4.7 
_refine.ls_number_reflns_R_free                  398 
_refine.ls_number_parameters                     ? 
_refine.ls_number_restraints                     ? 
_refine.occupancy_min                            ? 
_refine.occupancy_max                            ? 
_refine.correlation_coeff_Fo_to_Fc               0.935 
_refine.correlation_coeff_Fo_to_Fc_free          0.914 
_refine.B_iso_mean                               39.261 
_refine.aniso_B[1][1]                            1.97 
_refine.aniso_B[2][2]                            1.97 
_refine.aniso_B[3][3]                            -3.94 
_refine.aniso_B[1][2]                            0.00 
_refine.aniso_B[1][3]                            0.00 
_refine.aniso_B[2][3]                            0.00 
_refine.solvent_model_details                    MASK 
_refine.solvent_model_param_ksol                 ? 
_refine.solvent_model_param_bsol                 ? 
_refine.pdbx_solvent_vdw_probe_radii             1.40 
_refine.pdbx_solvent_ion_probe_radii             0.80 
_refine.pdbx_solvent_shrinkage_radii             0.80 
_refine.pdbx_ls_cross_valid_method               THROUGHOUT 
_refine.details                                  'HYDROGENS HAVE BEEN ADDED IN THE RIDING POSITIONS.' 
_refine.pdbx_starting_model                      NONE 
_refine.pdbx_method_to_determine_struct          SAD 
_refine.pdbx_isotropic_thermal_model             ? 
_refine.pdbx_stereochemistry_target_values       'MAXIMUM LIKELIHOOD' 
_refine.pdbx_stereochem_target_val_spec_case     ? 
_refine.pdbx_R_Free_selection_details            RANDOM 
_refine.pdbx_overall_ESU_R                       0.350 
_refine.pdbx_overall_ESU_R_Free                  0.236 
_refine.overall_SU_ML                            0.192 
_refine.pdbx_overall_phase_error                 ? 
_refine.overall_SU_B                             8.032 
_refine.overall_SU_R_Cruickshank_DPI             ? 
_refine.pdbx_overall_SU_R_free_Cruickshank_DPI   ? 
_refine.pdbx_overall_SU_R_Blow_DPI               ? 
_refine.pdbx_overall_SU_R_free_Blow_DPI          ? 
# 
_refine_hist.pdbx_refine_id                   'X-RAY DIFFRACTION' 
_refine_hist.cycle_id                         LAST 
_refine_hist.pdbx_number_atoms_protein        1197 
_refine_hist.pdbx_number_atoms_nucleic_acid   0 
_refine_hist.pdbx_number_atoms_ligand         12 
_refine_hist.number_atoms_solvent             41 
_refine_hist.number_atoms_total               1250 
_refine_hist.d_res_high                       2.30 
_refine_hist.d_res_low                        28.85 
# 
loop_
_refine_ls_restr.type 
_refine_ls_restr.dev_ideal 
_refine_ls_restr.dev_ideal_target 
_refine_ls_restr.weight 
_refine_ls_restr.number 
_refine_ls_restr.pdbx_refine_id 
_refine_ls_restr.pdbx_restraint_function 
r_bond_refined_d             0.020  0.022  ? 1235 'X-RAY DIFFRACTION' ? 
r_bond_other_d               ?      ?      ? ?    'X-RAY DIFFRACTION' ? 
r_angle_refined_deg          1.972  1.978  ? 1652 'X-RAY DIFFRACTION' ? 
r_angle_other_deg            ?      ?      ? ?    'X-RAY DIFFRACTION' ? 
r_dihedral_angle_1_deg       5.549  5.000  ? 148  'X-RAY DIFFRACTION' ? 
r_dihedral_angle_2_deg       38.098 25.932 ? 59   'X-RAY DIFFRACTION' ? 
r_dihedral_angle_3_deg       22.254 15.000 ? 256  'X-RAY DIFFRACTION' ? 
r_dihedral_angle_4_deg       27.623 15.000 ? 6    'X-RAY DIFFRACTION' ? 
r_chiral_restr               0.151  0.200  ? 186  'X-RAY DIFFRACTION' ? 
r_gen_planes_refined         0.008  0.020  ? 887  'X-RAY DIFFRACTION' ? 
r_gen_planes_other           ?      ?      ? ?    'X-RAY DIFFRACTION' ? 
r_nbd_refined                ?      ?      ? ?    'X-RAY DIFFRACTION' ? 
r_nbd_other                  ?      ?      ? ?    'X-RAY DIFFRACTION' ? 
r_nbtor_refined              ?      ?      ? ?    'X-RAY DIFFRACTION' ? 
r_nbtor_other                ?      ?      ? ?    'X-RAY DIFFRACTION' ? 
r_xyhbond_nbd_refined        ?      ?      ? ?    'X-RAY DIFFRACTION' ? 
r_xyhbond_nbd_other          ?      ?      ? ?    'X-RAY DIFFRACTION' ? 
r_metal_ion_refined          ?      ?      ? ?    'X-RAY DIFFRACTION' ? 
r_metal_ion_other            ?      ?      ? ?    'X-RAY DIFFRACTION' ? 
r_symmetry_vdw_refined       ?      ?      ? ?    'X-RAY DIFFRACTION' ? 
r_symmetry_vdw_other         ?      ?      ? ?    'X-RAY DIFFRACTION' ? 
r_symmetry_hbond_refined     ?      ?      ? ?    'X-RAY DIFFRACTION' ? 
r_symmetry_hbond_other       ?      ?      ? ?    'X-RAY DIFFRACTION' ? 
r_symmetry_metal_ion_refined ?      ?      ? ?    'X-RAY DIFFRACTION' ? 
r_symmetry_metal_ion_other   ?      ?      ? ?    'X-RAY DIFFRACTION' ? 
r_mcbond_it                  0.921  1.500  ? 740  'X-RAY DIFFRACTION' ? 
r_mcbond_other               ?      ?      ? ?    'X-RAY DIFFRACTION' ? 
r_mcangle_it                 1.787  2.000  ? 1196 'X-RAY DIFFRACTION' ? 
r_mcangle_other              ?      ?      ? ?    'X-RAY DIFFRACTION' ? 
r_scbond_it                  3.636  3.000  ? 495  'X-RAY DIFFRACTION' ? 
r_scbond_other               ?      ?      ? ?    'X-RAY DIFFRACTION' ? 
r_scangle_it                 5.205  4.500  ? 456  'X-RAY DIFFRACTION' ? 
r_scangle_other              ?      ?      ? ?    'X-RAY DIFFRACTION' ? 
r_long_range_B_refined       ?      ?      ? ?    'X-RAY DIFFRACTION' ? 
r_long_range_B_other         ?      ?      ? ?    'X-RAY DIFFRACTION' ? 
r_rigid_bond_restr           ?      ?      ? ?    'X-RAY DIFFRACTION' ? 
r_sphericity_free            ?      ?      ? ?    'X-RAY DIFFRACTION' ? 
r_sphericity_bonded          ?      ?      ? ?    'X-RAY DIFFRACTION' ? 
# 
_refine_ls_shell.pdbx_refine_id                   'X-RAY DIFFRACTION' 
_refine_ls_shell.pdbx_total_number_of_bins_used   20 
_refine_ls_shell.d_res_high                       2.300 
_refine_ls_shell.d_res_low                        2.360 
_refine_ls_shell.number_reflns_R_work             579 
_refine_ls_shell.R_factor_R_work                  0.297 
_refine_ls_shell.percent_reflns_obs               100.00 
_refine_ls_shell.R_factor_R_free                  0.318 
_refine_ls_shell.R_factor_R_free_error            ? 
_refine_ls_shell.percent_reflns_R_free            ? 
_refine_ls_shell.number_reflns_R_free             35 
_refine_ls_shell.number_reflns_all                ? 
_refine_ls_shell.R_factor_all                     ? 
_refine_ls_shell.R_factor_obs                     ? 
_refine_ls_shell.number_reflns_obs                ? 
# 
_struct.entry_id                  2XL4 
_struct.title                     'LntA, a virulence factor from Listeria monocytogenes' 
_struct.pdbx_model_details        ? 
_struct.pdbx_CASP_flag            ? 
_struct.pdbx_model_type_details   ? 
# 
_struct_keywords.entry_id        2XL4 
_struct_keywords.pdbx_keywords   'IMMUNE SYSTEM' 
_struct_keywords.text            'TOXIN, IMMUNE SYSTEM' 
# 
loop_
_struct_asym.id 
_struct_asym.pdbx_blank_PDB_chainid_flag 
_struct_asym.pdbx_modified 
_struct_asym.entity_id 
_struct_asym.details 
A N N 1 ? 
B N N 2 ? 
C N N 2 ? 
D N N 3 ? 
# 
_struct_ref.id                         1 
_struct_ref.db_name                    UNP 
_struct_ref.db_code                    LNTA_LISMO 
_struct_ref.pdbx_db_accession          Q8Y9T5 
_struct_ref.pdbx_db_isoform            ? 
_struct_ref.entity_id                  1 
_struct_ref.pdbx_seq_one_letter_code   
;GEDEGEQTKTKKDSNKVVKTASRPKLSTKDLALIKADLAEFEARELSSEKILKDTIKEESWSDLDFANDNINQMIGTMKR
YQQEILSIDAIKRSSEASADTEAFKKIFKEWSEFKIERIQVTIDLLNGKKDSEAVFKKTYPNQIIFKKVRTNKLQTALNN
LKVGYELLDSQK
;
_struct_ref.pdbx_align_begin           34 
# 
_struct_ref_seq.align_id                      1 
_struct_ref_seq.ref_id                        1 
_struct_ref_seq.pdbx_PDB_id_code              2XL4 
_struct_ref_seq.pdbx_strand_id                A 
_struct_ref_seq.seq_align_beg                 4 
_struct_ref_seq.pdbx_seq_align_beg_ins_code   ? 
_struct_ref_seq.seq_align_end                 175 
_struct_ref_seq.pdbx_seq_align_end_ins_code   ? 
_struct_ref_seq.pdbx_db_accession             Q8Y9T5 
_struct_ref_seq.db_align_beg                  34 
_struct_ref_seq.pdbx_db_align_beg_ins_code    ? 
_struct_ref_seq.db_align_end                  205 
_struct_ref_seq.pdbx_db_align_end_ins_code    ? 
_struct_ref_seq.pdbx_auth_seq_align_beg       34 
_struct_ref_seq.pdbx_auth_seq_align_end       205 
# 
loop_
_struct_ref_seq_dif.align_id 
_struct_ref_seq_dif.pdbx_pdb_id_code 
_struct_ref_seq_dif.mon_id 
_struct_ref_seq_dif.pdbx_pdb_strand_id 
_struct_ref_seq_dif.seq_num 
_struct_ref_seq_dif.pdbx_pdb_ins_code 
_struct_ref_seq_dif.pdbx_seq_db_name 
_struct_ref_seq_dif.pdbx_seq_db_accession_code 
_struct_ref_seq_dif.db_mon_id 
_struct_ref_seq_dif.pdbx_seq_db_seq_num 
_struct_ref_seq_dif.details 
_struct_ref_seq_dif.pdbx_auth_seq_num 
_struct_ref_seq_dif.pdbx_ordinal 
1 2XL4 GLY A 1  ? UNP Q8Y9T5 ?   ?   'expression tag'      31  1 
1 2XL4 SER A 2  ? UNP Q8Y9T5 ?   ?   'expression tag'      32  2 
1 2XL4 MSE A 3  ? UNP Q8Y9T5 ?   ?   'expression tag'      33  3 
1 2XL4 ALA A 97 ? UNP Q8Y9T5 SER 127 'engineered mutation' 127 4 
# 
_pdbx_struct_assembly.id                   1 
_pdbx_struct_assembly.details              author_and_software_defined_assembly 
_pdbx_struct_assembly.method_details       PISA 
_pdbx_struct_assembly.oligomeric_details   monomeric 
_pdbx_struct_assembly.oligomeric_count     1 
# 
_pdbx_struct_assembly_gen.assembly_id       1 
_pdbx_struct_assembly_gen.oper_expression   1 
_pdbx_struct_assembly_gen.asym_id_list      A,B,C,D 
# 
_pdbx_struct_oper_list.id                   1 
_pdbx_struct_oper_list.type                 'identity operation' 
_pdbx_struct_oper_list.name                 1_555 
_pdbx_struct_oper_list.symmetry_operation   x,y,z 
_pdbx_struct_oper_list.matrix[1][1]         1.0000000000 
_pdbx_struct_oper_list.matrix[1][2]         0.0000000000 
_pdbx_struct_oper_list.matrix[1][3]         0.0000000000 
_pdbx_struct_oper_list.vector[1]            0.0000000000 
_pdbx_struct_oper_list.matrix[2][1]         0.0000000000 
_pdbx_struct_oper_list.matrix[2][2]         1.0000000000 
_pdbx_struct_oper_list.matrix[2][3]         0.0000000000 
_pdbx_struct_oper_list.vector[2]            0.0000000000 
_pdbx_struct_oper_list.matrix[3][1]         0.0000000000 
_pdbx_struct_oper_list.matrix[3][2]         0.0000000000 
_pdbx_struct_oper_list.matrix[3][3]         1.0000000000 
_pdbx_struct_oper_list.vector[3]            0.0000000000 
# 
loop_
_struct_conf.conf_type_id 
_struct_conf.id 
_struct_conf.pdbx_PDB_helix_id 
_struct_conf.beg_label_comp_id 
_struct_conf.beg_label_asym_id 
_struct_conf.beg_label_seq_id 
_struct_conf.pdbx_beg_PDB_ins_code 
_struct_conf.end_label_comp_id 
_struct_conf.end_label_asym_id 
_struct_conf.end_label_seq_id 
_struct_conf.pdbx_end_PDB_ins_code 
_struct_conf.beg_auth_comp_id 
_struct_conf.beg_auth_asym_id 
_struct_conf.beg_auth_seq_id 
_struct_conf.end_auth_comp_id 
_struct_conf.end_auth_asym_id 
_struct_conf.end_auth_seq_id 
_struct_conf.pdbx_PDB_helix_class 
_struct_conf.details 
_struct_conf.pdbx_PDB_helix_length 
HELX_P HELX_P1 1 SER A 30  ? LYS A 60  ? SER A 60  LYS A 90  1 ? 31 
HELX_P HELX_P2 2 ASP A 66  ? SER A 90  ? ASP A 96  SER A 120 1 ? 25 
HELX_P HELX_P3 3 ILE A 91  ? ARG A 96  ? ILE A 121 ARG A 126 1 ? 6  
HELX_P HELX_P4 4 ALA A 97  ? ALA A 100 ? ALA A 127 ALA A 130 5 ? 4  
HELX_P HELX_P5 5 SER A 101 ? ASN A 130 ? SER A 131 ASN A 160 1 ? 30 
HELX_P HELX_P6 6 LYS A 133 ? TYR A 143 ? LYS A 163 TYR A 173 1 ? 11 
HELX_P HELX_P7 7 ASN A 145 ? LEU A 164 ? ASN A 175 LEU A 194 1 ? 20 
# 
_struct_conf_type.id          HELX_P 
_struct_conf_type.criteria    ? 
_struct_conf_type.reference   ? 
# 
loop_
_struct_conn.id 
_struct_conn.conn_type_id 
_struct_conn.pdbx_leaving_atom_flag 
_struct_conn.pdbx_PDB_id 
_struct_conn.ptnr1_label_asym_id 
_struct_conn.ptnr1_label_comp_id 
_struct_conn.ptnr1_label_seq_id 
_struct_conn.ptnr1_label_atom_id 
_struct_conn.pdbx_ptnr1_label_alt_id 
_struct_conn.pdbx_ptnr1_PDB_ins_code 
_struct_conn.pdbx_ptnr1_standard_comp_id 
_struct_conn.ptnr1_symmetry 
_struct_conn.ptnr2_label_asym_id 
_struct_conn.ptnr2_label_comp_id 
_struct_conn.ptnr2_label_seq_id 
_struct_conn.ptnr2_label_atom_id 
_struct_conn.pdbx_ptnr2_label_alt_id 
_struct_conn.pdbx_ptnr2_PDB_ins_code 
_struct_conn.ptnr1_auth_asym_id 
_struct_conn.ptnr1_auth_comp_id 
_struct_conn.ptnr1_auth_seq_id 
_struct_conn.ptnr2_auth_asym_id 
_struct_conn.ptnr2_auth_comp_id 
_struct_conn.ptnr2_auth_seq_id 
_struct_conn.ptnr2_symmetry 
_struct_conn.pdbx_ptnr3_label_atom_id 
_struct_conn.pdbx_ptnr3_label_seq_id 
_struct_conn.pdbx_ptnr3_label_comp_id 
_struct_conn.pdbx_ptnr3_label_asym_id 
_struct_conn.pdbx_ptnr3_label_alt_id 
_struct_conn.pdbx_ptnr3_PDB_ins_code 
_struct_conn.details 
_struct_conn.pdbx_dist_value 
_struct_conn.pdbx_value_order 
_struct_conn.pdbx_role 
covale1 covale both ? A GLN 76 C ? ? ? 1_555 A MSE 77 N ? ? A GLN 106 A MSE 107 1_555 ? ? ? ? ? ? ? 1.322 ? ? 
covale2 covale both ? A MSE 77 C ? ? ? 1_555 A ILE 78 N ? ? A MSE 107 A ILE 108 1_555 ? ? ? ? ? ? ? 1.339 ? ? 
covale3 covale both ? A THR 80 C ? ? ? 1_555 A MSE 81 N ? ? A THR 110 A MSE 111 1_555 ? ? ? ? ? ? ? 1.336 ? ? 
covale4 covale both ? A MSE 81 C ? ? ? 1_555 A LYS 82 N ? ? A MSE 111 A LYS 112 1_555 ? ? ? ? ? ? ? 1.328 ? ? 
# 
_struct_conn_type.id          covale 
_struct_conn_type.criteria    ? 
_struct_conn_type.reference   ? 
# 
loop_
_pdbx_modification_feature.ordinal 
_pdbx_modification_feature.label_comp_id 
_pdbx_modification_feature.label_asym_id 
_pdbx_modification_feature.label_seq_id 
_pdbx_modification_feature.label_alt_id 
_pdbx_modification_feature.modified_residue_label_comp_id 
_pdbx_modification_feature.modified_residue_label_asym_id 
_pdbx_modification_feature.modified_residue_label_seq_id 
_pdbx_modification_feature.modified_residue_label_alt_id 
_pdbx_modification_feature.auth_comp_id 
_pdbx_modification_feature.auth_asym_id 
_pdbx_modification_feature.auth_seq_id 
_pdbx_modification_feature.PDB_ins_code 
_pdbx_modification_feature.symmetry 
_pdbx_modification_feature.modified_residue_auth_comp_id 
_pdbx_modification_feature.modified_residue_auth_asym_id 
_pdbx_modification_feature.modified_residue_auth_seq_id 
_pdbx_modification_feature.modified_residue_PDB_ins_code 
_pdbx_modification_feature.modified_residue_symmetry 
_pdbx_modification_feature.comp_id_linking_atom 
_pdbx_modification_feature.modified_residue_id_linking_atom 
_pdbx_modification_feature.modified_residue_id 
_pdbx_modification_feature.ref_pcm_id 
_pdbx_modification_feature.ref_comp_id 
_pdbx_modification_feature.type 
_pdbx_modification_feature.category 
1 MSE A 77 ? . . . . MSE A 107 ? 1_555 . . . . . . . MET 1 MSE Selenomethionine 'Named protein modification' 
2 MSE A 81 ? . . . . MSE A 111 ? 1_555 . . . . . . . MET 1 MSE Selenomethionine 'Named protein modification' 
# 
loop_
_struct_site.id 
_struct_site.pdbx_evidence_code 
_struct_site.pdbx_auth_asym_id 
_struct_site.pdbx_auth_comp_id 
_struct_site.pdbx_auth_seq_id 
_struct_site.pdbx_auth_ins_code 
_struct_site.pdbx_num_residues 
_struct_site.details 
AC1 Software A GOL 1203 ? 2 'BINDING SITE FOR RESIDUE GOL A 1203' 
AC2 Software A GOL 1204 ? 5 'BINDING SITE FOR RESIDUE GOL A 1204' 
# 
loop_
_struct_site_gen.id 
_struct_site_gen.site_id 
_struct_site_gen.pdbx_num_res 
_struct_site_gen.label_comp_id 
_struct_site_gen.label_asym_id 
_struct_site_gen.label_seq_id 
_struct_site_gen.pdbx_auth_ins_code 
_struct_site_gen.auth_comp_id 
_struct_site_gen.auth_asym_id 
_struct_site_gen.auth_seq_id 
_struct_site_gen.label_atom_id 
_struct_site_gen.label_alt_id 
_struct_site_gen.symmetry 
_struct_site_gen.details 
1 AC1 2 SER A 101 ? SER A 131 . ? 1_555 ? 
2 AC1 2 ALA A 102 ? ALA A 132 . ? 1_555 ? 
3 AC2 5 ASP A 40  ? ASP A 70  . ? 1_555 ? 
4 AC2 5 GLU A 43  ? GLU A 73  . ? 1_555 ? 
5 AC2 5 ARG A 83  ? ARG A 113 . ? 1_555 ? 
6 AC2 5 TYR A 84  ? TYR A 114 . ? 1_555 ? 
7 AC2 5 LYS A 133 ? LYS A 163 . ? 3_545 ? 
# 
_pdbx_entry_details.entry_id                   2XL4 
_pdbx_entry_details.compound_details           'ENGINEERED RESIDUE IN CHAIN A, SER 127 TO ALA' 
_pdbx_entry_details.source_details             ? 
_pdbx_entry_details.nonpolymer_details         ? 
_pdbx_entry_details.sequence_details           ? 
_pdbx_entry_details.has_ligand_of_interest     ? 
_pdbx_entry_details.has_protein_modification   Y 
# 
loop_
_pdbx_validate_rmsd_angle.id 
_pdbx_validate_rmsd_angle.PDB_model_num 
_pdbx_validate_rmsd_angle.auth_atom_id_1 
_pdbx_validate_rmsd_angle.auth_asym_id_1 
_pdbx_validate_rmsd_angle.auth_comp_id_1 
_pdbx_validate_rmsd_angle.auth_seq_id_1 
_pdbx_validate_rmsd_angle.PDB_ins_code_1 
_pdbx_validate_rmsd_angle.label_alt_id_1 
_pdbx_validate_rmsd_angle.auth_atom_id_2 
_pdbx_validate_rmsd_angle.auth_asym_id_2 
_pdbx_validate_rmsd_angle.auth_comp_id_2 
_pdbx_validate_rmsd_angle.auth_seq_id_2 
_pdbx_validate_rmsd_angle.PDB_ins_code_2 
_pdbx_validate_rmsd_angle.label_alt_id_2 
_pdbx_validate_rmsd_angle.auth_atom_id_3 
_pdbx_validate_rmsd_angle.auth_asym_id_3 
_pdbx_validate_rmsd_angle.auth_comp_id_3 
_pdbx_validate_rmsd_angle.auth_seq_id_3 
_pdbx_validate_rmsd_angle.PDB_ins_code_3 
_pdbx_validate_rmsd_angle.label_alt_id_3 
_pdbx_validate_rmsd_angle.angle_value 
_pdbx_validate_rmsd_angle.angle_target_value 
_pdbx_validate_rmsd_angle.angle_deviation 
_pdbx_validate_rmsd_angle.angle_standard_deviation 
_pdbx_validate_rmsd_angle.linker_flag 
1 1 CA A MSE 107 ? ? CB A MSE 107 ? ? CG A MSE 107 ? ? 101.98 113.30 -11.32 1.70 N 
2 1 CG A MSE 107 ? ? SE A MSE 107 ? ? CE A MSE 107 ? ? 80.29  98.90  -18.61 2.20 N 
# 
loop_
_pdbx_validate_torsion.id 
_pdbx_validate_torsion.PDB_model_num 
_pdbx_validate_torsion.auth_comp_id 
_pdbx_validate_torsion.auth_asym_id 
_pdbx_validate_torsion.auth_seq_id 
_pdbx_validate_torsion.PDB_ins_code 
_pdbx_validate_torsion.label_alt_id 
_pdbx_validate_torsion.phi 
_pdbx_validate_torsion.psi 
1 1 SER A 95  ? ? -116.07 54.39  
2 1 ARG A 126 ? ? -92.58  35.09  
3 1 SER A 131 ? ? -48.48  159.17 
# 
loop_
_pdbx_struct_mod_residue.id 
_pdbx_struct_mod_residue.label_asym_id 
_pdbx_struct_mod_residue.label_comp_id 
_pdbx_struct_mod_residue.label_seq_id 
_pdbx_struct_mod_residue.auth_asym_id 
_pdbx_struct_mod_residue.auth_comp_id 
_pdbx_struct_mod_residue.auth_seq_id 
_pdbx_struct_mod_residue.PDB_ins_code 
_pdbx_struct_mod_residue.parent_comp_id 
_pdbx_struct_mod_residue.details 
1 A MSE 77 A MSE 107 ? MET 'modified residue' 
2 A MSE 81 A MSE 111 ? MET 'modified residue' 
# 
loop_
_pdbx_unobs_or_zero_occ_residues.id 
_pdbx_unobs_or_zero_occ_residues.PDB_model_num 
_pdbx_unobs_or_zero_occ_residues.polymer_flag 
_pdbx_unobs_or_zero_occ_residues.occupancy_flag 
_pdbx_unobs_or_zero_occ_residues.auth_asym_id 
_pdbx_unobs_or_zero_occ_residues.auth_comp_id 
_pdbx_unobs_or_zero_occ_residues.auth_seq_id 
_pdbx_unobs_or_zero_occ_residues.PDB_ins_code 
_pdbx_unobs_or_zero_occ_residues.label_asym_id 
_pdbx_unobs_or_zero_occ_residues.label_comp_id 
_pdbx_unobs_or_zero_occ_residues.label_seq_id 
1  1 Y 1 A GLY 31  ? A GLY 1   
2  1 Y 1 A SER 32  ? A SER 2   
3  1 Y 1 A MSE 33  ? A MSE 3   
4  1 Y 1 A GLY 34  ? A GLY 4   
5  1 Y 1 A GLU 35  ? A GLU 5   
6  1 Y 1 A ASP 36  ? A ASP 6   
7  1 Y 1 A GLU 37  ? A GLU 7   
8  1 Y 1 A GLY 38  ? A GLY 8   
9  1 Y 1 A GLU 39  ? A GLU 9   
10 1 Y 1 A GLN 40  ? A GLN 10  
11 1 Y 1 A THR 41  ? A THR 11  
12 1 Y 1 A LYS 42  ? A LYS 12  
13 1 Y 1 A THR 43  ? A THR 13  
14 1 Y 1 A LYS 44  ? A LYS 14  
15 1 Y 1 A LYS 45  ? A LYS 15  
16 1 Y 1 A ASP 46  ? A ASP 16  
17 1 Y 1 A SER 47  ? A SER 17  
18 1 Y 1 A ASN 48  ? A ASN 18  
19 1 Y 1 A LYS 49  ? A LYS 19  
20 1 Y 1 A VAL 50  ? A VAL 20  
21 1 Y 1 A VAL 51  ? A VAL 21  
22 1 Y 1 A LYS 52  ? A LYS 22  
23 1 Y 1 A THR 53  ? A THR 23  
24 1 Y 1 A ALA 54  ? A ALA 24  
25 1 Y 1 A SER 55  ? A SER 25  
26 1 Y 1 A SER 203 ? A SER 173 
27 1 Y 1 A GLN 204 ? A GLN 174 
28 1 Y 1 A LYS 205 ? A LYS 175 
# 
loop_
_chem_comp_atom.comp_id 
_chem_comp_atom.atom_id 
_chem_comp_atom.type_symbol 
_chem_comp_atom.pdbx_aromatic_flag 
_chem_comp_atom.pdbx_stereo_config 
_chem_comp_atom.pdbx_ordinal 
ALA N    N  N N 1   
ALA CA   C  N S 2   
ALA C    C  N N 3   
ALA O    O  N N 4   
ALA CB   C  N N 5   
ALA OXT  O  N N 6   
ALA H    H  N N 7   
ALA H2   H  N N 8   
ALA HA   H  N N 9   
ALA HB1  H  N N 10  
ALA HB2  H  N N 11  
ALA HB3  H  N N 12  
ALA HXT  H  N N 13  
ARG N    N  N N 14  
ARG CA   C  N S 15  
ARG C    C  N N 16  
ARG O    O  N N 17  
ARG CB   C  N N 18  
ARG CG   C  N N 19  
ARG CD   C  N N 20  
ARG NE   N  N N 21  
ARG CZ   C  N N 22  
ARG NH1  N  N N 23  
ARG NH2  N  N N 24  
ARG OXT  O  N N 25  
ARG H    H  N N 26  
ARG H2   H  N N 27  
ARG HA   H  N N 28  
ARG HB2  H  N N 29  
ARG HB3  H  N N 30  
ARG HG2  H  N N 31  
ARG HG3  H  N N 32  
ARG HD2  H  N N 33  
ARG HD3  H  N N 34  
ARG HE   H  N N 35  
ARG HH11 H  N N 36  
ARG HH12 H  N N 37  
ARG HH21 H  N N 38  
ARG HH22 H  N N 39  
ARG HXT  H  N N 40  
ASN N    N  N N 41  
ASN CA   C  N S 42  
ASN C    C  N N 43  
ASN O    O  N N 44  
ASN CB   C  N N 45  
ASN CG   C  N N 46  
ASN OD1  O  N N 47  
ASN ND2  N  N N 48  
ASN OXT  O  N N 49  
ASN H    H  N N 50  
ASN H2   H  N N 51  
ASN HA   H  N N 52  
ASN HB2  H  N N 53  
ASN HB3  H  N N 54  
ASN HD21 H  N N 55  
ASN HD22 H  N N 56  
ASN HXT  H  N N 57  
ASP N    N  N N 58  
ASP CA   C  N S 59  
ASP C    C  N N 60  
ASP O    O  N N 61  
ASP CB   C  N N 62  
ASP CG   C  N N 63  
ASP OD1  O  N N 64  
ASP OD2  O  N N 65  
ASP OXT  O  N N 66  
ASP H    H  N N 67  
ASP H2   H  N N 68  
ASP HA   H  N N 69  
ASP HB2  H  N N 70  
ASP HB3  H  N N 71  
ASP HD2  H  N N 72  
ASP HXT  H  N N 73  
GLN N    N  N N 74  
GLN CA   C  N S 75  
GLN C    C  N N 76  
GLN O    O  N N 77  
GLN CB   C  N N 78  
GLN CG   C  N N 79  
GLN CD   C  N N 80  
GLN OE1  O  N N 81  
GLN NE2  N  N N 82  
GLN OXT  O  N N 83  
GLN H    H  N N 84  
GLN H2   H  N N 85  
GLN HA   H  N N 86  
GLN HB2  H  N N 87  
GLN HB3  H  N N 88  
GLN HG2  H  N N 89  
GLN HG3  H  N N 90  
GLN HE21 H  N N 91  
GLN HE22 H  N N 92  
GLN HXT  H  N N 93  
GLU N    N  N N 94  
GLU CA   C  N S 95  
GLU C    C  N N 96  
GLU O    O  N N 97  
GLU CB   C  N N 98  
GLU CG   C  N N 99  
GLU CD   C  N N 100 
GLU OE1  O  N N 101 
GLU OE2  O  N N 102 
GLU OXT  O  N N 103 
GLU H    H  N N 104 
GLU H2   H  N N 105 
GLU HA   H  N N 106 
GLU HB2  H  N N 107 
GLU HB3  H  N N 108 
GLU HG2  H  N N 109 
GLU HG3  H  N N 110 
GLU HE2  H  N N 111 
GLU HXT  H  N N 112 
GLY N    N  N N 113 
GLY CA   C  N N 114 
GLY C    C  N N 115 
GLY O    O  N N 116 
GLY OXT  O  N N 117 
GLY H    H  N N 118 
GLY H2   H  N N 119 
GLY HA2  H  N N 120 
GLY HA3  H  N N 121 
GLY HXT  H  N N 122 
GOL C1   C  N N 123 
GOL O1   O  N N 124 
GOL C2   C  N N 125 
GOL O2   O  N N 126 
GOL C3   C  N N 127 
GOL O3   O  N N 128 
GOL H11  H  N N 129 
GOL H12  H  N N 130 
GOL HO1  H  N N 131 
GOL H2   H  N N 132 
GOL HO2  H  N N 133 
GOL H31  H  N N 134 
GOL H32  H  N N 135 
GOL HO3  H  N N 136 
HOH O    O  N N 137 
HOH H1   H  N N 138 
HOH H2   H  N N 139 
ILE N    N  N N 140 
ILE CA   C  N S 141 
ILE C    C  N N 142 
ILE O    O  N N 143 
ILE CB   C  N S 144 
ILE CG1  C  N N 145 
ILE CG2  C  N N 146 
ILE CD1  C  N N 147 
ILE OXT  O  N N 148 
ILE H    H  N N 149 
ILE H2   H  N N 150 
ILE HA   H  N N 151 
ILE HB   H  N N 152 
ILE HG12 H  N N 153 
ILE HG13 H  N N 154 
ILE HG21 H  N N 155 
ILE HG22 H  N N 156 
ILE HG23 H  N N 157 
ILE HD11 H  N N 158 
ILE HD12 H  N N 159 
ILE HD13 H  N N 160 
ILE HXT  H  N N 161 
LEU N    N  N N 162 
LEU CA   C  N S 163 
LEU C    C  N N 164 
LEU O    O  N N 165 
LEU CB   C  N N 166 
LEU CG   C  N N 167 
LEU CD1  C  N N 168 
LEU CD2  C  N N 169 
LEU OXT  O  N N 170 
LEU H    H  N N 171 
LEU H2   H  N N 172 
LEU HA   H  N N 173 
LEU HB2  H  N N 174 
LEU HB3  H  N N 175 
LEU HG   H  N N 176 
LEU HD11 H  N N 177 
LEU HD12 H  N N 178 
LEU HD13 H  N N 179 
LEU HD21 H  N N 180 
LEU HD22 H  N N 181 
LEU HD23 H  N N 182 
LEU HXT  H  N N 183 
LYS N    N  N N 184 
LYS CA   C  N S 185 
LYS C    C  N N 186 
LYS O    O  N N 187 
LYS CB   C  N N 188 
LYS CG   C  N N 189 
LYS CD   C  N N 190 
LYS CE   C  N N 191 
LYS NZ   N  N N 192 
LYS OXT  O  N N 193 
LYS H    H  N N 194 
LYS H2   H  N N 195 
LYS HA   H  N N 196 
LYS HB2  H  N N 197 
LYS HB3  H  N N 198 
LYS HG2  H  N N 199 
LYS HG3  H  N N 200 
LYS HD2  H  N N 201 
LYS HD3  H  N N 202 
LYS HE2  H  N N 203 
LYS HE3  H  N N 204 
LYS HZ1  H  N N 205 
LYS HZ2  H  N N 206 
LYS HZ3  H  N N 207 
LYS HXT  H  N N 208 
MSE N    N  N N 209 
MSE CA   C  N S 210 
MSE C    C  N N 211 
MSE O    O  N N 212 
MSE OXT  O  N N 213 
MSE CB   C  N N 214 
MSE CG   C  N N 215 
MSE SE   SE N N 216 
MSE CE   C  N N 217 
MSE H    H  N N 218 
MSE H2   H  N N 219 
MSE HA   H  N N 220 
MSE HXT  H  N N 221 
MSE HB2  H  N N 222 
MSE HB3  H  N N 223 
MSE HG2  H  N N 224 
MSE HG3  H  N N 225 
MSE HE1  H  N N 226 
MSE HE2  H  N N 227 
MSE HE3  H  N N 228 
PHE N    N  N N 229 
PHE CA   C  N S 230 
PHE C    C  N N 231 
PHE O    O  N N 232 
PHE CB   C  N N 233 
PHE CG   C  Y N 234 
PHE CD1  C  Y N 235 
PHE CD2  C  Y N 236 
PHE CE1  C  Y N 237 
PHE CE2  C  Y N 238 
PHE CZ   C  Y N 239 
PHE OXT  O  N N 240 
PHE H    H  N N 241 
PHE H2   H  N N 242 
PHE HA   H  N N 243 
PHE HB2  H  N N 244 
PHE HB3  H  N N 245 
PHE HD1  H  N N 246 
PHE HD2  H  N N 247 
PHE HE1  H  N N 248 
PHE HE2  H  N N 249 
PHE HZ   H  N N 250 
PHE HXT  H  N N 251 
PRO N    N  N N 252 
PRO CA   C  N S 253 
PRO C    C  N N 254 
PRO O    O  N N 255 
PRO CB   C  N N 256 
PRO CG   C  N N 257 
PRO CD   C  N N 258 
PRO OXT  O  N N 259 
PRO H    H  N N 260 
PRO HA   H  N N 261 
PRO HB2  H  N N 262 
PRO HB3  H  N N 263 
PRO HG2  H  N N 264 
PRO HG3  H  N N 265 
PRO HD2  H  N N 266 
PRO HD3  H  N N 267 
PRO HXT  H  N N 268 
SER N    N  N N 269 
SER CA   C  N S 270 
SER C    C  N N 271 
SER O    O  N N 272 
SER CB   C  N N 273 
SER OG   O  N N 274 
SER OXT  O  N N 275 
SER H    H  N N 276 
SER H2   H  N N 277 
SER HA   H  N N 278 
SER HB2  H  N N 279 
SER HB3  H  N N 280 
SER HG   H  N N 281 
SER HXT  H  N N 282 
THR N    N  N N 283 
THR CA   C  N S 284 
THR C    C  N N 285 
THR O    O  N N 286 
THR CB   C  N R 287 
THR OG1  O  N N 288 
THR CG2  C  N N 289 
THR OXT  O  N N 290 
THR H    H  N N 291 
THR H2   H  N N 292 
THR HA   H  N N 293 
THR HB   H  N N 294 
THR HG1  H  N N 295 
THR HG21 H  N N 296 
THR HG22 H  N N 297 
THR HG23 H  N N 298 
THR HXT  H  N N 299 
TRP N    N  N N 300 
TRP CA   C  N S 301 
TRP C    C  N N 302 
TRP O    O  N N 303 
TRP CB   C  N N 304 
TRP CG   C  Y N 305 
TRP CD1  C  Y N 306 
TRP CD2  C  Y N 307 
TRP NE1  N  Y N 308 
TRP CE2  C  Y N 309 
TRP CE3  C  Y N 310 
TRP CZ2  C  Y N 311 
TRP CZ3  C  Y N 312 
TRP CH2  C  Y N 313 
TRP OXT  O  N N 314 
TRP H    H  N N 315 
TRP H2   H  N N 316 
TRP HA   H  N N 317 
TRP HB2  H  N N 318 
TRP HB3  H  N N 319 
TRP HD1  H  N N 320 
TRP HE1  H  N N 321 
TRP HE3  H  N N 322 
TRP HZ2  H  N N 323 
TRP HZ3  H  N N 324 
TRP HH2  H  N N 325 
TRP HXT  H  N N 326 
TYR N    N  N N 327 
TYR CA   C  N S 328 
TYR C    C  N N 329 
TYR O    O  N N 330 
TYR CB   C  N N 331 
TYR CG   C  Y N 332 
TYR CD1  C  Y N 333 
TYR CD2  C  Y N 334 
TYR CE1  C  Y N 335 
TYR CE2  C  Y N 336 
TYR CZ   C  Y N 337 
TYR OH   O  N N 338 
TYR OXT  O  N N 339 
TYR H    H  N N 340 
TYR H2   H  N N 341 
TYR HA   H  N N 342 
TYR HB2  H  N N 343 
TYR HB3  H  N N 344 
TYR HD1  H  N N 345 
TYR HD2  H  N N 346 
TYR HE1  H  N N 347 
TYR HE2  H  N N 348 
TYR HH   H  N N 349 
TYR HXT  H  N N 350 
VAL N    N  N N 351 
VAL CA   C  N S 352 
VAL C    C  N N 353 
VAL O    O  N N 354 
VAL CB   C  N N 355 
VAL CG1  C  N N 356 
VAL CG2  C  N N 357 
VAL OXT  O  N N 358 
VAL H    H  N N 359 
VAL H2   H  N N 360 
VAL HA   H  N N 361 
VAL HB   H  N N 362 
VAL HG11 H  N N 363 
VAL HG12 H  N N 364 
VAL HG13 H  N N 365 
VAL HG21 H  N N 366 
VAL HG22 H  N N 367 
VAL HG23 H  N N 368 
VAL HXT  H  N N 369 
# 
loop_
_chem_comp_bond.comp_id 
_chem_comp_bond.atom_id_1 
_chem_comp_bond.atom_id_2 
_chem_comp_bond.value_order 
_chem_comp_bond.pdbx_aromatic_flag 
_chem_comp_bond.pdbx_stereo_config 
_chem_comp_bond.pdbx_ordinal 
ALA N   CA   sing N N 1   
ALA N   H    sing N N 2   
ALA N   H2   sing N N 3   
ALA CA  C    sing N N 4   
ALA CA  CB   sing N N 5   
ALA CA  HA   sing N N 6   
ALA C   O    doub N N 7   
ALA C   OXT  sing N N 8   
ALA CB  HB1  sing N N 9   
ALA CB  HB2  sing N N 10  
ALA CB  HB3  sing N N 11  
ALA OXT HXT  sing N N 12  
ARG N   CA   sing N N 13  
ARG N   H    sing N N 14  
ARG N   H2   sing N N 15  
ARG CA  C    sing N N 16  
ARG CA  CB   sing N N 17  
ARG CA  HA   sing N N 18  
ARG C   O    doub N N 19  
ARG C   OXT  sing N N 20  
ARG CB  CG   sing N N 21  
ARG CB  HB2  sing N N 22  
ARG CB  HB3  sing N N 23  
ARG CG  CD   sing N N 24  
ARG CG  HG2  sing N N 25  
ARG CG  HG3  sing N N 26  
ARG CD  NE   sing N N 27  
ARG CD  HD2  sing N N 28  
ARG CD  HD3  sing N N 29  
ARG NE  CZ   sing N N 30  
ARG NE  HE   sing N N 31  
ARG CZ  NH1  sing N N 32  
ARG CZ  NH2  doub N N 33  
ARG NH1 HH11 sing N N 34  
ARG NH1 HH12 sing N N 35  
ARG NH2 HH21 sing N N 36  
ARG NH2 HH22 sing N N 37  
ARG OXT HXT  sing N N 38  
ASN N   CA   sing N N 39  
ASN N   H    sing N N 40  
ASN N   H2   sing N N 41  
ASN CA  C    sing N N 42  
ASN CA  CB   sing N N 43  
ASN CA  HA   sing N N 44  
ASN C   O    doub N N 45  
ASN C   OXT  sing N N 46  
ASN CB  CG   sing N N 47  
ASN CB  HB2  sing N N 48  
ASN CB  HB3  sing N N 49  
ASN CG  OD1  doub N N 50  
ASN CG  ND2  sing N N 51  
ASN ND2 HD21 sing N N 52  
ASN ND2 HD22 sing N N 53  
ASN OXT HXT  sing N N 54  
ASP N   CA   sing N N 55  
ASP N   H    sing N N 56  
ASP N   H2   sing N N 57  
ASP CA  C    sing N N 58  
ASP CA  CB   sing N N 59  
ASP CA  HA   sing N N 60  
ASP C   O    doub N N 61  
ASP C   OXT  sing N N 62  
ASP CB  CG   sing N N 63  
ASP CB  HB2  sing N N 64  
ASP CB  HB3  sing N N 65  
ASP CG  OD1  doub N N 66  
ASP CG  OD2  sing N N 67  
ASP OD2 HD2  sing N N 68  
ASP OXT HXT  sing N N 69  
GLN N   CA   sing N N 70  
GLN N   H    sing N N 71  
GLN N   H2   sing N N 72  
GLN CA  C    sing N N 73  
GLN CA  CB   sing N N 74  
GLN CA  HA   sing N N 75  
GLN C   O    doub N N 76  
GLN C   OXT  sing N N 77  
GLN CB  CG   sing N N 78  
GLN CB  HB2  sing N N 79  
GLN CB  HB3  sing N N 80  
GLN CG  CD   sing N N 81  
GLN CG  HG2  sing N N 82  
GLN CG  HG3  sing N N 83  
GLN CD  OE1  doub N N 84  
GLN CD  NE2  sing N N 85  
GLN NE2 HE21 sing N N 86  
GLN NE2 HE22 sing N N 87  
GLN OXT HXT  sing N N 88  
GLU N   CA   sing N N 89  
GLU N   H    sing N N 90  
GLU N   H2   sing N N 91  
GLU CA  C    sing N N 92  
GLU CA  CB   sing N N 93  
GLU CA  HA   sing N N 94  
GLU C   O    doub N N 95  
GLU C   OXT  sing N N 96  
GLU CB  CG   sing N N 97  
GLU CB  HB2  sing N N 98  
GLU CB  HB3  sing N N 99  
GLU CG  CD   sing N N 100 
GLU CG  HG2  sing N N 101 
GLU CG  HG3  sing N N 102 
GLU CD  OE1  doub N N 103 
GLU CD  OE2  sing N N 104 
GLU OE2 HE2  sing N N 105 
GLU OXT HXT  sing N N 106 
GLY N   CA   sing N N 107 
GLY N   H    sing N N 108 
GLY N   H2   sing N N 109 
GLY CA  C    sing N N 110 
GLY CA  HA2  sing N N 111 
GLY CA  HA3  sing N N 112 
GLY C   O    doub N N 113 
GLY C   OXT  sing N N 114 
GLY OXT HXT  sing N N 115 
GOL C1  O1   sing N N 116 
GOL C1  C2   sing N N 117 
GOL C1  H11  sing N N 118 
GOL C1  H12  sing N N 119 
GOL O1  HO1  sing N N 120 
GOL C2  O2   sing N N 121 
GOL C2  C3   sing N N 122 
GOL C2  H2   sing N N 123 
GOL O2  HO2  sing N N 124 
GOL C3  O3   sing N N 125 
GOL C3  H31  sing N N 126 
GOL C3  H32  sing N N 127 
GOL O3  HO3  sing N N 128 
HOH O   H1   sing N N 129 
HOH O   H2   sing N N 130 
ILE N   CA   sing N N 131 
ILE N   H    sing N N 132 
ILE N   H2   sing N N 133 
ILE CA  C    sing N N 134 
ILE CA  CB   sing N N 135 
ILE CA  HA   sing N N 136 
ILE C   O    doub N N 137 
ILE C   OXT  sing N N 138 
ILE CB  CG1  sing N N 139 
ILE CB  CG2  sing N N 140 
ILE CB  HB   sing N N 141 
ILE CG1 CD1  sing N N 142 
ILE CG1 HG12 sing N N 143 
ILE CG1 HG13 sing N N 144 
ILE CG2 HG21 sing N N 145 
ILE CG2 HG22 sing N N 146 
ILE CG2 HG23 sing N N 147 
ILE CD1 HD11 sing N N 148 
ILE CD1 HD12 sing N N 149 
ILE CD1 HD13 sing N N 150 
ILE OXT HXT  sing N N 151 
LEU N   CA   sing N N 152 
LEU N   H    sing N N 153 
LEU N   H2   sing N N 154 
LEU CA  C    sing N N 155 
LEU CA  CB   sing N N 156 
LEU CA  HA   sing N N 157 
LEU C   O    doub N N 158 
LEU C   OXT  sing N N 159 
LEU CB  CG   sing N N 160 
LEU CB  HB2  sing N N 161 
LEU CB  HB3  sing N N 162 
LEU CG  CD1  sing N N 163 
LEU CG  CD2  sing N N 164 
LEU CG  HG   sing N N 165 
LEU CD1 HD11 sing N N 166 
LEU CD1 HD12 sing N N 167 
LEU CD1 HD13 sing N N 168 
LEU CD2 HD21 sing N N 169 
LEU CD2 HD22 sing N N 170 
LEU CD2 HD23 sing N N 171 
LEU OXT HXT  sing N N 172 
LYS N   CA   sing N N 173 
LYS N   H    sing N N 174 
LYS N   H2   sing N N 175 
LYS CA  C    sing N N 176 
LYS CA  CB   sing N N 177 
LYS CA  HA   sing N N 178 
LYS C   O    doub N N 179 
LYS C   OXT  sing N N 180 
LYS CB  CG   sing N N 181 
LYS CB  HB2  sing N N 182 
LYS CB  HB3  sing N N 183 
LYS CG  CD   sing N N 184 
LYS CG  HG2  sing N N 185 
LYS CG  HG3  sing N N 186 
LYS CD  CE   sing N N 187 
LYS CD  HD2  sing N N 188 
LYS CD  HD3  sing N N 189 
LYS CE  NZ   sing N N 190 
LYS CE  HE2  sing N N 191 
LYS CE  HE3  sing N N 192 
LYS NZ  HZ1  sing N N 193 
LYS NZ  HZ2  sing N N 194 
LYS NZ  HZ3  sing N N 195 
LYS OXT HXT  sing N N 196 
MSE N   CA   sing N N 197 
MSE N   H    sing N N 198 
MSE N   H2   sing N N 199 
MSE CA  C    sing N N 200 
MSE CA  CB   sing N N 201 
MSE CA  HA   sing N N 202 
MSE C   O    doub N N 203 
MSE C   OXT  sing N N 204 
MSE OXT HXT  sing N N 205 
MSE CB  CG   sing N N 206 
MSE CB  HB2  sing N N 207 
MSE CB  HB3  sing N N 208 
MSE CG  SE   sing N N 209 
MSE CG  HG2  sing N N 210 
MSE CG  HG3  sing N N 211 
MSE SE  CE   sing N N 212 
MSE CE  HE1  sing N N 213 
MSE CE  HE2  sing N N 214 
MSE CE  HE3  sing N N 215 
PHE N   CA   sing N N 216 
PHE N   H    sing N N 217 
PHE N   H2   sing N N 218 
PHE CA  C    sing N N 219 
PHE CA  CB   sing N N 220 
PHE CA  HA   sing N N 221 
PHE C   O    doub N N 222 
PHE C   OXT  sing N N 223 
PHE CB  CG   sing N N 224 
PHE CB  HB2  sing N N 225 
PHE CB  HB3  sing N N 226 
PHE CG  CD1  doub Y N 227 
PHE CG  CD2  sing Y N 228 
PHE CD1 CE1  sing Y N 229 
PHE CD1 HD1  sing N N 230 
PHE CD2 CE2  doub Y N 231 
PHE CD2 HD2  sing N N 232 
PHE CE1 CZ   doub Y N 233 
PHE CE1 HE1  sing N N 234 
PHE CE2 CZ   sing Y N 235 
PHE CE2 HE2  sing N N 236 
PHE CZ  HZ   sing N N 237 
PHE OXT HXT  sing N N 238 
PRO N   CA   sing N N 239 
PRO N   CD   sing N N 240 
PRO N   H    sing N N 241 
PRO CA  C    sing N N 242 
PRO CA  CB   sing N N 243 
PRO CA  HA   sing N N 244 
PRO C   O    doub N N 245 
PRO C   OXT  sing N N 246 
PRO CB  CG   sing N N 247 
PRO CB  HB2  sing N N 248 
PRO CB  HB3  sing N N 249 
PRO CG  CD   sing N N 250 
PRO CG  HG2  sing N N 251 
PRO CG  HG3  sing N N 252 
PRO CD  HD2  sing N N 253 
PRO CD  HD3  sing N N 254 
PRO OXT HXT  sing N N 255 
SER N   CA   sing N N 256 
SER N   H    sing N N 257 
SER N   H2   sing N N 258 
SER CA  C    sing N N 259 
SER CA  CB   sing N N 260 
SER CA  HA   sing N N 261 
SER C   O    doub N N 262 
SER C   OXT  sing N N 263 
SER CB  OG   sing N N 264 
SER CB  HB2  sing N N 265 
SER CB  HB3  sing N N 266 
SER OG  HG   sing N N 267 
SER OXT HXT  sing N N 268 
THR N   CA   sing N N 269 
THR N   H    sing N N 270 
THR N   H2   sing N N 271 
THR CA  C    sing N N 272 
THR CA  CB   sing N N 273 
THR CA  HA   sing N N 274 
THR C   O    doub N N 275 
THR C   OXT  sing N N 276 
THR CB  OG1  sing N N 277 
THR CB  CG2  sing N N 278 
THR CB  HB   sing N N 279 
THR OG1 HG1  sing N N 280 
THR CG2 HG21 sing N N 281 
THR CG2 HG22 sing N N 282 
THR CG2 HG23 sing N N 283 
THR OXT HXT  sing N N 284 
TRP N   CA   sing N N 285 
TRP N   H    sing N N 286 
TRP N   H2   sing N N 287 
TRP CA  C    sing N N 288 
TRP CA  CB   sing N N 289 
TRP CA  HA   sing N N 290 
TRP C   O    doub N N 291 
TRP C   OXT  sing N N 292 
TRP CB  CG   sing N N 293 
TRP CB  HB2  sing N N 294 
TRP CB  HB3  sing N N 295 
TRP CG  CD1  doub Y N 296 
TRP CG  CD2  sing Y N 297 
TRP CD1 NE1  sing Y N 298 
TRP CD1 HD1  sing N N 299 
TRP CD2 CE2  doub Y N 300 
TRP CD2 CE3  sing Y N 301 
TRP NE1 CE2  sing Y N 302 
TRP NE1 HE1  sing N N 303 
TRP CE2 CZ2  sing Y N 304 
TRP CE3 CZ3  doub Y N 305 
TRP CE3 HE3  sing N N 306 
TRP CZ2 CH2  doub Y N 307 
TRP CZ2 HZ2  sing N N 308 
TRP CZ3 CH2  sing Y N 309 
TRP CZ3 HZ3  sing N N 310 
TRP CH2 HH2  sing N N 311 
TRP OXT HXT  sing N N 312 
TYR N   CA   sing N N 313 
TYR N   H    sing N N 314 
TYR N   H2   sing N N 315 
TYR CA  C    sing N N 316 
TYR CA  CB   sing N N 317 
TYR CA  HA   sing N N 318 
TYR C   O    doub N N 319 
TYR C   OXT  sing N N 320 
TYR CB  CG   sing N N 321 
TYR CB  HB2  sing N N 322 
TYR CB  HB3  sing N N 323 
TYR CG  CD1  doub Y N 324 
TYR CG  CD2  sing Y N 325 
TYR CD1 CE1  sing Y N 326 
TYR CD1 HD1  sing N N 327 
TYR CD2 CE2  doub Y N 328 
TYR CD2 HD2  sing N N 329 
TYR CE1 CZ   doub Y N 330 
TYR CE1 HE1  sing N N 331 
TYR CE2 CZ   sing Y N 332 
TYR CE2 HE2  sing N N 333 
TYR CZ  OH   sing N N 334 
TYR OH  HH   sing N N 335 
TYR OXT HXT  sing N N 336 
VAL N   CA   sing N N 337 
VAL N   H    sing N N 338 
VAL N   H2   sing N N 339 
VAL CA  C    sing N N 340 
VAL CA  CB   sing N N 341 
VAL CA  HA   sing N N 342 
VAL C   O    doub N N 343 
VAL C   OXT  sing N N 344 
VAL CB  CG1  sing N N 345 
VAL CB  CG2  sing N N 346 
VAL CB  HB   sing N N 347 
VAL CG1 HG11 sing N N 348 
VAL CG1 HG12 sing N N 349 
VAL CG1 HG13 sing N N 350 
VAL CG2 HG21 sing N N 351 
VAL CG2 HG22 sing N N 352 
VAL CG2 HG23 sing N N 353 
VAL OXT HXT  sing N N 354 
# 
_atom_sites.entry_id                    2XL4 
_atom_sites.fract_transf_matrix[1][1]   -0.01944132 
_atom_sites.fract_transf_matrix[1][2]   0.00132095 
_atom_sites.fract_transf_matrix[1][3]   -0.00505840 
_atom_sites.fract_transf_matrix[2][1]   0.00348883 
_atom_sites.fract_transf_matrix[2][2]   0.01778509 
_atom_sites.fract_transf_matrix[2][3]   -0.00876447 
_atom_sites.fract_transf_matrix[3][1]   0.00136390 
_atom_sites.fract_transf_matrix[3][2]   -0.00327183 
_atom_sites.fract_transf_matrix[3][3]   -0.00609636 
_atom_sites.fract_transf_vector[1]      0.485535 
_atom_sites.fract_transf_vector[2]      0.062073 
_atom_sites.fract_transf_vector[3]      0.050464 
# 
loop_
_atom_type.symbol 
C  
N  
O  
SE 
# 
loop_
_atom_site.group_PDB 
_atom_site.id 
_atom_site.type_symbol 
_atom_site.label_atom_id 
_atom_site.label_alt_id 
_atom_site.label_comp_id 
_atom_site.label_asym_id 
_atom_site.label_entity_id 
_atom_site.label_seq_id 
_atom_site.pdbx_PDB_ins_code 
_atom_site.Cartn_x 
_atom_site.Cartn_y 
_atom_site.Cartn_z 
_atom_site.occupancy 
_atom_site.B_iso_or_equiv 
_atom_site.pdbx_formal_charge 
_atom_site.auth_seq_id 
_atom_site.auth_comp_id 
_atom_site.auth_asym_id 
_atom_site.auth_atom_id 
_atom_site.pdbx_PDB_model_num 
ATOM   1    N  N   . ARG A 1 26  ? 18.692  -2.819  -22.386 1.00 56.55 ? 56   ARG A N   1 
ATOM   2    C  CA  . ARG A 1 26  ? 17.725  -1.692  -22.269 1.00 56.92 ? 56   ARG A CA  1 
ATOM   3    C  C   . ARG A 1 26  ? 16.451  -2.066  -21.423 1.00 56.45 ? 56   ARG A C   1 
ATOM   4    O  O   . ARG A 1 26  ? 15.522  -2.684  -21.957 1.00 56.55 ? 56   ARG A O   1 
ATOM   5    C  CB  . ARG A 1 26  ? 17.345  -1.197  -23.682 1.00 57.10 ? 56   ARG A CB  1 
ATOM   6    C  CG  . ARG A 1 26  ? 17.511  -2.245  -24.827 1.00 57.33 ? 56   ARG A CG  1 
ATOM   7    C  CD  . ARG A 1 26  ? 18.653  -1.867  -25.785 1.00 59.24 ? 56   ARG A CD  1 
ATOM   8    N  NE  . ARG A 1 26  ? 19.906  -2.574  -25.533 1.00 60.77 ? 56   ARG A NE  1 
ATOM   9    C  CZ  . ARG A 1 26  ? 21.121  -2.128  -25.883 1.00 62.58 ? 56   ARG A CZ  1 
ATOM   10   N  NH1 . ARG A 1 26  ? 21.277  -0.952  -26.502 1.00 61.92 ? 56   ARG A NH1 1 
ATOM   11   N  NH2 . ARG A 1 26  ? 22.200  -2.863  -25.608 1.00 59.85 ? 56   ARG A NH2 1 
ATOM   12   N  N   . PRO A 1 27  ? 16.414  -1.706  -20.107 1.00 55.62 ? 57   PRO A N   1 
ATOM   13   C  CA  . PRO A 1 27  ? 15.294  -2.135  -19.207 1.00 53.85 ? 57   PRO A CA  1 
ATOM   14   C  C   . PRO A 1 27  ? 13.913  -1.487  -19.484 1.00 52.24 ? 57   PRO A C   1 
ATOM   15   O  O   . PRO A 1 27  ? 13.755  -0.258  -19.459 1.00 51.29 ? 57   PRO A O   1 
ATOM   16   C  CB  . PRO A 1 27  ? 15.785  -1.748  -17.807 1.00 53.84 ? 57   PRO A CB  1 
ATOM   17   C  CG  . PRO A 1 27  ? 17.248  -1.587  -17.934 1.00 55.47 ? 57   PRO A CG  1 
ATOM   18   C  CD  . PRO A 1 27  ? 17.496  -1.059  -19.327 1.00 55.77 ? 57   PRO A CD  1 
ATOM   19   N  N   . LYS A 1 28  ? 12.919  -2.340  -19.740 1.00 50.84 ? 58   LYS A N   1 
ATOM   20   C  CA  . LYS A 1 28  ? 11.552  -1.900  -20.033 1.00 49.24 ? 58   LYS A CA  1 
ATOM   21   C  C   . LYS A 1 28  ? 10.586  -2.835  -19.345 1.00 47.96 ? 58   LYS A C   1 
ATOM   22   O  O   . LYS A 1 28  ? 10.878  -4.026  -19.156 1.00 47.94 ? 58   LYS A O   1 
ATOM   23   C  CB  . LYS A 1 28  ? 11.279  -1.925  -21.539 1.00 49.04 ? 58   LYS A CB  1 
ATOM   24   C  CG  . LYS A 1 28  ? 10.150  -1.067  -21.986 1.00 48.78 ? 58   LYS A CG  1 
ATOM   25   C  CD  . LYS A 1 28  ? 9.297   -1.869  -22.983 1.00 53.67 ? 58   LYS A CD  1 
ATOM   26   C  CE  . LYS A 1 28  ? 8.268   -0.998  -23.694 1.00 54.31 ? 58   LYS A CE  1 
ATOM   27   N  NZ  . LYS A 1 28  ? 8.943   -0.269  -24.789 1.00 55.56 ? 58   LYS A NZ  1 
ATOM   28   N  N   . LEU A 1 29  ? 9.434   -2.286  -18.992 1.00 45.90 ? 59   LEU A N   1 
ATOM   29   C  CA  . LEU A 1 29  ? 8.348   -3.051  -18.425 1.00 44.73 ? 59   LEU A CA  1 
ATOM   30   C  C   . LEU A 1 29  ? 7.683   -3.953  -19.464 1.00 43.72 ? 59   LEU A C   1 
ATOM   31   O  O   . LEU A 1 29  ? 6.940   -3.456  -20.287 1.00 44.30 ? 59   LEU A O   1 
ATOM   32   C  CB  . LEU A 1 29  ? 7.314   -2.083  -17.839 1.00 43.98 ? 59   LEU A CB  1 
ATOM   33   C  CG  . LEU A 1 29  ? 7.688   -1.524  -16.462 1.00 42.10 ? 59   LEU A CG  1 
ATOM   34   C  CD1 . LEU A 1 29  ? 6.704   -0.466  -16.117 1.00 37.58 ? 59   LEU A CD1 1 
ATOM   35   C  CD2 . LEU A 1 29  ? 7.735   -2.618  -15.402 1.00 37.17 ? 59   LEU A CD2 1 
ATOM   36   N  N   . SER A 1 30  ? 7.945   -5.259  -19.429 1.00 42.32 ? 60   SER A N   1 
ATOM   37   C  CA  . SER A 1 30  ? 7.245   -6.202  -20.347 1.00 41.54 ? 60   SER A CA  1 
ATOM   38   C  C   . SER A 1 30  ? 5.716   -6.286  -20.093 1.00 41.36 ? 60   SER A C   1 
ATOM   39   O  O   . SER A 1 30  ? 5.211   -5.950  -19.012 1.00 42.24 ? 60   SER A O   1 
ATOM   40   C  CB  . SER A 1 30  ? 7.854   -7.616  -20.276 1.00 40.77 ? 60   SER A CB  1 
ATOM   41   O  OG  . SER A 1 30  ? 7.543   -8.244  -19.043 1.00 40.77 ? 60   SER A OG  1 
ATOM   42   N  N   . THR A 1 31  ? 4.993   -6.762  -21.092 1.00 39.74 ? 61   THR A N   1 
ATOM   43   C  CA  . THR A 1 31  ? 3.595   -7.067  -20.948 1.00 38.09 ? 61   THR A CA  1 
ATOM   44   C  C   . THR A 1 31  ? 3.319   -7.894  -19.697 1.00 36.09 ? 61   THR A C   1 
ATOM   45   O  O   . THR A 1 31  ? 2.404   -7.568  -18.946 1.00 35.95 ? 61   THR A O   1 
ATOM   46   C  CB  . THR A 1 31  ? 3.087   -7.815  -22.204 1.00 38.53 ? 61   THR A CB  1 
ATOM   47   O  OG1 . THR A 1 31  ? 3.047   -6.891  -23.298 1.00 43.13 ? 61   THR A OG1 1 
ATOM   48   C  CG2 . THR A 1 31  ? 1.715   -8.267  -21.994 1.00 37.02 ? 61   THR A CG2 1 
ATOM   49   N  N   . LYS A 1 32  ? 4.098   -8.955  -19.491 1.00 33.43 ? 62   LYS A N   1 
ATOM   50   C  CA  . LYS A 1 32  ? 3.975   -9.764  -18.305 1.00 32.50 ? 62   LYS A CA  1 
ATOM   51   C  C   . LYS A 1 32  ? 4.098   -8.894  -17.022 1.00 32.05 ? 62   LYS A C   1 
ATOM   52   O  O   . LYS A 1 32  ? 3.393   -9.110  -16.051 1.00 32.49 ? 62   LYS A O   1 
ATOM   53   C  CB  . LYS A 1 32  ? 5.012   -10.919 -18.295 1.00 31.80 ? 62   LYS A CB  1 
ATOM   54   C  CG  . LYS A 1 32  ? 4.701   -11.975 -17.207 1.00 29.98 ? 62   LYS A CG  1 
ATOM   55   C  CD  . LYS A 1 32  ? 5.592   -13.230 -17.251 1.00 29.28 ? 62   LYS A CD  1 
ATOM   56   C  CE  . LYS A 1 32  ? 6.480   -13.344 -16.004 1.00 28.17 ? 62   LYS A CE  1 
ATOM   57   N  NZ  . LYS A 1 32  ? 7.397   -12.248 -15.975 1.00 31.24 ? 62   LYS A NZ  1 
ATOM   58   N  N   . ASP A 1 33  ? 4.984   -7.902  -17.055 1.00 31.81 ? 63   ASP A N   1 
ATOM   59   C  CA  . ASP A 1 33  ? 5.285   -7.082  -15.900 1.00 31.42 ? 63   ASP A CA  1 
ATOM   60   C  C   . ASP A 1 33  ? 4.086   -6.218  -15.624 1.00 31.59 ? 63   ASP A C   1 
ATOM   61   O  O   . ASP A 1 33  ? 3.777   -5.924  -14.455 1.00 33.15 ? 63   ASP A O   1 
ATOM   62   C  CB  . ASP A 1 33  ? 6.433   -6.101  -16.211 1.00 30.35 ? 63   ASP A CB  1 
ATOM   63   C  CG  . ASP A 1 33  ? 7.766   -6.767  -16.338 1.00 29.97 ? 63   ASP A CG  1 
ATOM   64   O  OD1 . ASP A 1 33  ? 7.930   -7.903  -15.866 1.00 25.91 ? 63   ASP A OD1 1 
ATOM   65   O  OD2 . ASP A 1 33  ? 8.670   -6.111  -16.901 1.00 29.14 ? 63   ASP A OD2 1 
ATOM   66   N  N   . LEU A 1 34  ? 3.466   -5.738  -16.702 1.00 31.05 ? 64   LEU A N   1 
ATOM   67   C  CA  . LEU A 1 34  ? 2.289   -4.892  -16.595 1.00 30.27 ? 64   LEU A CA  1 
ATOM   68   C  C   . LEU A 1 34  ? 1.143   -5.720  -16.016 1.00 29.85 ? 64   LEU A C   1 
ATOM   69   O  O   . LEU A 1 34  ? 0.347   -5.232  -15.174 1.00 29.38 ? 64   LEU A O   1 
ATOM   70   C  CB  . LEU A 1 34  ? 1.903   -4.382  -17.963 1.00 30.20 ? 64   LEU A CB  1 
ATOM   71   C  CG  . LEU A 1 34  ? 2.468   -3.034  -18.372 1.00 32.61 ? 64   LEU A CG  1 
ATOM   72   C  CD1 . LEU A 1 34  ? 3.772   -2.780  -17.670 1.00 33.03 ? 64   LEU A CD1 1 
ATOM   73   C  CD2 . LEU A 1 34  ? 2.518   -2.827  -19.930 1.00 27.96 ? 64   LEU A CD2 1 
ATOM   74   N  N   . ALA A 1 35  ? 1.044   -6.963  -16.494 1.00 28.37 ? 65   ALA A N   1 
ATOM   75   C  CA  . ALA A 1 35  ? 0.009   -7.859  -16.008 1.00 28.20 ? 65   ALA A CA  1 
ATOM   76   C  C   . ALA A 1 35  ? 0.214   -8.116  -14.500 1.00 26.94 ? 65   ALA A C   1 
ATOM   77   O  O   . ALA A 1 35  ? -0.734  -8.159  -13.727 1.00 24.61 ? 65   ALA A O   1 
ATOM   78   C  CB  . ALA A 1 35  ? 0.049   -9.173  -16.752 1.00 28.16 ? 65   ALA A CB  1 
ATOM   79   N  N   . LEU A 1 36  ? 1.463   -8.282  -14.107 1.00 27.01 ? 66   LEU A N   1 
ATOM   80   C  CA  . LEU A 1 36  ? 1.733   -8.643  -12.747 1.00 27.21 ? 66   LEU A CA  1 
ATOM   81   C  C   . LEU A 1 36  ? 1.406   -7.429  -11.870 1.00 27.66 ? 66   LEU A C   1 
ATOM   82   O  O   . LEU A 1 36  ? 0.726   -7.560  -10.868 1.00 28.12 ? 66   LEU A O   1 
ATOM   83   C  CB  . LEU A 1 36  ? 3.173   -9.130  -12.589 1.00 26.43 ? 66   LEU A CB  1 
ATOM   84   C  CG  . LEU A 1 36  ? 3.726   -9.303  -11.179 1.00 25.70 ? 66   LEU A CG  1 
ATOM   85   C  CD1 . LEU A 1 36  ? 2.938   -10.419 -10.454 1.00 23.61 ? 66   LEU A CD1 1 
ATOM   86   C  CD2 . LEU A 1 36  ? 5.197   -9.634  -11.195 1.00 28.28 ? 66   LEU A CD2 1 
ATOM   87   N  N   . ILE A 1 37  ? 1.832   -6.259  -12.294 1.00 27.90 ? 67   ILE A N   1 
ATOM   88   C  CA  . ILE A 1 37  ? 1.482   -5.029  -11.585 1.00 29.52 ? 67   ILE A CA  1 
ATOM   89   C  C   . ILE A 1 37  ? -0.034  -4.879  -11.360 1.00 30.45 ? 67   ILE A C   1 
ATOM   90   O  O   . ILE A 1 37  ? -0.501  -4.682  -10.215 1.00 31.29 ? 67   ILE A O   1 
ATOM   91   C  CB  . ILE A 1 37  ? 2.073   -3.802  -12.312 1.00 28.79 ? 67   ILE A CB  1 
ATOM   92   C  CG1 . ILE A 1 37  ? 3.582   -3.753  -12.090 1.00 26.89 ? 67   ILE A CG1 1 
ATOM   93   C  CG2 . ILE A 1 37  ? 1.381   -2.495  -11.866 1.00 30.34 ? 67   ILE A CG2 1 
ATOM   94   C  CD1 . ILE A 1 37  ? 4.307   -2.739  -13.040 1.00 26.06 ? 67   ILE A CD1 1 
ATOM   95   N  N   . LYS A 1 38  ? -0.793  -4.982  -12.444 1.00 30.12 ? 68   LYS A N   1 
ATOM   96   C  CA  . LYS A 1 38  ? -2.224  -4.832  -12.385 1.00 31.41 ? 68   LYS A CA  1 
ATOM   97   C  C   . LYS A 1 38  ? -2.897  -5.856  -11.467 1.00 31.09 ? 68   LYS A C   1 
ATOM   98   O  O   . LYS A 1 38  ? -3.838  -5.523  -10.699 1.00 31.89 ? 68   LYS A O   1 
ATOM   99   C  CB  . LYS A 1 38  ? -2.747  -4.966  -13.795 1.00 32.74 ? 68   LYS A CB  1 
ATOM   100  C  CG  . LYS A 1 38  ? -4.152  -4.536  -14.032 1.00 35.49 ? 68   LYS A CG  1 
ATOM   101  C  CD  . LYS A 1 38  ? -4.420  -4.632  -15.529 1.00 40.37 ? 68   LYS A CD  1 
ATOM   102  C  CE  . LYS A 1 38  ? -5.449  -3.670  -15.998 1.00 41.35 ? 68   LYS A CE  1 
ATOM   103  N  NZ  . LYS A 1 38  ? -6.715  -4.355  -16.132 1.00 40.85 ? 68   LYS A NZ  1 
ATOM   104  N  N   . ALA A 1 39  ? -2.410  -7.092  -11.522 1.00 29.57 ? 69   ALA A N   1 
ATOM   105  C  CA  . ALA A 1 39  ? -2.940  -8.169  -10.697 1.00 28.83 ? 69   ALA A CA  1 
ATOM   106  C  C   . ALA A 1 39  ? -2.615  -7.890  -9.218  1.00 28.86 ? 69   ALA A C   1 
ATOM   107  O  O   . ALA A 1 39  ? -3.431  -8.136  -8.324  1.00 27.40 ? 69   ALA A O   1 
ATOM   108  C  CB  . ALA A 1 39  ? -2.282  -9.520  -11.091 1.00 28.25 ? 69   ALA A CB  1 
ATOM   109  N  N   . ASP A 1 40  ? -1.365  -7.471  -8.990  1.00 28.13 ? 70   ASP A N   1 
ATOM   110  C  CA  . ASP A 1 40  ? -0.865  -7.207  -7.643  1.00 27.86 ? 70   ASP A CA  1 
ATOM   111  C  C   . ASP A 1 40  ? -1.521  -6.013  -6.963  1.00 27.37 ? 70   ASP A C   1 
ATOM   112  O  O   . ASP A 1 40  ? -1.964  -6.129  -5.805  1.00 29.23 ? 70   ASP A O   1 
ATOM   113  C  CB  . ASP A 1 40  ? 0.635   -7.098  -7.646  1.00 26.43 ? 70   ASP A CB  1 
ATOM   114  C  CG  . ASP A 1 40  ? 1.283   -8.435  -7.561  1.00 26.38 ? 70   ASP A CG  1 
ATOM   115  O  OD1 . ASP A 1 40  ? 0.558   -9.466  -7.584  1.00 19.76 ? 70   ASP A OD1 1 
ATOM   116  O  OD2 . ASP A 1 40  ? 2.525   -8.453  -7.466  1.00 25.29 ? 70   ASP A OD2 1 
ATOM   117  N  N   . LEU A 1 41  ? -1.625  -4.893  -7.663  1.00 27.03 ? 71   LEU A N   1 
ATOM   118  C  CA  . LEU A 1 41  ? -2.402  -3.791  -7.143  1.00 27.43 ? 71   LEU A CA  1 
ATOM   119  C  C   . LEU A 1 41  ? -3.732  -4.260  -6.643  1.00 28.10 ? 71   LEU A C   1 
ATOM   120  O  O   . LEU A 1 41  ? -4.098  -3.968  -5.501  1.00 29.34 ? 71   LEU A O   1 
ATOM   121  C  CB  . LEU A 1 41  ? -2.633  -2.731  -8.196  1.00 27.51 ? 71   LEU A CB  1 
ATOM   122  C  CG  . LEU A 1 41  ? -1.397  -1.975  -8.624  1.00 29.45 ? 71   LEU A CG  1 
ATOM   123  C  CD1 . LEU A 1 41  ? -1.857  -0.777  -9.406  1.00 34.56 ? 71   LEU A CD1 1 
ATOM   124  C  CD2 . LEU A 1 41  ? -0.601  -1.549  -7.422  1.00 33.12 ? 71   LEU A CD2 1 
ATOM   125  N  N   . ALA A 1 42  ? -4.457  -5.019  -7.470  1.00 29.25 ? 72   ALA A N   1 
ATOM   126  C  CA  . ALA A 1 42  ? -5.833  -5.367  -7.136  1.00 29.57 ? 72   ALA A CA  1 
ATOM   127  C  C   . ALA A 1 42  ? -5.808  -6.199  -5.904  1.00 29.47 ? 72   ALA A C   1 
ATOM   128  O  O   . ALA A 1 42  ? -6.677  -6.067  -5.071  1.00 30.38 ? 72   ALA A O   1 
ATOM   129  C  CB  . ALA A 1 42  ? -6.570  -6.153  -8.274  1.00 28.49 ? 72   ALA A CB  1 
ATOM   130  N  N   . GLU A 1 43  ? -4.854  -7.108  -5.783  1.00 29.86 ? 73   GLU A N   1 
ATOM   131  C  CA  . GLU A 1 43  ? -4.923  -7.977  -4.609  1.00 30.47 ? 73   GLU A CA  1 
ATOM   132  C  C   . GLU A 1 43  ? -4.587  -7.161  -3.339  1.00 29.30 ? 73   GLU A C   1 
ATOM   133  O  O   . GLU A 1 43  ? -5.049  -7.496  -2.252  1.00 28.46 ? 73   GLU A O   1 
ATOM   134  C  CB  . GLU A 1 43  ? -3.931  -9.106  -4.732  1.00 31.47 ? 73   GLU A CB  1 
ATOM   135  C  CG  . GLU A 1 43  ? -4.379  -10.269 -5.578  1.00 38.34 ? 73   GLU A CG  1 
ATOM   136  C  CD  . GLU A 1 43  ? -5.771  -10.663 -5.257  1.00 46.67 ? 73   GLU A CD  1 
ATOM   137  O  OE1 . GLU A 1 43  ? -6.057  -10.951 -4.062  1.00 51.85 ? 73   GLU A OE1 1 
ATOM   138  O  OE2 . GLU A 1 43  ? -6.595  -10.600 -6.195  1.00 50.96 ? 73   GLU A OE2 1 
ATOM   139  N  N   . PHE A 1 44  ? -3.726  -6.147  -3.522  1.00 27.51 ? 74   PHE A N   1 
ATOM   140  C  CA  . PHE A 1 44  ? -3.163  -5.363  -2.452  1.00 26.19 ? 74   PHE A CA  1 
ATOM   141  C  C   . PHE A 1 44  ? -4.291  -4.481  -1.883  1.00 25.76 ? 74   PHE A C   1 
ATOM   142  O  O   . PHE A 1 44  ? -4.463  -4.416  -0.682  1.00 20.91 ? 74   PHE A O   1 
ATOM   143  C  CB  . PHE A 1 44  ? -1.999  -4.550  -3.029  1.00 26.41 ? 74   PHE A CB  1 
ATOM   144  C  CG  . PHE A 1 44  ? -1.393  -3.566  -2.070  1.00 26.14 ? 74   PHE A CG  1 
ATOM   145  C  CD1 . PHE A 1 44  ? -0.172  -3.827  -1.446  1.00 26.92 ? 74   PHE A CD1 1 
ATOM   146  C  CD2 . PHE A 1 44  ? -2.028  -2.371  -1.801  1.00 25.20 ? 74   PHE A CD2 1 
ATOM   147  C  CE1 . PHE A 1 44  ? 0.386   -2.887  -0.543  1.00 24.39 ? 74   PHE A CE1 1 
ATOM   148  C  CE2 . PHE A 1 44  ? -1.507  -1.457  -0.878  1.00 23.78 ? 74   PHE A CE2 1 
ATOM   149  C  CZ  . PHE A 1 44  ? -0.296  -1.710  -0.266  1.00 26.19 ? 74   PHE A CZ  1 
ATOM   150  N  N   . GLU A 1 45  ? -5.081  -3.858  -2.781  1.00 25.60 ? 75   GLU A N   1 
ATOM   151  C  CA  . GLU A 1 45  ? -6.248  -3.098  -2.378  1.00 26.21 ? 75   GLU A CA  1 
ATOM   152  C  C   . GLU A 1 45  ? -7.280  -4.006  -1.749  1.00 27.19 ? 75   GLU A C   1 
ATOM   153  O  O   . GLU A 1 45  ? -7.882  -3.641  -0.756  1.00 28.25 ? 75   GLU A O   1 
ATOM   154  C  CB  . GLU A 1 45  ? -6.881  -2.307  -3.545  1.00 26.22 ? 75   GLU A CB  1 
ATOM   155  C  CG  . GLU A 1 45  ? -5.908  -1.289  -4.209  1.00 27.93 ? 75   GLU A CG  1 
ATOM   156  C  CD  . GLU A 1 45  ? -6.635  -0.103  -4.780  1.00 28.88 ? 75   GLU A CD  1 
ATOM   157  O  OE1 . GLU A 1 45  ? -7.435  -0.258  -5.733  1.00 32.47 ? 75   GLU A OE1 1 
ATOM   158  O  OE2 . GLU A 1 45  ? -6.431  0.999   -4.244  1.00 31.23 ? 75   GLU A OE2 1 
ATOM   159  N  N   . ALA A 1 46  ? -7.528  -5.181  -2.309  1.00 26.80 ? 76   ALA A N   1 
ATOM   160  C  CA  . ALA A 1 46  ? -8.462  -6.059  -1.619  1.00 27.17 ? 76   ALA A CA  1 
ATOM   161  C  C   . ALA A 1 46  ? -7.975  -6.327  -0.172  1.00 26.96 ? 76   ALA A C   1 
ATOM   162  O  O   . ALA A 1 46  ? -8.766  -6.382  0.714   1.00 26.22 ? 76   ALA A O   1 
ATOM   163  C  CB  . ALA A 1 46  ? -8.660  -7.422  -2.411  1.00 26.70 ? 76   ALA A CB  1 
ATOM   164  N  N   . ARG A 1 47  ? -6.685  -6.523  0.057   1.00 27.64 ? 77   ARG A N   1 
ATOM   165  C  CA  . ARG A 1 47  ? -6.218  -6.818  1.434   1.00 30.26 ? 77   ARG A CA  1 
ATOM   166  C  C   . ARG A 1 47  ? -6.394  -5.588  2.334   1.00 30.53 ? 77   ARG A C   1 
ATOM   167  O  O   . ARG A 1 47  ? -6.701  -5.669  3.544   1.00 30.51 ? 77   ARG A O   1 
ATOM   168  C  CB  . ARG A 1 47  ? -4.750  -7.263  1.461   1.00 30.91 ? 77   ARG A CB  1 
ATOM   169  C  CG  . ARG A 1 47  ? -4.395  -8.581  0.710   1.00 33.38 ? 77   ARG A CG  1 
ATOM   170  C  CD  . ARG A 1 47  ? -4.802  -9.832  1.492   1.00 38.44 ? 77   ARG A CD  1 
ATOM   171  N  NE  . ARG A 1 47  ? -6.081  -10.260 0.964   0.70 45.21 ? 77   ARG A NE  1 
ATOM   172  C  CZ  . ARG A 1 47  ? -6.228  -10.869 -0.217  0.70 50.16 ? 77   ARG A CZ  1 
ATOM   173  N  NH1 . ARG A 1 47  ? -5.151  -11.180 -0.969  0.70 48.24 ? 77   ARG A NH1 1 
ATOM   174  N  NH2 . ARG A 1 47  ? -7.460  -11.176 -0.639  1.00 50.11 ? 77   ARG A NH2 1 
ATOM   175  N  N   . GLU A 1 48  ? -6.251  -4.434  1.715   1.00 31.32 ? 78   GLU A N   1 
ATOM   176  C  CA  . GLU A 1 48  ? -6.444  -3.197  2.419   1.00 33.12 ? 78   GLU A CA  1 
ATOM   177  C  C   . GLU A 1 48  ? -7.904  -3.180  2.910   1.00 32.66 ? 78   GLU A C   1 
ATOM   178  O  O   . GLU A 1 48  ? -8.199  -2.828  4.066   1.00 31.43 ? 78   GLU A O   1 
ATOM   179  C  CB  . GLU A 1 48  ? -6.111  -2.068  1.476   1.00 34.28 ? 78   GLU A CB  1 
ATOM   180  C  CG  . GLU A 1 48  ? -5.517  -0.873  2.094   1.00 38.63 ? 78   GLU A CG  1 
ATOM   181  C  CD  . GLU A 1 48  ? -6.577  0.038   2.707   1.00 46.92 ? 78   GLU A CD  1 
ATOM   182  O  OE1 . GLU A 1 48  ? -6.202  0.880   3.584   1.00 49.60 ? 78   GLU A OE1 1 
ATOM   183  O  OE2 . GLU A 1 48  ? -7.767  -0.073  2.299   1.00 46.53 ? 78   GLU A OE2 1 
ATOM   184  N  N   . LEU A 1 49  ? -8.795  -3.677  2.059   1.00 32.12 ? 79   LEU A N   1 
ATOM   185  C  CA  . LEU A 1 49  ? -10.207 -3.622  2.351   1.00 32.08 ? 79   LEU A CA  1 
ATOM   186  C  C   . LEU A 1 49  ? -10.580 -4.593  3.453   1.00 29.89 ? 79   LEU A C   1 
ATOM   187  O  O   . LEU A 1 49  ? -11.230 -4.214  4.400   1.00 30.26 ? 79   LEU A O   1 
ATOM   188  C  CB  . LEU A 1 49  ? -11.049 -3.840  1.100   1.00 33.43 ? 79   LEU A CB  1 
ATOM   189  C  CG  . LEU A 1 49  ? -11.458 -2.701  0.177   1.00 36.46 ? 79   LEU A CG  1 
ATOM   190  C  CD1 . LEU A 1 49  ? -12.734 -3.171  -0.506  1.00 39.21 ? 79   LEU A CD1 1 
ATOM   191  C  CD2 . LEU A 1 49  ? -11.702 -1.369  0.877   1.00 39.28 ? 79   LEU A CD2 1 
ATOM   192  N  N   . SER A 1 50  ? -10.102 -5.816  3.381   1.00 28.37 ? 80   SER A N   1 
ATOM   193  C  CA  . SER A 1 50  ? -10.259 -6.757  4.509   1.00 29.30 ? 80   SER A CA  1 
ATOM   194  C  C   . SER A 1 50  ? -9.676  -6.288  5.847   1.00 27.67 ? 80   SER A C   1 
ATOM   195  O  O   . SER A 1 50  ? -10.220 -6.596  6.854   1.00 28.26 ? 80   SER A O   1 
ATOM   196  C  CB  . SER A 1 50  ? -9.649  -8.122  4.177   1.00 29.24 ? 80   SER A CB  1 
ATOM   197  O  OG  . SER A 1 50  ? -9.949  -8.387  2.818   1.00 35.32 ? 80   SER A OG  1 
ATOM   198  N  N   . SER A 1 51  ? -8.561  -5.596  5.850   1.00 27.18 ? 81   SER A N   1 
ATOM   199  C  CA  . SER A 1 51  ? -7.958  -5.108  7.100   1.00 28.07 ? 81   SER A CA  1 
ATOM   200  C  C   . SER A 1 51  ? -8.912  -4.142  7.765   1.00 29.23 ? 81   SER A C   1 
ATOM   201  O  O   . SER A 1 51  ? -9.168  -4.248  8.956   1.00 28.16 ? 81   SER A O   1 
ATOM   202  C  CB  . SER A 1 51  ? -6.643  -4.368  6.830   1.00 27.26 ? 81   SER A CB  1 
ATOM   203  O  OG  . SER A 1 51  ? -5.680  -5.296  6.393   1.00 27.49 ? 81   SER A OG  1 
ATOM   204  N  N   . GLU A 1 52  ? -9.432  -3.230  6.943   1.00 30.68 ? 82   GLU A N   1 
ATOM   205  C  CA  . GLU A 1 52  ? -10.446 -2.275  7.289   1.00 32.00 ? 82   GLU A CA  1 
ATOM   206  C  C   . GLU A 1 52  ? -11.601 -2.974  7.975   1.00 31.62 ? 82   GLU A C   1 
ATOM   207  O  O   . GLU A 1 52  ? -11.845 -2.692  9.139   1.00 32.51 ? 82   GLU A O   1 
ATOM   208  C  CB  . GLU A 1 52  ? -10.853 -1.534  6.025   1.00 33.34 ? 82   GLU A CB  1 
ATOM   209  C  CG  . GLU A 1 52  ? -11.650 -0.303  6.208   1.00 39.00 ? 82   GLU A CG  1 
ATOM   210  C  CD  . GLU A 1 52  ? -10.838 0.846   6.814   1.00 42.75 ? 82   GLU A CD  1 
ATOM   211  O  OE1 . GLU A 1 52  ? -9.679  0.625   7.252   1.00 41.12 ? 82   GLU A OE1 1 
ATOM   212  O  OE2 . GLU A 1 52  ? -11.376 1.987   6.820   1.00 44.76 ? 82   GLU A OE2 1 
ATOM   213  N  N   . LYS A 1 53  ? -12.227 -3.978  7.353   1.00 31.71 ? 83   LYS A N   1 
ATOM   214  C  CA  . LYS A 1 53  ? -13.319 -4.676  8.048   1.00 30.97 ? 83   LYS A CA  1 
ATOM   215  C  C   . LYS A 1 53  ? -12.907 -5.278  9.397   1.00 30.74 ? 83   LYS A C   1 
ATOM   216  O  O   . LYS A 1 53  ? -13.661 -5.202  10.346  1.00 29.85 ? 83   LYS A O   1 
ATOM   217  C  CB  . LYS A 1 53  ? -14.025 -5.735  7.193   1.00 31.01 ? 83   LYS A CB  1 
ATOM   218  C  CG  . LYS A 1 53  ? -14.121 -5.400  5.700   1.00 35.00 ? 83   LYS A CG  1 
ATOM   219  C  CD  . LYS A 1 53  ? -15.569 -5.570  5.070   1.00 43.53 ? 83   LYS A CD  1 
ATOM   220  C  CE  . LYS A 1 53  ? -15.995 -7.006  4.707   1.00 45.22 ? 83   LYS A CE  1 
ATOM   221  N  NZ  . LYS A 1 53  ? -16.830 -7.655  5.817   1.00 46.02 ? 83   LYS A NZ  1 
ATOM   222  N  N   . ILE A 1 54  ? -11.719 -5.884  9.477   1.00 29.69 ? 84   ILE A N   1 
ATOM   223  C  CA  . ILE A 1 54  ? -11.296 -6.531  10.705  1.00 28.95 ? 84   ILE A CA  1 
ATOM   224  C  C   . ILE A 1 54  ? -11.049 -5.457  11.785  1.00 27.99 ? 84   ILE A C   1 
ATOM   225  O  O   . ILE A 1 54  ? -11.382 -5.621  12.945  1.00 25.71 ? 84   ILE A O   1 
ATOM   226  C  CB  . ILE A 1 54  ? -9.993  -7.338  10.487  1.00 28.94 ? 84   ILE A CB  1 
ATOM   227  C  CG1 . ILE A 1 54  ? -10.336 -8.601  9.724   1.00 31.88 ? 84   ILE A CG1 1 
ATOM   228  C  CG2 . ILE A 1 54  ? -9.387  -7.760  11.857  1.00 28.60 ? 84   ILE A CG2 1 
ATOM   229  C  CD1 . ILE A 1 54  ? -9.257  -9.000  8.802   1.00 38.05 ? 84   ILE A CD1 1 
ATOM   230  N  N   . LEU A 1 55  ? -10.442 -4.364  11.350  1.00 27.64 ? 85   LEU A N   1 
ATOM   231  C  CA  . LEU A 1 55  ? -10.122 -3.260  12.204  1.00 28.16 ? 85   LEU A CA  1 
ATOM   232  C  C   . LEU A 1 55  ? -11.452 -2.661  12.787  1.00 29.32 ? 85   LEU A C   1 
ATOM   233  O  O   . LEU A 1 55  ? -11.599 -2.608  14.017  1.00 31.18 ? 85   LEU A O   1 
ATOM   234  C  CB  . LEU A 1 55  ? -9.218  -2.267  11.454  1.00 26.25 ? 85   LEU A CB  1 
ATOM   235  C  CG  . LEU A 1 55  ? -7.777  -2.699  11.214  1.00 26.17 ? 85   LEU A CG  1 
ATOM   236  C  CD1 . LEU A 1 55  ? -6.885  -1.685  10.441  1.00 22.46 ? 85   LEU A CD1 1 
ATOM   237  C  CD2 . LEU A 1 55  ? -7.139  -3.071  12.507  1.00 26.05 ? 85   LEU A CD2 1 
ATOM   238  N  N   . LYS A 1 56  ? -12.443 -2.357  11.937  1.00 30.01 ? 86   LYS A N   1 
ATOM   239  C  CA  . LYS A 1 56  ? -13.745 -1.862  12.422  1.00 31.07 ? 86   LYS A CA  1 
ATOM   240  C  C   . LYS A 1 56  ? -14.383 -2.851  13.343  1.00 30.97 ? 86   LYS A C   1 
ATOM   241  O  O   . LYS A 1 56  ? -14.847 -2.483  14.413  1.00 30.94 ? 86   LYS A O   1 
ATOM   242  C  CB  . LYS A 1 56  ? -14.749 -1.469  11.326  1.00 31.01 ? 86   LYS A CB  1 
ATOM   243  C  CG  . LYS A 1 56  ? -14.144 -0.711  10.131  1.00 33.31 ? 86   LYS A CG  1 
ATOM   244  C  CD  . LYS A 1 56  ? -15.218 -0.277  9.105   1.00 35.22 ? 86   LYS A CD  1 
ATOM   245  C  CE  . LYS A 1 56  ? -14.573 0.614   8.088   1.00 36.01 ? 86   LYS A CE  1 
ATOM   246  N  NZ  . LYS A 1 56  ? -15.474 0.760   6.894   1.00 42.19 ? 86   LYS A NZ  1 
ATOM   247  N  N   . ASP A 1 57  ? -14.360 -4.120  13.002  1.00 30.64 ? 87   ASP A N   1 
ATOM   248  C  CA  . ASP A 1 57  ? -15.038 -5.073  13.917  1.00 31.13 ? 87   ASP A CA  1 
ATOM   249  C  C   . ASP A 1 57  ? -14.375 -5.201  15.293  1.00 29.70 ? 87   ASP A C   1 
ATOM   250  O  O   . ASP A 1 57  ? -15.009 -5.521  16.279  1.00 28.20 ? 87   ASP A O   1 
ATOM   251  C  CB  . ASP A 1 57  ? -15.117 -6.458  13.269  1.00 32.62 ? 87   ASP A CB  1 
ATOM   252  C  CG  . ASP A 1 57  ? -16.054 -6.483  12.084  1.00 36.91 ? 87   ASP A CG  1 
ATOM   253  O  OD1 . ASP A 1 57  ? -17.119 -5.811  12.114  1.00 39.14 ? 87   ASP A OD1 1 
ATOM   254  O  OD2 . ASP A 1 57  ? -15.699 -7.157  11.097  1.00 41.55 ? 87   ASP A OD2 1 
ATOM   255  N  N   . THR A 1 58  ? -13.079 -4.986  15.310  1.00 29.67 ? 88   THR A N   1 
ATOM   256  C  CA  . THR A 1 58  ? -12.304 -5.089  16.481  1.00 31.38 ? 88   THR A CA  1 
ATOM   257  C  C   . THR A 1 58  ? -12.468 -3.806  17.345  1.00 32.16 ? 88   THR A C   1 
ATOM   258  O  O   . THR A 1 58  ? -12.636 -3.919  18.549  1.00 31.91 ? 88   THR A O   1 
ATOM   259  C  CB  . THR A 1 58  ? -10.819 -5.255  16.116  1.00 32.17 ? 88   THR A CB  1 
ATOM   260  O  OG1 . THR A 1 58  ? -10.658 -6.403  15.254  1.00 31.99 ? 88   THR A OG1 1 
ATOM   261  C  CG2 . THR A 1 58  ? -9.994  -5.424  17.412  1.00 31.82 ? 88   THR A CG2 1 
ATOM   262  N  N   . ILE A 1 59  ? -12.405 -2.621  16.733  1.00 31.92 ? 89   ILE A N   1 
ATOM   263  C  CA  . ILE A 1 59  ? -12.696 -1.419  17.488  1.00 33.80 ? 89   ILE A CA  1 
ATOM   264  C  C   . ILE A 1 59  ? -14.098 -1.534  18.123  1.00 33.65 ? 89   ILE A C   1 
ATOM   265  O  O   . ILE A 1 59  ? -14.317 -1.179  19.283  1.00 33.19 ? 89   ILE A O   1 
ATOM   266  C  CB  . ILE A 1 59  ? -12.808 -0.202  16.606  1.00 33.25 ? 89   ILE A CB  1 
ATOM   267  C  CG1 . ILE A 1 59  ? -11.858 -0.283  15.412  1.00 35.54 ? 89   ILE A CG1 1 
ATOM   268  C  CG2 . ILE A 1 59  ? -12.779 1.042   17.475  1.00 37.94 ? 89   ILE A CG2 1 
ATOM   269  C  CD1 . ILE A 1 59  ? -10.774 0.669   15.312  1.00 31.27 ? 89   ILE A CD1 1 
ATOM   270  N  N   . LYS A 1 60  ? -15.036 -2.046  17.343  1.00 33.54 ? 90   LYS A N   1 
ATOM   271  C  CA  . LYS A 1 60  ? -16.406 -2.074  17.745  1.00 35.96 ? 90   LYS A CA  1 
ATOM   272  C  C   . LYS A 1 60  ? -16.575 -3.163  18.770  1.00 36.09 ? 90   LYS A C   1 
ATOM   273  O  O   . LYS A 1 60  ? -17.554 -3.212  19.463  1.00 36.19 ? 90   LYS A O   1 
ATOM   274  C  CB  . LYS A 1 60  ? -17.273 -2.290  16.507  1.00 36.84 ? 90   LYS A CB  1 
ATOM   275  C  CG  . LYS A 1 60  ? -18.633 -2.909  16.720  1.00 40.57 ? 90   LYS A CG  1 
ATOM   276  C  CD  . LYS A 1 60  ? -19.743 -1.873  16.899  1.00 46.96 ? 90   LYS A CD  1 
ATOM   277  C  CE  . LYS A 1 60  ? -21.143 -2.526  17.206  1.00 50.96 ? 90   LYS A CE  1 
ATOM   278  N  NZ  . LYS A 1 60  ? -21.505 -3.681  16.288  1.00 54.62 ? 90   LYS A NZ  1 
ATOM   279  N  N   . GLU A 1 61  ? -15.557 -4.008  18.892  1.00 37.57 ? 91   GLU A N   1 
ATOM   280  C  CA  . GLU A 1 61  ? -15.601 -5.198  19.728  1.00 38.44 ? 91   GLU A CA  1 
ATOM   281  C  C   . GLU A 1 61  ? -16.736 -6.185  19.411  1.00 38.03 ? 91   GLU A C   1 
ATOM   282  O  O   . GLU A 1 61  ? -17.471 -6.586  20.306  1.00 40.08 ? 91   GLU A O   1 
ATOM   283  C  CB  . GLU A 1 61  ? -15.596 -4.824  21.222  1.00 38.44 ? 91   GLU A CB  1 
ATOM   284  C  CG  . GLU A 1 61  ? -14.361 -4.006  21.622  1.00 42.33 ? 91   GLU A CG  1 
ATOM   285  C  CD  . GLU A 1 61  ? -14.196 -3.808  23.113  1.00 42.17 ? 91   GLU A CD  1 
ATOM   286  O  OE1 . GLU A 1 61  ? -15.134 -4.107  23.866  1.00 46.09 ? 91   GLU A OE1 1 
ATOM   287  O  OE2 . GLU A 1 61  ? -13.127 -3.325  23.525  1.00 41.97 ? 91   GLU A OE2 1 
ATOM   288  N  N   . GLU A 1 62  ? -16.872 -6.603  18.164  1.00 37.25 ? 92   GLU A N   1 
ATOM   289  C  CA  . GLU A 1 62  ? -17.783 -7.722  17.850  1.00 36.71 ? 92   GLU A CA  1 
ATOM   290  C  C   . GLU A 1 62  ? -17.334 -9.014  18.557  1.00 36.36 ? 92   GLU A C   1 
ATOM   291  O  O   . GLU A 1 62  ? -16.141 -9.218  18.737  1.00 35.68 ? 92   GLU A O   1 
ATOM   292  C  CB  . GLU A 1 62  ? -17.853 -7.944  16.355  1.00 36.57 ? 92   GLU A CB  1 
ATOM   293  C  CG  . GLU A 1 62  ? -18.181 -6.691  15.555  1.00 38.79 ? 92   GLU A CG  1 
ATOM   294  C  CD  . GLU A 1 62  ? -19.675 -6.450  15.408  1.00 41.45 ? 92   GLU A CD  1 
ATOM   295  O  OE1 . GLU A 1 62  ? -20.424 -6.878  16.304  1.00 42.01 ? 92   GLU A OE1 1 
ATOM   296  O  OE2 . GLU A 1 62  ? -20.099 -5.849  14.391  1.00 39.81 ? 92   GLU A OE2 1 
ATOM   297  N  N   . SER A 1 63  ? -18.283 -9.849  19.019  1.00 35.86 ? 93   SER A N   1 
ATOM   298  C  CA  . SER A 1 63  ? -17.938 -11.084 19.767  1.00 35.86 ? 93   SER A CA  1 
ATOM   299  C  C   . SER A 1 63  ? -16.870 -12.015 19.138  1.00 35.51 ? 93   SER A C   1 
ATOM   300  O  O   . SER A 1 63  ? -16.134 -12.702 19.849  1.00 36.54 ? 93   SER A O   1 
ATOM   301  C  CB  . SER A 1 63  ? -19.211 -11.934 20.007  1.00 36.59 ? 93   SER A CB  1 
ATOM   302  O  OG  . SER A 1 63  ? -19.938 -12.133 18.796  1.00 35.29 ? 93   SER A OG  1 
ATOM   303  N  N   . TRP A 1 64  ? -16.800 -12.094 17.814  1.00 35.02 ? 94   TRP A N   1 
ATOM   304  C  CA  . TRP A 1 64  ? -15.815 -12.976 17.187  1.00 33.78 ? 94   TRP A CA  1 
ATOM   305  C  C   . TRP A 1 64  ? -14.453 -12.321 17.055  1.00 34.34 ? 94   TRP A C   1 
ATOM   306  O  O   . TRP A 1 64  ? -13.472 -12.985 16.701  1.00 35.75 ? 94   TRP A O   1 
ATOM   307  C  CB  . TRP A 1 64  ? -16.299 -13.374 15.804  1.00 34.06 ? 94   TRP A CB  1 
ATOM   308  C  CG  . TRP A 1 64  ? -16.322 -12.261 14.847  1.00 30.83 ? 94   TRP A CG  1 
ATOM   309  C  CD1 . TRP A 1 64  ? -15.275 -11.786 14.143  1.00 27.19 ? 94   TRP A CD1 1 
ATOM   310  C  CD2 . TRP A 1 64  ? -17.448 -11.437 14.515  1.00 28.18 ? 94   TRP A CD2 1 
ATOM   311  N  NE1 . TRP A 1 64  ? -15.665 -10.724 13.397  1.00 27.06 ? 94   TRP A NE1 1 
ATOM   312  C  CE2 . TRP A 1 64  ? -17.002 -10.500 13.585  1.00 27.58 ? 94   TRP A CE2 1 
ATOM   313  C  CE3 . TRP A 1 64  ? -18.797 -11.423 14.911  1.00 29.67 ? 94   TRP A CE3 1 
ATOM   314  C  CZ2 . TRP A 1 64  ? -17.841 -9.541  13.016  1.00 31.98 ? 94   TRP A CZ2 1 
ATOM   315  C  CZ3 . TRP A 1 64  ? -19.632 -10.487 14.370  1.00 31.98 ? 94   TRP A CZ3 1 
ATOM   316  C  CH2 . TRP A 1 64  ? -19.148 -9.539  13.429  1.00 33.84 ? 94   TRP A CH2 1 
ATOM   317  N  N   . SER A 1 65  ? -14.380 -11.036 17.385  1.00 33.01 ? 95   SER A N   1 
ATOM   318  C  CA  . SER A 1 65  ? -13.282 -10.226 16.974  1.00 33.78 ? 95   SER A CA  1 
ATOM   319  C  C   . SER A 1 65  ? -12.442 -9.699  18.118  1.00 33.94 ? 95   SER A C   1 
ATOM   320  O  O   . SER A 1 65  ? -12.267 -8.514  18.222  1.00 35.32 ? 95   SER A O   1 
ATOM   321  C  CB  . SER A 1 65  ? -13.855 -9.061  16.186  1.00 33.75 ? 95   SER A CB  1 
ATOM   322  O  OG  . SER A 1 65  ? -12.912 -8.602  15.228  1.00 36.93 ? 95   SER A OG  1 
ATOM   323  N  N   . ASP A 1 66  ? -11.943 -10.551 18.992  1.00 33.68 ? 96   ASP A N   1 
ATOM   324  C  CA  . ASP A 1 66  ? -11.091 -10.087 20.103  1.00 33.25 ? 96   ASP A CA  1 
ATOM   325  C  C   . ASP A 1 66  ? -9.699  -9.749  19.573  1.00 32.77 ? 96   ASP A C   1 
ATOM   326  O  O   . ASP A 1 66  ? -9.442  -9.837  18.399  1.00 32.54 ? 96   ASP A O   1 
ATOM   327  C  CB  . ASP A 1 66  ? -11.035 -11.124 21.258  1.00 33.14 ? 96   ASP A CB  1 
ATOM   328  C  CG  . ASP A 1 66  ? -10.361 -12.451 20.855  1.00 35.23 ? 96   ASP A CG  1 
ATOM   329  O  OD1 . ASP A 1 66  ? -10.357 -13.408 21.654  1.00 40.78 ? 96   ASP A OD1 1 
ATOM   330  O  OD2 . ASP A 1 66  ? -9.804  -12.563 19.753  1.00 37.46 ? 96   ASP A OD2 1 
ATOM   331  N  N   . LEU A 1 67  ? -8.789  -9.366  20.429  1.00 32.81 ? 97   LEU A N   1 
ATOM   332  C  CA  . LEU A 1 67  ? -7.568  -8.765  19.954  1.00 33.77 ? 97   LEU A CA  1 
ATOM   333  C  C   . LEU A 1 67  ? -6.600  -9.858  19.384  1.00 33.78 ? 97   LEU A C   1 
ATOM   334  O  O   . LEU A 1 67  ? -5.753  -9.586  18.531  1.00 34.47 ? 97   LEU A O   1 
ATOM   335  C  CB  . LEU A 1 67  ? -6.971  -7.923  21.091  1.00 33.24 ? 97   LEU A CB  1 
ATOM   336  C  CG  . LEU A 1 67  ? -6.040  -6.734  20.921  1.00 35.67 ? 97   LEU A CG  1 
ATOM   337  C  CD1 . LEU A 1 67  ? -6.547  -5.642  20.046  1.00 33.32 ? 97   LEU A CD1 1 
ATOM   338  C  CD2 . LEU A 1 67  ? -5.760  -6.142  22.340  1.00 39.66 ? 97   LEU A CD2 1 
ATOM   339  N  N   . ASP A 1 68  ? -6.747  -11.095 19.830  1.00 33.96 ? 98   ASP A N   1 
ATOM   340  C  CA  . ASP A 1 68  ? -5.987  -12.200 19.234  1.00 34.54 ? 98   ASP A CA  1 
ATOM   341  C  C   . ASP A 1 68  ? -6.464  -12.452 17.812  1.00 33.92 ? 98   ASP A C   1 
ATOM   342  O  O   . ASP A 1 68  ? -5.669  -12.702 16.917  1.00 34.96 ? 98   ASP A O   1 
ATOM   343  C  CB  . ASP A 1 68  ? -6.178  -13.475 20.035  1.00 36.04 ? 98   ASP A CB  1 
ATOM   344  C  CG  . ASP A 1 68  ? -5.461  -13.430 21.350  1.00 39.17 ? 98   ASP A CG  1 
ATOM   345  O  OD1 . ASP A 1 68  ? -4.382  -12.822 21.391  1.00 41.93 ? 98   ASP A OD1 1 
ATOM   346  O  OD2 . ASP A 1 68  ? -5.995  -13.971 22.335  1.00 45.85 ? 98   ASP A OD2 1 
ATOM   347  N  N   . PHE A 1 69  ? -7.767  -12.431 17.612  1.00 32.26 ? 99   PHE A N   1 
ATOM   348  C  CA  . PHE A 1 69  ? -8.281  -12.520 16.256  1.00 32.50 ? 99   PHE A CA  1 
ATOM   349  C  C   . PHE A 1 69  ? -7.700  -11.397 15.370  1.00 31.33 ? 99   PHE A C   1 
ATOM   350  O  O   . PHE A 1 69  ? -7.143  -11.674 14.319  1.00 31.37 ? 99   PHE A O   1 
ATOM   351  C  CB  . PHE A 1 69  ? -9.808  -12.501 16.284  1.00 32.19 ? 99   PHE A CB  1 
ATOM   352  C  CG  . PHE A 1 69  ? -10.441 -12.294 14.952  1.00 32.31 ? 99   PHE A CG  1 
ATOM   353  C  CD1 . PHE A 1 69  ? -10.832 -13.395 14.183  1.00 34.12 ? 99   PHE A CD1 1 
ATOM   354  C  CD2 . PHE A 1 69  ? -10.696 -11.007 14.486  1.00 30.32 ? 99   PHE A CD2 1 
ATOM   355  C  CE1 . PHE A 1 69  ? -11.479 -13.217 12.938  1.00 33.64 ? 99   PHE A CE1 1 
ATOM   356  C  CE2 . PHE A 1 69  ? -11.322 -10.800 13.267  1.00 31.21 ? 99   PHE A CE2 1 
ATOM   357  C  CZ  . PHE A 1 69  ? -11.728 -11.918 12.480  1.00 30.30 ? 99   PHE A CZ  1 
ATOM   358  N  N   . ALA A 1 70  ? -7.784  -10.149 15.827  1.00 30.09 ? 100  ALA A N   1 
ATOM   359  C  CA  . ALA A 1 70  ? -7.275  -9.015  15.090  1.00 28.99 ? 100  ALA A CA  1 
ATOM   360  C  C   . ALA A 1 70  ? -5.789  -9.139  14.764  1.00 29.70 ? 100  ALA A C   1 
ATOM   361  O  O   . ALA A 1 70  ? -5.363  -8.938  13.627  1.00 29.19 ? 100  ALA A O   1 
ATOM   362  C  CB  . ALA A 1 70  ? -7.560  -7.723  15.859  1.00 28.07 ? 100  ALA A CB  1 
ATOM   363  N  N   . ASN A 1 71  ? -4.985  -9.462  15.773  1.00 30.60 ? 101  ASN A N   1 
ATOM   364  C  CA  . ASN A 1 71  ? -3.562  -9.606  15.568  1.00 30.30 ? 101  ASN A CA  1 
ATOM   365  C  C   . ASN A 1 71  ? -3.232  -10.760 14.606  1.00 30.47 ? 101  ASN A C   1 
ATOM   366  O  O   . ASN A 1 71  ? -2.399  -10.614 13.722  1.00 31.32 ? 101  ASN A O   1 
ATOM   367  C  CB  . ASN A 1 71  ? -2.841  -9.761  16.932  1.00 30.64 ? 101  ASN A CB  1 
ATOM   368  C  CG  . ASN A 1 71  ? -2.929  -8.487  17.798  1.00 30.84 ? 101  ASN A CG  1 
ATOM   369  O  OD1 . ASN A 1 71  ? -3.204  -7.388  17.312  1.00 32.58 ? 101  ASN A OD1 1 
ATOM   370  N  ND2 . ASN A 1 71  ? -2.726  -8.646  19.079  1.00 31.32 ? 101  ASN A ND2 1 
ATOM   371  N  N   . ASP A 1 72  ? -3.870  -11.908 14.743  1.00 29.99 ? 102  ASP A N   1 
ATOM   372  C  CA  . ASP A 1 72  ? -3.533  -12.996 13.817  1.00 30.45 ? 102  ASP A CA  1 
ATOM   373  C  C   . ASP A 1 72  ? -3.808  -12.572 12.343  1.00 29.45 ? 102  ASP A C   1 
ATOM   374  O  O   . ASP A 1 72  ? -2.900  -12.599 11.518  1.00 29.11 ? 102  ASP A O   1 
ATOM   375  C  CB  . ASP A 1 72  ? -4.166  -14.342 14.272  1.00 30.84 ? 102  ASP A CB  1 
ATOM   376  C  CG  . ASP A 1 72  ? -3.664  -14.783 15.712  1.00 36.80 ? 102  ASP A CG  1 
ATOM   377  O  OD1 . ASP A 1 72  ? -2.554  -14.359 16.153  1.00 41.84 ? 102  ASP A OD1 1 
ATOM   378  O  OD2 . ASP A 1 72  ? -4.365  -15.541 16.448  1.00 42.38 ? 102  ASP A OD2 1 
ATOM   379  N  N   . ASN A 1 73  ? -5.017  -12.064 12.065  1.00 29.54 ? 103  ASN A N   1 
ATOM   380  C  CA  . ASN A 1 73  ? -5.450  -11.668 10.706  1.00 29.16 ? 103  ASN A CA  1 
ATOM   381  C  C   . ASN A 1 73  ? -4.804  -10.471 10.132  1.00 29.15 ? 103  ASN A C   1 
ATOM   382  O  O   . ASN A 1 73  ? -4.416  -10.492 8.963   1.00 29.65 ? 103  ASN A O   1 
ATOM   383  C  CB  . ASN A 1 73  ? -6.937  -11.551 10.639  1.00 29.46 ? 103  ASN A CB  1 
ATOM   384  C  CG  . ASN A 1 73  ? -7.587  -12.918 10.733  1.00 30.32 ? 103  ASN A CG  1 
ATOM   385  O  OD1 . ASN A 1 73  ? -7.614  -13.654 9.748   1.00 31.09 ? 103  ASN A OD1 1 
ATOM   386  N  ND2 . ASN A 1 73  ? -8.031  -13.299 11.928  1.00 29.64 ? 103  ASN A ND2 1 
ATOM   387  N  N   . ILE A 1 74  ? -4.628  -9.437  10.955  1.00 28.80 ? 104  ILE A N   1 
ATOM   388  C  CA  . ILE A 1 74  ? -3.971  -8.214  10.492  1.00 26.86 ? 104  ILE A CA  1 
ATOM   389  C  C   . ILE A 1 74  ? -2.523  -8.521  10.166  1.00 27.79 ? 104  ILE A C   1 
ATOM   390  O  O   . ILE A 1 74  ? -2.027  -8.045  9.163   1.00 28.80 ? 104  ILE A O   1 
ATOM   391  C  CB  . ILE A 1 74  ? -4.109  -7.054  11.497  1.00 25.70 ? 104  ILE A CB  1 
ATOM   392  C  CG1 . ILE A 1 74  ? -5.562  -6.600  11.528  1.00 24.97 ? 104  ILE A CG1 1 
ATOM   393  C  CG2 . ILE A 1 74  ? -3.225  -5.817  11.137  1.00 23.37 ? 104  ILE A CG2 1 
ATOM   394  C  CD1 . ILE A 1 74  ? -6.109  -6.103  10.151  1.00 22.50 ? 104  ILE A CD1 1 
ATOM   395  N  N   . ASN A 1 75  ? -1.847  -9.309  11.001  1.00 27.47 ? 105  ASN A N   1 
ATOM   396  C  CA  . ASN A 1 75  ? -0.449  -9.680  10.735  1.00 28.04 ? 105  ASN A CA  1 
ATOM   397  C  C   . ASN A 1 75  ? -0.304  -10.382 9.380   1.00 27.86 ? 105  ASN A C   1 
ATOM   398  O  O   . ASN A 1 75  ? 0.588   -10.029 8.601   1.00 26.63 ? 105  ASN A O   1 
ATOM   399  C  CB  . ASN A 1 75  ? 0.177   -10.467 11.914  1.00 26.99 ? 105  ASN A CB  1 
ATOM   400  C  CG  . ASN A 1 75  ? 0.629   -9.524  13.044  1.00 31.19 ? 105  ASN A CG  1 
ATOM   401  O  OD1 . ASN A 1 75  ? 0.750   -9.934  14.197  1.00 34.58 ? 105  ASN A OD1 1 
ATOM   402  N  ND2 . ASN A 1 75  ? 0.832   -8.234  12.721  1.00 25.86 ? 105  ASN A ND2 1 
ATOM   403  N  N   . GLN A 1 76  ? -1.210  -11.341 9.112   1.00 28.39 ? 106  GLN A N   1 
ATOM   404  C  CA  . GLN A 1 76  ? -1.291  -12.030 7.794   1.00 29.64 ? 106  GLN A CA  1 
ATOM   405  C  C   . GLN A 1 76  ? -1.468  -11.029 6.653   1.00 28.90 ? 106  GLN A C   1 
ATOM   406  O  O   . GLN A 1 76  ? -0.754  -11.051 5.646   1.00 27.20 ? 106  GLN A O   1 
ATOM   407  C  CB  . GLN A 1 76  ? -2.440  -13.042 7.793   1.00 30.54 ? 106  GLN A CB  1 
ATOM   408  C  CG  . GLN A 1 76  ? -2.071  -14.275 8.683   1.00 34.83 ? 106  GLN A CG  1 
ATOM   409  C  CD  . GLN A 1 76  ? -3.211  -15.313 8.775   1.00 43.58 ? 106  GLN A CD  1 
ATOM   410  O  OE1 . GLN A 1 76  ? -3.919  -15.585 7.773   1.00 45.21 ? 106  GLN A OE1 1 
ATOM   411  N  NE2 . GLN A 1 76  ? -3.416  -15.869 9.985   1.00 44.12 ? 106  GLN A NE2 1 
HETATM 412  N  N   . MSE A 1 77  ? -2.377  -10.087 6.838   1.00 28.91 ? 107  MSE A N   1 
HETATM 413  C  CA  . MSE A 1 77  ? -2.624  -9.142  5.753   1.00 29.37 ? 107  MSE A CA  1 
HETATM 414  C  C   . MSE A 1 77  ? -1.498  -8.168  5.519   1.00 29.05 ? 107  MSE A C   1 
HETATM 415  O  O   . MSE A 1 77  ? -1.207  -7.882  4.355   1.00 28.47 ? 107  MSE A O   1 
HETATM 416  C  CB  . MSE A 1 77  ? -3.865  -8.422  6.068   1.00 30.91 ? 107  MSE A CB  1 
HETATM 417  C  CG  . MSE A 1 77  ? -4.749  -9.509  6.478   1.00 36.49 ? 107  MSE A CG  1 
HETATM 418  SE SE  . MSE A 1 77  ? -6.178  -9.523  5.220   0.90 59.47 ? 107  MSE A SE  1 
HETATM 419  C  CE  . MSE A 1 77  ? -7.132  -8.620  6.821   1.00 19.34 ? 107  MSE A CE  1 
ATOM   420  N  N   . ILE A 1 78  ? -0.867  -7.663  6.586   1.00 28.63 ? 108  ILE A N   1 
ATOM   421  C  CA  . ILE A 1 78  ? 0.371   -6.916  6.406   1.00 30.47 ? 108  ILE A CA  1 
ATOM   422  C  C   . ILE A 1 78  ? 1.377   -7.754  5.531   1.00 30.23 ? 108  ILE A C   1 
ATOM   423  O  O   . ILE A 1 78  ? 1.862   -7.283  4.499   1.00 31.34 ? 108  ILE A O   1 
ATOM   424  C  CB  . ILE A 1 78  ? 1.041   -6.534  7.780   1.00 31.12 ? 108  ILE A CB  1 
ATOM   425  C  CG1 . ILE A 1 78  ? 0.198   -5.540  8.591   1.00 32.70 ? 108  ILE A CG1 1 
ATOM   426  C  CG2 . ILE A 1 78  ? 2.441   -5.948  7.587   1.00 30.54 ? 108  ILE A CG2 1 
ATOM   427  C  CD1 . ILE A 1 78  ? -0.037  -4.273  7.911   1.00 37.99 ? 108  ILE A CD1 1 
ATOM   428  N  N   . GLY A 1 79  ? 1.658   -8.999  5.901   1.00 30.40 ? 109  GLY A N   1 
ATOM   429  C  CA  . GLY A 1 79  ? 2.710   -9.759  5.186   1.00 31.04 ? 109  GLY A CA  1 
ATOM   430  C  C   . GLY A 1 79  ? 2.340   -9.980  3.707   1.00 31.26 ? 109  GLY A C   1 
ATOM   431  O  O   . GLY A 1 79  ? 3.149   -9.729  2.792   1.00 31.45 ? 109  GLY A O   1 
ATOM   432  N  N   . THR A 1 80  ? 1.105   -10.439 3.473   1.00 30.78 ? 110  THR A N   1 
ATOM   433  C  CA  . THR A 1 80  ? 0.578   -10.513 2.125   1.00 30.64 ? 110  THR A CA  1 
ATOM   434  C  C   . THR A 1 80  ? 0.757   -9.151  1.393   1.00 30.31 ? 110  THR A C   1 
ATOM   435  O  O   . THR A 1 80  ? 1.341   -9.101  0.298   1.00 29.78 ? 110  THR A O   1 
ATOM   436  C  CB  . THR A 1 80  ? -0.863  -11.006 2.145   1.00 30.74 ? 110  THR A CB  1 
ATOM   437  O  OG1 . THR A 1 80  ? -0.901  -12.209 2.927   1.00 30.51 ? 110  THR A OG1 1 
ATOM   438  C  CG2 . THR A 1 80  ? -1.369  -11.304 0.717   1.00 31.56 ? 110  THR A CG2 1 
HETATM 439  N  N   . MSE A 1 81  ? 0.316   -8.053  2.013   1.00 29.64 ? 111  MSE A N   1 
HETATM 440  C  CA  . MSE A 1 81  ? 0.492   -6.740  1.407   1.00 29.83 ? 111  MSE A CA  1 
HETATM 441  C  C   . MSE A 1 81  ? 1.928   -6.407  1.095   1.00 30.45 ? 111  MSE A C   1 
HETATM 442  O  O   . MSE A 1 81  ? 2.199   -5.895  0.026   1.00 31.12 ? 111  MSE A O   1 
HETATM 443  C  CB  . MSE A 1 81  ? -0.117  -5.645  2.241   1.00 29.56 ? 111  MSE A CB  1 
HETATM 444  C  CG  . MSE A 1 81  ? -1.648  -5.677  2.193   1.00 33.93 ? 111  MSE A CG  1 
HETATM 445  SE SE  . MSE A 1 81  ? -2.524  -4.410  3.447   1.00 34.51 ? 111  MSE A SE  1 
HETATM 446  C  CE  . MSE A 1 81  ? -1.984  -2.810  2.533   1.00 33.82 ? 111  MSE A CE  1 
ATOM   447  N  N   . LYS A 1 82  ? 2.842   -6.717  2.007   1.00 30.89 ? 112  LYS A N   1 
ATOM   448  C  CA  . LYS A 1 82  ? 4.270   -6.534  1.773   1.00 31.73 ? 112  LYS A CA  1 
ATOM   449  C  C   . LYS A 1 82  ? 4.853   -7.372  0.621   1.00 31.49 ? 112  LYS A C   1 
ATOM   450  O  O   . LYS A 1 82  ? 5.729   -6.884  -0.082  1.00 31.51 ? 112  LYS A O   1 
ATOM   451  C  CB  . LYS A 1 82  ? 5.046   -6.848  3.046   1.00 31.73 ? 112  LYS A CB  1 
ATOM   452  C  CG  . LYS A 1 82  ? 5.219   -5.637  4.001   1.00 34.34 ? 112  LYS A CG  1 
ATOM   453  C  CD  . LYS A 1 82  ? 5.543   -6.130  5.424   1.00 37.61 ? 112  LYS A CD  1 
ATOM   454  C  CE  . LYS A 1 82  ? 5.783   -4.968  6.423   1.00 40.88 ? 112  LYS A CE  1 
ATOM   455  N  NZ  . LYS A 1 82  ? 6.442   -5.536  7.651   1.00 41.63 ? 112  LYS A NZ  1 
ATOM   456  N  N   . ARG A 1 83  ? 4.397   -8.608  0.470   1.00 30.81 ? 113  ARG A N   1 
ATOM   457  C  CA  . ARG A 1 83  ? 4.787   -9.475  -0.663  1.00 32.68 ? 113  ARG A CA  1 
ATOM   458  C  C   . ARG A 1 83  ? 4.397   -8.806  -1.977  1.00 32.60 ? 113  ARG A C   1 
ATOM   459  O  O   . ARG A 1 83  ? 5.235   -8.649  -2.860  1.00 32.58 ? 113  ARG A O   1 
ATOM   460  C  CB  . ARG A 1 83  ? 4.005   -10.784 -0.622  1.00 34.14 ? 113  ARG A CB  1 
ATOM   461  C  CG  . ARG A 1 83  ? 4.637   -12.002 0.018   1.00 36.90 ? 113  ARG A CG  1 
ATOM   462  C  CD  . ARG A 1 83  ? 3.731   -13.207 -0.318  1.00 45.40 ? 113  ARG A CD  1 
ATOM   463  N  NE  . ARG A 1 83  ? 3.474   -13.324 -1.782  1.00 49.44 ? 113  ARG A NE  1 
ATOM   464  C  CZ  . ARG A 1 83  ? 2.365   -13.830 -2.352  1.00 51.87 ? 113  ARG A CZ  1 
ATOM   465  N  NH1 . ARG A 1 83  ? 1.333   -14.239 -1.604  1.00 51.06 ? 113  ARG A NH1 1 
ATOM   466  N  NH2 . ARG A 1 83  ? 2.279   -13.906 -3.694  1.00 53.36 ? 113  ARG A NH2 1 
ATOM   467  N  N   . TYR A 1 84  ? 3.128   -8.395  -2.106  1.00 32.24 ? 114  TYR A N   1 
ATOM   468  C  CA  . TYR A 1 84  ? 2.712   -7.729  -3.352  1.00 32.37 ? 114  TYR A CA  1 
ATOM   469  C  C   . TYR A 1 84  ? 3.543   -6.553  -3.604  1.00 32.28 ? 114  TYR A C   1 
ATOM   470  O  O   . TYR A 1 84  ? 3.985   -6.358  -4.742  1.00 32.77 ? 114  TYR A O   1 
ATOM   471  C  CB  . TYR A 1 84  ? 1.249   -7.307  -3.378  1.00 32.31 ? 114  TYR A CB  1 
ATOM   472  C  CG  . TYR A 1 84  ? 0.290   -8.443  -3.161  1.00 35.18 ? 114  TYR A CG  1 
ATOM   473  C  CD1 . TYR A 1 84  ? 0.533   -9.720  -3.688  1.00 35.67 ? 114  TYR A CD1 1 
ATOM   474  C  CD2 . TYR A 1 84  ? -0.877  -8.235  -2.436  1.00 37.74 ? 114  TYR A CD2 1 
ATOM   475  C  CE1 . TYR A 1 84  ? -0.377  -10.776 -3.475  1.00 39.08 ? 114  TYR A CE1 1 
ATOM   476  C  CE2 . TYR A 1 84  ? -1.793  -9.271  -2.222  1.00 41.85 ? 114  TYR A CE2 1 
ATOM   477  C  CZ  . TYR A 1 84  ? -1.539  -10.538 -2.730  1.00 41.70 ? 114  TYR A CZ  1 
ATOM   478  O  OH  . TYR A 1 84  ? -2.494  -11.514 -2.485  1.00 44.18 ? 114  TYR A OH  1 
ATOM   479  N  N   . GLN A 1 85  ? 3.803   -5.775  -2.549  1.00 31.68 ? 115  GLN A N   1 
ATOM   480  C  CA  . GLN A 1 85  ? 4.633   -4.583  -2.710  1.00 31.62 ? 115  GLN A CA  1 
ATOM   481  C  C   . GLN A 1 85  ? 6.036   -4.943  -3.233  1.00 32.03 ? 115  GLN A C   1 
ATOM   482  O  O   . GLN A 1 85  ? 6.544   -4.279  -4.143  1.00 31.10 ? 115  GLN A O   1 
ATOM   483  C  CB  . GLN A 1 85  ? 4.728   -3.797  -1.408  1.00 30.31 ? 115  GLN A CB  1 
ATOM   484  C  CG  . GLN A 1 85  ? 5.540   -2.506  -1.536  1.00 30.43 ? 115  GLN A CG  1 
ATOM   485  C  CD  . GLN A 1 85  ? 6.013   -1.977  -0.163  1.00 32.27 ? 115  GLN A CD  1 
ATOM   486  O  OE1 . GLN A 1 85  ? 6.474   -2.739  0.683   1.00 27.65 ? 115  GLN A OE1 1 
ATOM   487  N  NE2 . GLN A 1 85  ? 5.888   -0.678  0.042   1.00 30.58 ? 115  GLN A NE2 1 
ATOM   488  N  N   . GLN A 1 86  ? 6.624   -6.001  -2.666  1.00 33.44 ? 116  GLN A N   1 
ATOM   489  C  CA  . GLN A 1 86  ? 7.962   -6.447  -3.067  1.00 36.91 ? 116  GLN A CA  1 
ATOM   490  C  C   . GLN A 1 86  ? 7.952   -7.152  -4.454  1.00 37.01 ? 116  GLN A C   1 
ATOM   491  O  O   . GLN A 1 86  ? 8.903   -7.036  -5.221  1.00 36.19 ? 116  GLN A O   1 
ATOM   492  C  CB  . GLN A 1 86  ? 8.590   -7.405  -2.032  1.00 37.93 ? 116  GLN A CB  1 
ATOM   493  C  CG  . GLN A 1 86  ? 8.671   -6.919  -0.584  1.00 41.97 ? 116  GLN A CG  1 
ATOM   494  C  CD  . GLN A 1 86  ? 9.182   -5.495  -0.448  1.00 46.19 ? 116  GLN A CD  1 
ATOM   495  O  OE1 . GLN A 1 86  ? 8.512   -4.668  0.153   1.00 52.30 ? 116  GLN A OE1 1 
ATOM   496  N  NE2 . GLN A 1 86  ? 10.354  -5.204  -1.002  1.00 42.81 ? 116  GLN A NE2 1 
ATOM   497  N  N   . GLU A 1 87  ? 6.891   -7.897  -4.764  1.00 37.14 ? 117  GLU A N   1 
ATOM   498  C  CA  . GLU A 1 87  ? 6.803   -8.461  -6.102  1.00 37.86 ? 117  GLU A CA  1 
ATOM   499  C  C   . GLU A 1 87  ? 6.880   -7.309  -7.054  1.00 36.74 ? 117  GLU A C   1 
ATOM   500  O  O   . GLU A 1 87  ? 7.692   -7.310  -7.955  1.00 37.67 ? 117  GLU A O   1 
ATOM   501  C  CB  . GLU A 1 87  ? 5.515   -9.200  -6.345  1.00 37.94 ? 117  GLU A CB  1 
ATOM   502  C  CG  . GLU A 1 87  ? 5.362   -10.539 -5.687  1.00 43.30 ? 117  GLU A CG  1 
ATOM   503  C  CD  . GLU A 1 87  ? 4.073   -11.260 -6.162  1.00 48.26 ? 117  GLU A CD  1 
ATOM   504  O  OE1 . GLU A 1 87  ? 3.734   -11.161 -7.377  1.00 47.03 ? 117  GLU A OE1 1 
ATOM   505  O  OE2 . GLU A 1 87  ? 3.391   -11.921 -5.327  1.00 49.99 ? 117  GLU A OE2 1 
ATOM   506  N  N   . ILE A 1 88  ? 6.074   -6.288  -6.843  1.00 36.24 ? 118  ILE A N   1 
ATOM   507  C  CA  . ILE A 1 88  ? 6.121   -5.164  -7.777  1.00 36.29 ? 118  ILE A CA  1 
ATOM   508  C  C   . ILE A 1 88  ? 7.465   -4.432  -7.810  1.00 37.94 ? 118  ILE A C   1 
ATOM   509  O  O   . ILE A 1 88  ? 8.023   -4.185  -8.895  1.00 37.84 ? 118  ILE A O   1 
ATOM   510  C  CB  . ILE A 1 88  ? 5.001   -4.168  -7.549  1.00 35.04 ? 118  ILE A CB  1 
ATOM   511  C  CG1 . ILE A 1 88  ? 3.670   -4.822  -7.902  1.00 33.52 ? 118  ILE A CG1 1 
ATOM   512  C  CG2 . ILE A 1 88  ? 5.188   -2.967  -8.450  1.00 33.42 ? 118  ILE A CG2 1 
ATOM   513  C  CD1 . ILE A 1 88  ? 2.521   -3.872  -7.829  1.00 34.32 ? 118  ILE A CD1 1 
ATOM   514  N  N   . LEU A 1 89  ? 7.967   -4.070  -6.627  1.00 38.89 ? 119  LEU A N   1 
ATOM   515  C  CA  . LEU A 1 89  ? 9.230   -3.331  -6.502  1.00 39.59 ? 119  LEU A CA  1 
ATOM   516  C  C   . LEU A 1 89  ? 10.388  -4.091  -7.076  1.00 39.92 ? 119  LEU A C   1 
ATOM   517  O  O   . LEU A 1 89  ? 11.396  -3.499  -7.428  1.00 40.74 ? 119  LEU A O   1 
ATOM   518  C  CB  . LEU A 1 89  ? 9.545   -2.981  -5.027  1.00 39.77 ? 119  LEU A CB  1 
ATOM   519  C  CG  . LEU A 1 89  ? 8.688   -1.863  -4.368  1.00 39.76 ? 119  LEU A CG  1 
ATOM   520  C  CD1 . LEU A 1 89  ? 9.244   -1.554  -2.948  1.00 40.84 ? 119  LEU A CD1 1 
ATOM   521  C  CD2 . LEU A 1 89  ? 8.586   -0.560  -5.232  1.00 34.83 ? 119  LEU A CD2 1 
ATOM   522  N  N   . SER A 1 90  ? 10.247  -5.395  -7.188  1.00 40.29 ? 120  SER A N   1 
ATOM   523  C  CA  . SER A 1 90  ? 11.353  -6.191  -7.646  1.00 41.53 ? 120  SER A CA  1 
ATOM   524  C  C   . SER A 1 90  ? 11.244  -6.684  -9.124  1.00 42.11 ? 120  SER A C   1 
ATOM   525  O  O   . SER A 1 90  ? 11.962  -7.581  -9.541  1.00 42.42 ? 120  SER A O   1 
ATOM   526  C  CB  . SER A 1 90  ? 11.551  -7.335  -6.674  1.00 41.17 ? 120  SER A CB  1 
ATOM   527  O  OG  . SER A 1 90  ? 10.742  -8.415  -7.074  1.00 44.79 ? 120  SER A OG  1 
ATOM   528  N  N   . ILE A 1 91  ? 10.348  -6.082  -9.908  1.00 42.47 ? 121  ILE A N   1 
ATOM   529  C  CA  . ILE A 1 91  ? 10.323  -6.278  -11.353 1.00 41.34 ? 121  ILE A CA  1 
ATOM   530  C  C   . ILE A 1 91  ? 11.573  -5.584  -11.925 1.00 41.92 ? 121  ILE A C   1 
ATOM   531  O  O   . ILE A 1 91  ? 11.954  -4.473  -11.510 1.00 41.08 ? 121  ILE A O   1 
ATOM   532  C  CB  . ILE A 1 91  ? 9.034   -5.661  -11.980 1.00 41.19 ? 121  ILE A CB  1 
ATOM   533  C  CG1 . ILE A 1 91  ? 7.785   -6.425  -11.560 1.00 37.32 ? 121  ILE A CG1 1 
ATOM   534  C  CG2 . ILE A 1 91  ? 9.123   -5.597  -13.495 1.00 39.77 ? 121  ILE A CG2 1 
ATOM   535  C  CD1 . ILE A 1 91  ? 6.518   -5.639  -11.867 1.00 34.30 ? 121  ILE A CD1 1 
ATOM   536  N  N   . ASP A 1 92  ? 12.236  -6.238  -12.863 1.00 42.99 ? 122  ASP A N   1 
ATOM   537  C  CA  . ASP A 1 92  ? 13.573  -5.750  -13.220 1.00 44.13 ? 122  ASP A CA  1 
ATOM   538  C  C   . ASP A 1 92  ? 13.632  -4.265  -13.591 1.00 44.01 ? 122  ASP A C   1 
ATOM   539  O  O   . ASP A 1 92  ? 14.470  -3.534  -13.061 1.00 43.60 ? 122  ASP A O   1 
ATOM   540  C  CB  . ASP A 1 92  ? 14.234  -6.619  -14.276 1.00 45.28 ? 122  ASP A CB  1 
ATOM   541  C  CG  . ASP A 1 92  ? 15.717  -6.255  -14.480 1.00 48.84 ? 122  ASP A CG  1 
ATOM   542  O  OD1 . ASP A 1 92  ? 16.001  -5.232  -15.178 1.00 46.83 ? 122  ASP A OD1 1 
ATOM   543  O  OD2 . ASP A 1 92  ? 16.574  -7.005  -13.931 1.00 51.25 ? 122  ASP A OD2 1 
ATOM   544  N  N   . ALA A 1 93  ? 12.727  -3.811  -14.463 1.00 43.85 ? 123  ALA A N   1 
ATOM   545  C  CA  . ALA A 1 93  ? 12.617  -2.388  -14.762 1.00 43.99 ? 123  ALA A CA  1 
ATOM   546  C  C   . ALA A 1 93  ? 12.088  -1.513  -13.615 1.00 44.55 ? 123  ALA A C   1 
ATOM   547  O  O   . ALA A 1 93  ? 12.042  -0.280  -13.751 1.00 44.39 ? 123  ALA A O   1 
ATOM   548  C  CB  . ALA A 1 93  ? 11.745  -2.169  -15.991 1.00 44.12 ? 123  ALA A CB  1 
ATOM   549  N  N   . ILE A 1 94  ? 11.620  -2.119  -12.526 1.00 44.69 ? 124  ILE A N   1 
ATOM   550  C  CA  . ILE A 1 94  ? 11.228  -1.301  -11.382 1.00 44.66 ? 124  ILE A CA  1 
ATOM   551  C  C   . ILE A 1 94  ? 12.494  -1.055  -10.581 1.00 45.06 ? 124  ILE A C   1 
ATOM   552  O  O   . ILE A 1 94  ? 12.793  0.074   -10.239 1.00 43.32 ? 124  ILE A O   1 
ATOM   553  C  CB  . ILE A 1 94  ? 10.100  -1.937  -10.493 1.00 43.75 ? 124  ILE A CB  1 
ATOM   554  C  CG1 . ILE A 1 94  ? 8.798   -2.163  -11.293 1.00 43.10 ? 124  ILE A CG1 1 
ATOM   555  C  CG2 . ILE A 1 94  ? 9.787   -1.042  -9.307  1.00 42.50 ? 124  ILE A CG2 1 
ATOM   556  C  CD1 . ILE A 1 94  ? 8.297   -0.963  -12.105 1.00 38.04 ? 124  ILE A CD1 1 
ATOM   557  N  N   . LYS A 1 95  ? 13.201  -2.140  -10.281 1.00 46.40 ? 125  LYS A N   1 
ATOM   558  C  CA  . LYS A 1 95  ? 14.491  -2.052  -9.639  1.00 49.28 ? 125  LYS A CA  1 
ATOM   559  C  C   . LYS A 1 95  ? 15.402  -1.001  -10.346 1.00 50.70 ? 125  LYS A C   1 
ATOM   560  O  O   . LYS A 1 95  ? 15.868  -0.025  -9.708  1.00 50.79 ? 125  LYS A O   1 
ATOM   561  C  CB  . LYS A 1 95  ? 15.125  -3.453  -9.541  1.00 49.62 ? 125  LYS A CB  1 
ATOM   562  C  CG  . LYS A 1 95  ? 15.166  -4.047  -8.156  1.00 52.10 ? 125  LYS A CG  1 
ATOM   563  C  CD  . LYS A 1 95  ? 14.089  -3.404  -7.245  1.00 60.13 ? 125  LYS A CD  1 
ATOM   564  C  CE  . LYS A 1 95  ? 14.325  -1.875  -6.869  1.00 61.21 ? 125  LYS A CE  1 
ATOM   565  N  NZ  . LYS A 1 95  ? 13.037  -1.081  -6.606  1.00 61.17 ? 125  LYS A NZ  1 
ATOM   566  N  N   . ARG A 1 96  ? 15.576  -1.154  -11.660 1.00 51.45 ? 126  ARG A N   1 
ATOM   567  C  CA  . ARG A 1 96  ? 16.394  -0.224  -12.446 1.00 52.86 ? 126  ARG A CA  1 
ATOM   568  C  C   . ARG A 1 96  ? 15.575  0.907   -13.056 1.00 53.43 ? 126  ARG A C   1 
ATOM   569  O  O   . ARG A 1 96  ? 15.888  1.381   -14.154 1.00 54.23 ? 126  ARG A O   1 
ATOM   570  C  CB  . ARG A 1 96  ? 17.129  -0.974  -13.546 1.00 53.02 ? 126  ARG A CB  1 
ATOM   571  C  CG  . ARG A 1 96  ? 17.320  -2.461  -13.230 1.00 55.62 ? 126  ARG A CG  1 
ATOM   572  C  CD  . ARG A 1 96  ? 18.679  -3.034  -13.621 1.00 60.29 ? 126  ARG A CD  1 
ATOM   573  N  NE  . ARG A 1 96  ? 18.865  -3.159  -15.077 1.00 64.27 ? 126  ARG A NE  1 
ATOM   574  C  CZ  . ARG A 1 96  ? 19.810  -2.519  -15.772 1.00 65.08 ? 126  ARG A CZ  1 
ATOM   575  N  NH1 . ARG A 1 96  ? 20.674  -1.713  -15.158 1.00 65.47 ? 126  ARG A NH1 1 
ATOM   576  N  NH2 . ARG A 1 96  ? 19.908  -2.704  -17.081 1.00 65.82 ? 126  ARG A NH2 1 
ATOM   577  N  N   . ALA A 1 97  ? 14.554  1.355   -12.324 1.00 53.80 ? 127  ALA A N   1 
ATOM   578  C  CA  . ALA A 1 97  ? 13.660  2.459   -12.745 1.00 54.46 ? 127  ALA A CA  1 
ATOM   579  C  C   . ALA A 1 97  ? 14.366  3.743   -13.272 1.00 55.35 ? 127  ALA A C   1 
ATOM   580  O  O   . ALA A 1 97  ? 13.823  4.439   -14.169 1.00 54.82 ? 127  ALA A O   1 
ATOM   581  C  CB  . ALA A 1 97  ? 12.681  2.826   -11.606 1.00 53.36 ? 127  ALA A CB  1 
ATOM   582  N  N   . SER A 1 98  ? 15.533  4.072   -12.695 0.90 56.02 ? 128  SER A N   1 
ATOM   583  C  CA  . SER A 1 98  ? 16.248  5.348   -13.011 1.00 56.31 ? 128  SER A CA  1 
ATOM   584  C  C   . SER A 1 98  ? 16.869  5.379   -14.415 1.00 56.33 ? 128  SER A C   1 
ATOM   585  O  O   . SER A 1 98  ? 17.207  6.446   -14.920 1.00 56.54 ? 128  SER A O   1 
ATOM   586  C  CB  . SER A 1 98  ? 17.274  5.750   -11.927 1.00 56.17 ? 128  SER A CB  1 
ATOM   587  O  OG  . SER A 1 98  ? 18.024  4.643   -11.463 1.00 55.89 ? 128  SER A OG  1 
ATOM   588  N  N   . GLU A 1 99  ? 16.971  4.196   -15.027 1.00 56.71 ? 129  GLU A N   1 
ATOM   589  C  CA  . GLU A 1 99  ? 17.476  3.992   -16.387 1.00 56.38 ? 129  GLU A CA  1 
ATOM   590  C  C   . GLU A 1 99  ? 16.364  3.587   -17.346 1.00 55.19 ? 129  GLU A C   1 
ATOM   591  O  O   . GLU A 1 99  ? 16.655  2.991   -18.403 1.00 55.59 ? 129  GLU A O   1 
ATOM   592  C  CB  . GLU A 1 99  ? 18.469  2.841   -16.383 1.00 57.04 ? 129  GLU A CB  1 
ATOM   593  C  CG  . GLU A 1 99  ? 19.282  2.788   -15.136 1.00 59.88 ? 129  GLU A CG  1 
ATOM   594  C  CD  . GLU A 1 99  ? 19.930  1.448   -14.970 1.00 62.72 ? 129  GLU A CD  1 
ATOM   595  O  OE1 . GLU A 1 99  ? 19.732  0.836   -13.894 1.00 62.32 ? 129  GLU A OE1 1 
ATOM   596  O  OE2 . GLU A 1 99  ? 20.627  1.018   -15.922 1.00 62.84 ? 129  GLU A OE2 1 
ATOM   597  N  N   . ALA A 1 100 ? 15.113  3.878   -16.975 1.00 52.65 ? 130  ALA A N   1 
ATOM   598  C  CA  . ALA A 1 100 ? 13.952  3.503   -17.778 1.00 50.78 ? 130  ALA A CA  1 
ATOM   599  C  C   . ALA A 1 100 ? 13.149  4.740   -18.139 1.00 49.79 ? 130  ALA A C   1 
ATOM   600  O  O   . ALA A 1 100 ? 13.507  5.862   -17.749 1.00 49.28 ? 130  ALA A O   1 
ATOM   601  C  CB  . ALA A 1 100 ? 13.085  2.448   -17.049 1.00 50.40 ? 130  ALA A CB  1 
ATOM   602  N  N   . SER A 1 101 ? 12.070  4.564   -18.896 1.00 49.01 ? 131  SER A N   1 
ATOM   603  C  CA  . SER A 1 101 ? 11.319  5.748   -19.290 1.00 48.68 ? 131  SER A CA  1 
ATOM   604  C  C   . SER A 1 101 ? 11.037  6.670   -18.077 1.00 48.62 ? 131  SER A C   1 
ATOM   605  O  O   . SER A 1 101 ? 11.102  6.248   -16.893 1.00 48.36 ? 131  SER A O   1 
ATOM   606  C  CB  . SER A 1 101 ? 10.056  5.425   -20.122 1.00 47.97 ? 131  SER A CB  1 
ATOM   607  O  OG  . SER A 1 101 ? 9.147   4.586   -19.440 1.00 46.29 ? 131  SER A OG  1 
ATOM   608  N  N   . ALA A 1 102 ? 10.759  7.930   -18.375 1.00 48.33 ? 132  ALA A N   1 
ATOM   609  C  CA  . ALA A 1 102 ? 10.359  8.852   -17.332 1.00 48.66 ? 132  ALA A CA  1 
ATOM   610  C  C   . ALA A 1 102 ? 9.117   8.285   -16.591 1.00 47.87 ? 132  ALA A C   1 
ATOM   611  O  O   . ALA A 1 102 ? 9.168   8.041   -15.379 1.00 48.75 ? 132  ALA A O   1 
ATOM   612  C  CB  . ALA A 1 102 ? 10.111  10.290  -17.918 1.00 49.24 ? 132  ALA A CB  1 
ATOM   613  N  N   . ASP A 1 103 ? 8.048   8.017   -17.335 1.00 46.49 ? 133  ASP A N   1 
ATOM   614  C  CA  . ASP A 1 103 ? 6.842   7.391   -16.811 1.00 45.23 ? 133  ASP A CA  1 
ATOM   615  C  C   . ASP A 1 103 ? 7.100   6.151   -15.914 1.00 44.60 ? 133  ASP A C   1 
ATOM   616  O  O   . ASP A 1 103 ? 6.385   5.923   -14.930 1.00 43.69 ? 133  ASP A O   1 
ATOM   617  C  CB  . ASP A 1 103 ? 5.895   7.070   -17.967 1.00 45.32 ? 133  ASP A CB  1 
ATOM   618  C  CG  . ASP A 1 103 ? 5.300   8.350   -18.651 1.00 46.98 ? 133  ASP A CG  1 
ATOM   619  O  OD1 . ASP A 1 103 ? 5.355   9.463   -18.100 1.00 43.97 ? 133  ASP A OD1 1 
ATOM   620  O  OD2 . ASP A 1 103 ? 4.743   8.242   -19.763 1.00 48.22 ? 133  ASP A OD2 1 
ATOM   621  N  N   . THR A 1 104 ? 8.132   5.366   -16.208 1.00 43.84 ? 134  THR A N   1 
ATOM   622  C  CA  . THR A 1 104 ? 8.375   4.195   -15.362 1.00 43.51 ? 134  THR A CA  1 
ATOM   623  C  C   . THR A 1 104 ? 8.972   4.513   -14.003 1.00 44.10 ? 134  THR A C   1 
ATOM   624  O  O   . THR A 1 104 ? 8.438   4.081   -12.975 1.00 44.60 ? 134  THR A O   1 
ATOM   625  C  CB  . THR A 1 104 ? 9.014   2.936   -16.127 1.00 43.54 ? 134  THR A CB  1 
ATOM   626  O  OG1 . THR A 1 104 ? 9.813   2.114   -15.263 1.00 39.32 ? 134  THR A OG1 1 
ATOM   627  C  CG2 . THR A 1 104 ? 9.800   3.342   -17.287 1.00 43.48 ? 134  THR A CG2 1 
ATOM   628  N  N   . GLU A 1 105 ? 10.072  5.262   -14.007 1.00 44.93 ? 135  GLU A N   1 
ATOM   629  C  CA  . GLU A 1 105 ? 10.688  5.833   -12.803 1.00 44.46 ? 135  GLU A CA  1 
ATOM   630  C  C   . GLU A 1 105 ? 9.648   6.429   -11.832 1.00 44.15 ? 135  GLU A C   1 
ATOM   631  O  O   . GLU A 1 105 ? 9.577   6.043   -10.645 1.00 44.22 ? 135  GLU A O   1 
ATOM   632  C  CB  . GLU A 1 105 ? 11.655  6.965   -13.213 1.00 45.32 ? 135  GLU A CB  1 
ATOM   633  C  CG  . GLU A 1 105 ? 12.092  7.898   -12.039 1.00 46.55 ? 135  GLU A CG  1 
ATOM   634  C  CD  . GLU A 1 105 ? 12.604  7.108   -10.804 1.00 50.62 ? 135  GLU A CD  1 
ATOM   635  O  OE1 . GLU A 1 105 ? 12.461  7.618   -9.646  1.00 55.04 ? 135  GLU A OE1 1 
ATOM   636  O  OE2 . GLU A 1 105 ? 13.130  5.969   -10.983 1.00 50.84 ? 135  GLU A OE2 1 
ATOM   637  N  N   . ALA A 1 106 ? 8.878   7.383   -12.364 1.00 42.57 ? 136  ALA A N   1 
ATOM   638  C  CA  . ALA A 1 106 ? 7.856   8.097   -11.626 1.00 42.24 ? 136  ALA A CA  1 
ATOM   639  C  C   . ALA A 1 106 ? 6.797   7.152   -11.043 1.00 41.72 ? 136  ALA A C   1 
ATOM   640  O  O   . ALA A 1 106 ? 6.223   7.483   -9.983  1.00 41.10 ? 136  ALA A O   1 
ATOM   641  C  CB  . ALA A 1 106 ? 7.187   9.213   -12.520 1.00 41.91 ? 136  ALA A CB  1 
ATOM   642  N  N   . PHE A 1 107 ? 6.521   6.024   -11.749 1.00 40.12 ? 137  PHE A N   1 
ATOM   643  C  CA  . PHE A 1 107 ? 5.629   4.992   -11.224 1.00 38.26 ? 137  PHE A CA  1 
ATOM   644  C  C   . PHE A 1 107 ? 6.304   4.331   -10.040 1.00 38.73 ? 137  PHE A C   1 
ATOM   645  O  O   . PHE A 1 107 ? 5.686   4.123   -8.985  1.00 39.18 ? 137  PHE A O   1 
ATOM   646  C  CB  . PHE A 1 107 ? 5.177   3.932   -12.256 1.00 37.10 ? 137  PHE A CB  1 
ATOM   647  C  CG  . PHE A 1 107 ? 4.598   2.703   -11.611 1.00 32.42 ? 137  PHE A CG  1 
ATOM   648  C  CD1 . PHE A 1 107 ? 3.235   2.619   -11.337 1.00 29.70 ? 137  PHE A CD1 1 
ATOM   649  C  CD2 . PHE A 1 107 ? 5.431   1.668   -11.186 1.00 30.80 ? 137  PHE A CD2 1 
ATOM   650  C  CE1 . PHE A 1 107 ? 2.676   1.504   -10.675 1.00 26.60 ? 137  PHE A CE1 1 
ATOM   651  C  CE2 . PHE A 1 107 ? 4.893   0.534   -10.505 1.00 34.12 ? 137  PHE A CE2 1 
ATOM   652  C  CZ  . PHE A 1 107 ? 3.501   0.465   -10.234 1.00 29.05 ? 137  PHE A CZ  1 
ATOM   653  N  N   . LYS A 1 108 ? 7.566   3.986   -10.189 1.00 38.62 ? 138  LYS A N   1 
ATOM   654  C  CA  . LYS A 1 108 ? 8.241   3.356   -9.078  1.00 39.19 ? 138  LYS A CA  1 
ATOM   655  C  C   . LYS A 1 108 ? 8.151   4.269   -7.814  1.00 40.45 ? 138  LYS A C   1 
ATOM   656  O  O   . LYS A 1 108 ? 7.489   3.919   -6.841  1.00 40.30 ? 138  LYS A O   1 
ATOM   657  C  CB  . LYS A 1 108 ? 9.668   2.958   -9.454  1.00 38.96 ? 138  LYS A CB  1 
ATOM   658  C  CG  . LYS A 1 108 ? 10.476  2.245   -8.345  1.00 40.27 ? 138  LYS A CG  1 
ATOM   659  C  CD  . LYS A 1 108 ? 11.391  3.242   -7.617  1.00 41.86 ? 138  LYS A CD  1 
ATOM   660  C  CE  . LYS A 1 108 ? 12.525  2.553   -6.899  1.00 44.23 ? 138  LYS A CE  1 
ATOM   661  N  NZ  . LYS A 1 108 ? 13.489  1.879   -7.828  1.00 44.99 ? 138  LYS A NZ  1 
ATOM   662  N  N   . LYS A 1 109 ? 8.764   5.448   -7.858  1.00 41.25 ? 139  LYS A N   1 
ATOM   663  C  CA  . LYS A 1 109 ? 8.777   6.350   -6.720  1.00 42.36 ? 139  LYS A CA  1 
ATOM   664  C  C   . LYS A 1 109 ? 7.397   6.467   -6.007  1.00 42.08 ? 139  LYS A C   1 
ATOM   665  O  O   . LYS A 1 109 ? 7.289   6.137   -4.814  1.00 42.34 ? 139  LYS A O   1 
ATOM   666  C  CB  . LYS A 1 109 ? 9.318   7.706   -7.157  1.00 42.71 ? 139  LYS A CB  1 
ATOM   667  C  CG  . LYS A 1 109 ? 9.693   8.660   -6.013  1.00 47.16 ? 139  LYS A CG  1 
ATOM   668  C  CD  . LYS A 1 109 ? 10.072  10.094  -6.561  1.00 51.55 ? 139  LYS A CD  1 
ATOM   669  C  CE  . LYS A 1 109 ? 9.461   11.188  -5.659  1.00 53.86 ? 139  LYS A CE  1 
ATOM   670  N  NZ  . LYS A 1 109 ? 9.067   12.398  -6.434  1.00 53.71 ? 139  LYS A NZ  1 
ATOM   671  N  N   . ILE A 1 110 ? 6.364   6.899   -6.740  1.00 40.93 ? 140  ILE A N   1 
ATOM   672  C  CA  . ILE A 1 110 ? 5.005   7.038   -6.195  1.00 40.50 ? 140  ILE A CA  1 
ATOM   673  C  C   . ILE A 1 110 ? 4.363   5.737   -5.631  1.00 39.14 ? 140  ILE A C   1 
ATOM   674  O  O   . ILE A 1 110 ? 3.706   5.806   -4.616  1.00 39.11 ? 140  ILE A O   1 
ATOM   675  C  CB  . ILE A 1 110 ? 4.029   7.758   -7.180  1.00 40.55 ? 140  ILE A CB  1 
ATOM   676  C  CG1 . ILE A 1 110 ? 2.840   8.355   -6.425  1.00 44.15 ? 140  ILE A CG1 1 
ATOM   677  C  CG2 . ILE A 1 110 ? 3.474   6.817   -8.251  1.00 41.95 ? 140  ILE A CG2 1 
ATOM   678  C  CD1 . ILE A 1 110 ? 3.035   9.835   -6.079  1.00 45.73 ? 140  ILE A CD1 1 
ATOM   679  N  N   . PHE A 1 111 ? 4.552   4.573   -6.261  1.00 37.54 ? 141  PHE A N   1 
ATOM   680  C  CA  . PHE A 1 111 ? 3.981   3.320   -5.710  1.00 36.25 ? 141  PHE A CA  1 
ATOM   681  C  C   . PHE A 1 111 ? 4.699   2.874   -4.431  1.00 36.48 ? 141  PHE A C   1 
ATOM   682  O  O   . PHE A 1 111 ? 4.102   2.218   -3.560  1.00 36.13 ? 141  PHE A O   1 
ATOM   683  C  CB  . PHE A 1 111 ? 3.961   2.175   -6.725  1.00 34.74 ? 141  PHE A CB  1 
ATOM   684  C  CG  . PHE A 1 111 ? 3.756   0.812   -6.098  1.00 32.42 ? 141  PHE A CG  1 
ATOM   685  C  CD1 . PHE A 1 111 ? 2.484   0.382   -5.736  1.00 32.61 ? 141  PHE A CD1 1 
ATOM   686  C  CD2 . PHE A 1 111 ? 4.843   -0.024  -5.844  1.00 28.08 ? 141  PHE A CD2 1 
ATOM   687  C  CE1 . PHE A 1 111 ? 2.290   -0.876  -5.114  1.00 33.26 ? 141  PHE A CE1 1 
ATOM   688  C  CE2 . PHE A 1 111 ? 4.680   -1.239  -5.241  1.00 28.92 ? 141  PHE A CE2 1 
ATOM   689  C  CZ  . PHE A 1 111 ? 3.398   -1.701  -4.883  1.00 29.87 ? 141  PHE A CZ  1 
ATOM   690  N  N   . LYS A 1 112 ? 5.979   3.197   -4.331  1.00 36.18 ? 142  LYS A N   1 
ATOM   691  C  CA  . LYS A 1 112 ? 6.709   2.957   -3.101  1.00 37.00 ? 142  LYS A CA  1 
ATOM   692  C  C   . LYS A 1 112 ? 6.142   3.815   -1.960  1.00 36.41 ? 142  LYS A C   1 
ATOM   693  O  O   . LYS A 1 112 ? 5.923   3.310   -0.884  1.00 37.20 ? 142  LYS A O   1 
ATOM   694  C  CB  . LYS A 1 112 ? 8.180   3.292   -3.282  1.00 37.49 ? 142  LYS A CB  1 
ATOM   695  C  CG  . LYS A 1 112 ? 9.104   2.517   -2.335  1.00 41.53 ? 142  LYS A CG  1 
ATOM   696  C  CD  . LYS A 1 112 ? 10.418  3.335   -2.232  1.00 50.59 ? 142  LYS A CD  1 
ATOM   697  C  CE  . LYS A 1 112 ? 11.621  2.513   -1.779  1.00 53.99 ? 142  LYS A CE  1 
ATOM   698  N  NZ  . LYS A 1 112 ? 12.299  3.370   -0.762  1.00 56.50 ? 142  LYS A NZ  1 
ATOM   699  N  N   . GLU A 1 113 ? 5.918   5.105   -2.190  1.00 35.40 ? 143  GLU A N   1 
ATOM   700  C  CA  . GLU A 1 113 ? 5.371   5.966   -1.135  1.00 35.00 ? 143  GLU A CA  1 
ATOM   701  C  C   . GLU A 1 113 ? 3.908   5.651   -0.828  1.00 33.64 ? 143  GLU A C   1 
ATOM   702  O  O   . GLU A 1 113 ? 3.473   5.704   0.295   1.00 34.21 ? 143  GLU A O   1 
ATOM   703  C  CB  . GLU A 1 113 ? 5.451   7.426   -1.548  1.00 35.19 ? 143  GLU A CB  1 
ATOM   704  C  CG  . GLU A 1 113 ? 6.849   8.008   -1.462  1.00 37.26 ? 143  GLU A CG  1 
ATOM   705  C  CD  . GLU A 1 113 ? 6.955   9.291   -2.238  1.00 39.85 ? 143  GLU A CD  1 
ATOM   706  O  OE1 . GLU A 1 113 ? 5.907   9.928   -2.551  1.00 39.12 ? 143  GLU A OE1 1 
ATOM   707  O  OE2 . GLU A 1 113 ? 8.109   9.675   -2.520  1.00 45.85 ? 143  GLU A OE2 1 
ATOM   708  N  N   . TRP A 1 114 ? 3.143   5.340   -1.857  1.00 32.62 ? 144  TRP A N   1 
ATOM   709  C  CA  . TRP A 1 114 ? 1.771   4.975   -1.683  1.00 30.65 ? 144  TRP A CA  1 
ATOM   710  C  C   . TRP A 1 114 ? 1.647   3.663   -0.931  1.00 29.49 ? 144  TRP A C   1 
ATOM   711  O  O   . TRP A 1 114 ? 0.928   3.578   0.042   1.00 30.73 ? 144  TRP A O   1 
ATOM   712  C  CB  . TRP A 1 114 ? 1.107   4.939   -3.036  1.00 29.42 ? 144  TRP A CB  1 
ATOM   713  C  CG  . TRP A 1 114 ? -0.321  4.564   -2.994  1.00 29.34 ? 144  TRP A CG  1 
ATOM   714  C  CD1 . TRP A 1 114 ? -1.389  5.389   -2.774  1.00 27.06 ? 144  TRP A CD1 1 
ATOM   715  C  CD2 . TRP A 1 114 ? -0.854  3.259   -3.208  1.00 28.49 ? 144  TRP A CD2 1 
ATOM   716  N  NE1 . TRP A 1 114 ? -2.557  4.670   -2.817  1.00 26.30 ? 144  TRP A NE1 1 
ATOM   717  C  CE2 . TRP A 1 114 ? -2.262  3.364   -3.103  1.00 26.26 ? 144  TRP A CE2 1 
ATOM   718  C  CE3 . TRP A 1 114 ? -0.276  2.005   -3.495  1.00 27.81 ? 144  TRP A CE3 1 
ATOM   719  C  CZ2 . TRP A 1 114 ? -3.115  2.268   -3.300  1.00 25.33 ? 144  TRP A CZ2 1 
ATOM   720  C  CZ3 . TRP A 1 114 ? -1.131  0.905   -3.677  1.00 27.04 ? 144  TRP A CZ3 1 
ATOM   721  C  CH2 . TRP A 1 114 ? -2.536  1.052   -3.560  1.00 25.76 ? 144  TRP A CH2 1 
ATOM   722  N  N   . SER A 1 115 ? 2.400   2.654   -1.312  1.00 28.90 ? 145  SER A N   1 
ATOM   723  C  CA  . SER A 1 115 ? 2.169   1.354   -0.734  1.00 29.21 ? 145  SER A CA  1 
ATOM   724  C  C   . SER A 1 115 ? 2.675   1.310   0.735   1.00 28.77 ? 145  SER A C   1 
ATOM   725  O  O   . SER A 1 115 ? 2.093   0.631   1.598   1.00 28.24 ? 145  SER A O   1 
ATOM   726  C  CB  . SER A 1 115 ? 2.869   0.285   -1.577  1.00 29.52 ? 145  SER A CB  1 
ATOM   727  O  OG  . SER A 1 115 ? 4.253   0.611   -1.745  1.00 31.73 ? 145  SER A OG  1 
ATOM   728  N  N   . GLU A 1 116 ? 3.777   1.990   0.963   1.00 27.76 ? 146  GLU A N   1 
ATOM   729  C  CA  . GLU A 1 116 ? 4.379   2.105   2.282   1.00 30.39 ? 146  GLU A CA  1 
ATOM   730  C  C   . GLU A 1 116 ? 3.398   2.700   3.282   1.00 29.57 ? 146  GLU A C   1 
ATOM   731  O  O   . GLU A 1 116 ? 3.223   2.130   4.337   1.00 29.35 ? 146  GLU A O   1 
ATOM   732  C  CB  . GLU A 1 116 ? 5.603   3.044   2.261   1.00 30.35 ? 146  GLU A CB  1 
ATOM   733  C  CG  . GLU A 1 116 ? 6.898   2.362   2.472   1.00 36.65 ? 146  GLU A CG  1 
ATOM   734  C  CD  . GLU A 1 116 ? 6.817   1.160   3.443   1.00 43.60 ? 146  GLU A CD  1 
ATOM   735  O  OE1 . GLU A 1 116 ? 6.732   1.428   4.655   1.00 45.37 ? 146  GLU A OE1 1 
ATOM   736  O  OE2 . GLU A 1 116 ? 6.867   -0.042  3.001   1.00 42.32 ? 146  GLU A OE2 1 
ATOM   737  N  N   . PHE A 1 117 ? 2.807   3.847   2.928   1.00 29.01 ? 147  PHE A N   1 
ATOM   738  C  CA  . PHE A 1 117 ? 1.879   4.553   3.783   1.00 29.99 ? 147  PHE A CA  1 
ATOM   739  C  C   . PHE A 1 117 ? 0.650   3.729   4.120   1.00 30.48 ? 147  PHE A C   1 
ATOM   740  O  O   . PHE A 1 117 ? 0.241   3.597   5.287   1.00 31.47 ? 147  PHE A O   1 
ATOM   741  C  CB  . PHE A 1 117 ? 1.461   5.788   3.055   1.00 29.39 ? 147  PHE A CB  1 
ATOM   742  C  CG  . PHE A 1 117 ? 0.294   6.501   3.671   1.00 30.93 ? 147  PHE A CG  1 
ATOM   743  C  CD1 . PHE A 1 117 ? -1.026  6.080   3.408   1.00 31.92 ? 147  PHE A CD1 1 
ATOM   744  C  CD2 . PHE A 1 117 ? 0.505   7.659   4.444   1.00 28.90 ? 147  PHE A CD2 1 
ATOM   745  C  CE1 . PHE A 1 117 ? -2.133  6.789   3.953   1.00 33.43 ? 147  PHE A CE1 1 
ATOM   746  C  CE2 . PHE A 1 117 ? -0.566  8.407   4.945   1.00 31.11 ? 147  PHE A CE2 1 
ATOM   747  C  CZ  . PHE A 1 117 ? -1.905  7.956   4.750   1.00 31.66 ? 147  PHE A CZ  1 
ATOM   748  N  N   . LYS A 1 118 ? 0.083   3.138   3.090   1.00 30.34 ? 148  LYS A N   1 
ATOM   749  C  CA  . LYS A 1 118 ? -1.014  2.222   3.283   1.00 29.53 ? 148  LYS A CA  1 
ATOM   750  C  C   . LYS A 1 118 ? -0.710  1.065   4.141   1.00 28.62 ? 148  LYS A C   1 
ATOM   751  O  O   . LYS A 1 118 ? -1.523  0.718   4.982   1.00 30.42 ? 148  LYS A O   1 
ATOM   752  C  CB  . LYS A 1 118 ? -1.647  1.835   1.948   1.00 29.65 ? 148  LYS A CB  1 
ATOM   753  C  CG  . LYS A 1 118 ? -2.579  2.951   1.643   1.00 31.53 ? 148  LYS A CG  1 
ATOM   754  C  CD  . LYS A 1 118 ? -3.621  2.594   0.625   1.00 37.44 ? 148  LYS A CD  1 
ATOM   755  C  CE  . LYS A 1 118 ? -4.573  3.749   0.458   1.00 32.38 ? 148  LYS A CE  1 
ATOM   756  N  NZ  . LYS A 1 118 ? -5.738  3.097   -0.181  1.00 33.77 ? 148  LYS A NZ  1 
ATOM   757  N  N   . ILE A 1 119 ? 0.457   0.475   4.009   1.00 28.52 ? 149  ILE A N   1 
ATOM   758  C  CA  . ILE A 1 119 ? 0.786   -0.606  4.926   1.00 28.35 ? 149  ILE A CA  1 
ATOM   759  C  C   . ILE A 1 119 ? 1.056   -0.114  6.385   1.00 28.58 ? 149  ILE A C   1 
ATOM   760  O  O   . ILE A 1 119 ? 0.608   -0.725  7.353   1.00 28.33 ? 149  ILE A O   1 
ATOM   761  C  CB  . ILE A 1 119 ? 2.014   -1.407  4.436   1.00 27.95 ? 149  ILE A CB  1 
ATOM   762  C  CG1 . ILE A 1 119 ? 1.642   -2.319  3.273   1.00 29.96 ? 149  ILE A CG1 1 
ATOM   763  C  CG2 . ILE A 1 119 ? 2.584   -2.293  5.565   1.00 26.41 ? 149  ILE A CG2 1 
ATOM   764  C  CD1 . ILE A 1 119 ? 2.859   -2.611  2.297   1.00 27.89 ? 149  ILE A CD1 1 
ATOM   765  N  N   . GLU A 1 120 ? 1.835   0.959   6.531   1.00 29.63 ? 150  GLU A N   1 
ATOM   766  C  CA  . GLU A 1 120 ? 2.278   1.418   7.838   1.00 31.30 ? 150  GLU A CA  1 
ATOM   767  C  C   . GLU A 1 120 ? 1.063   1.872   8.639   1.00 31.18 ? 150  GLU A C   1 
ATOM   768  O  O   . GLU A 1 120 ? 1.001   1.643   9.838   1.00 33.03 ? 150  GLU A O   1 
ATOM   769  C  CB  . GLU A 1 120 ? 3.312   2.534   7.708   1.00 31.38 ? 150  GLU A CB  1 
ATOM   770  C  CG  . GLU A 1 120 ? 3.872   3.041   9.089   1.00 36.71 ? 150  GLU A CG  1 
ATOM   771  C  CD  . GLU A 1 120 ? 4.642   1.986   9.901   1.00 39.40 ? 150  GLU A CD  1 
ATOM   772  O  OE1 . GLU A 1 120 ? 5.284   1.130   9.280   1.00 42.76 ? 150  GLU A OE1 1 
ATOM   773  O  OE2 . GLU A 1 120 ? 4.622   2.020   11.158  1.00 41.22 ? 150  GLU A OE2 1 
ATOM   774  N  N   . ARG A 1 121 ? 0.069   2.394   7.935   1.00 31.33 ? 151  ARG A N   1 
ATOM   775  C  CA  . ARG A 1 121 ? -1.157  2.901   8.499   1.00 32.00 ? 151  ARG A CA  1 
ATOM   776  C  C   . ARG A 1 121 ? -1.981  1.789   9.118   1.00 31.21 ? 151  ARG A C   1 
ATOM   777  O  O   . ARG A 1 121 ? -2.591  1.985   10.205  1.00 30.34 ? 151  ARG A O   1 
ATOM   778  C  CB  . ARG A 1 121 ? -1.981  3.665   7.437   1.00 33.22 ? 151  ARG A CB  1 
ATOM   779  C  CG  . ARG A 1 121 ? -3.345  4.018   7.933   1.00 34.85 ? 151  ARG A CG  1 
ATOM   780  C  CD  . ARG A 1 121 ? -3.951  5.141   7.112   1.00 39.96 ? 151  ARG A CD  1 
ATOM   781  N  NE  . ARG A 1 121 ? -4.496  4.566   5.920   1.00 43.03 ? 151  ARG A NE  1 
ATOM   782  C  CZ  . ARG A 1 121 ? -5.349  5.167   5.100   1.00 44.47 ? 151  ARG A CZ  1 
ATOM   783  N  NH1 . ARG A 1 121 ? -5.792  6.408   5.355   1.00 41.58 ? 151  ARG A NH1 1 
ATOM   784  N  NH2 . ARG A 1 121 ? -5.761  4.506   4.012   1.00 39.72 ? 151  ARG A NH2 1 
ATOM   785  N  N   . ILE A 1 122 ? -1.969  0.621   8.475   1.00 29.03 ? 152  ILE A N   1 
ATOM   786  C  CA  . ILE A 1 122 ? -2.605  -0.541  9.096   1.00 27.55 ? 152  ILE A CA  1 
ATOM   787  C  C   . ILE A 1 122 ? -1.799  -1.014  10.321  1.00 27.76 ? 152  ILE A C   1 
ATOM   788  O  O   . ILE A 1 122 ? -2.378  -1.396  11.307  1.00 27.57 ? 152  ILE A O   1 
ATOM   789  C  CB  . ILE A 1 122 ? -2.822  -1.700  8.105   1.00 26.78 ? 152  ILE A CB  1 
ATOM   790  C  CG1 . ILE A 1 122 ? -3.944  -1.328  7.111   1.00 25.85 ? 152  ILE A CG1 1 
ATOM   791  C  CG2 . ILE A 1 122 ? -3.219  -2.983  8.828   1.00 21.16 ? 152  ILE A CG2 1 
ATOM   792  C  CD1 . ILE A 1 122 ? -3.663  -1.796  5.701   1.00 21.98 ? 152  ILE A CD1 1 
ATOM   793  N  N   . GLN A 1 123 ? -0.476  -0.978  10.218  1.00 27.79 ? 153  GLN A N   1 
ATOM   794  C  CA  . GLN A 1 123 ? 0.438   -1.391  11.285  1.00 28.53 ? 153  GLN A CA  1 
ATOM   795  C  C   . GLN A 1 123 ? 0.187   -0.555  12.536  1.00 28.41 ? 153  GLN A C   1 
ATOM   796  O  O   . GLN A 1 123 ? 0.148   -1.072  13.656  1.00 28.79 ? 153  GLN A O   1 
ATOM   797  C  CB  . GLN A 1 123 ? 1.889   -1.207  10.810  1.00 28.55 ? 153  GLN A CB  1 
ATOM   798  C  CG  . GLN A 1 123 ? 2.940   -1.759  11.797  1.00 30.28 ? 153  GLN A CG  1 
ATOM   799  C  CD  . GLN A 1 123 ? 2.693   -3.215  12.192  1.00 34.67 ? 153  GLN A CD  1 
ATOM   800  O  OE1 . GLN A 1 123 ? 2.351   -3.499  13.347  1.00 35.44 ? 153  GLN A OE1 1 
ATOM   801  N  NE2 . GLN A 1 123 ? 2.855   -4.147  11.233  1.00 34.12 ? 153  GLN A NE2 1 
ATOM   802  N  N   . VAL A 1 124 ? -0.030  0.728   12.307  1.00 27.59 ? 154  VAL A N   1 
ATOM   803  C  CA  . VAL A 1 124 ? -0.234  1.672   13.377  1.00 27.94 ? 154  VAL A CA  1 
ATOM   804  C  C   . VAL A 1 124 ? -1.569  1.456   13.984  1.00 27.97 ? 154  VAL A C   1 
ATOM   805  O  O   . VAL A 1 124 ? -1.712  1.441   15.216  1.00 30.92 ? 154  VAL A O   1 
ATOM   806  C  CB  . VAL A 1 124 ? -0.094  3.100   12.899  1.00 27.38 ? 154  VAL A CB  1 
ATOM   807  C  CG1 . VAL A 1 124 ? -0.486  4.083   14.000  1.00 29.00 ? 154  VAL A CG1 1 
ATOM   808  C  CG2 . VAL A 1 124 ? 1.340   3.344   12.520  1.00 26.84 ? 154  VAL A CG2 1 
ATOM   809  N  N   . THR A 1 125 ? -2.555  1.174   13.165  1.00 26.88 ? 155  THR A N   1 
ATOM   810  C  CA  . THR A 1 125 ? -3.823  1.076   13.758  1.00 25.47 ? 155  THR A CA  1 
ATOM   811  C  C   . THR A 1 125 ? -3.960  -0.134  14.668  1.00 26.21 ? 155  THR A C   1 
ATOM   812  O  O   . THR A 1 125 ? -4.552  -0.051  15.778  1.00 25.32 ? 155  THR A O   1 
ATOM   813  C  CB  . THR A 1 125 ? -5.019  1.333   12.817  1.00 25.02 ? 155  THR A CB  1 
ATOM   814  O  OG1 . THR A 1 125 ? -5.941  0.273   12.889  1.00 29.46 ? 155  THR A OG1 1 
ATOM   815  C  CG2 . THR A 1 125 ? -4.691  1.699   11.481  1.00 20.88 ? 155  THR A CG2 1 
ATOM   816  N  N   . ILE A 1 126 ? -3.411  -1.259  14.230  1.00 25.68 ? 156  ILE A N   1 
ATOM   817  C  CA  . ILE A 1 126 ? -3.383  -2.454  15.102  1.00 24.75 ? 156  ILE A CA  1 
ATOM   818  C  C   . ILE A 1 126 ? -2.488  -2.249  16.348  1.00 24.93 ? 156  ILE A C   1 
ATOM   819  O  O   . ILE A 1 126 ? -2.827  -2.720  17.403  1.00 24.60 ? 156  ILE A O   1 
ATOM   820  C  CB  . ILE A 1 126 ? -3.007  -3.785  14.316  1.00 23.80 ? 156  ILE A CB  1 
ATOM   821  C  CG1 . ILE A 1 126 ? -3.162  -5.034  15.181  1.00 22.17 ? 156  ILE A CG1 1 
ATOM   822  C  CG2 . ILE A 1 126 ? -1.610  -3.711  13.752  1.00 21.38 ? 156  ILE A CG2 1 
ATOM   823  C  CD1 . ILE A 1 126 ? -4.616  -5.299  15.767  1.00 21.66 ? 156  ILE A CD1 1 
ATOM   824  N  N   . ASP A 1 127 ? -1.362  -1.558  16.191  1.00 25.49 ? 157  ASP A N   1 
ATOM   825  C  CA  . ASP A 1 127 ? -0.522  -1.165  17.293  1.00 26.18 ? 157  ASP A CA  1 
ATOM   826  C  C   . ASP A 1 127 ? -1.395  -0.433  18.331  1.00 26.99 ? 157  ASP A C   1 
ATOM   827  O  O   . ASP A 1 127 ? -1.502  -0.878  19.474  1.00 29.48 ? 157  ASP A O   1 
ATOM   828  C  CB  . ASP A 1 127 ? 0.619   -0.270  16.779  1.00 26.84 ? 157  ASP A CB  1 
ATOM   829  C  CG  . ASP A 1 127 ? 1.822   -1.088  16.205  1.00 28.11 ? 157  ASP A CG  1 
ATOM   830  O  OD1 . ASP A 1 127 ? 1.760   -2.322  16.117  1.00 26.67 ? 157  ASP A OD1 1 
ATOM   831  O  OD2 . ASP A 1 127 ? 2.857   -0.484  15.812  1.00 27.33 ? 157  ASP A OD2 1 
ATOM   832  N  N   . LEU A 1 128 ? -2.079  0.618   17.905  1.00 26.59 ? 158  LEU A N   1 
ATOM   833  C  CA  . LEU A 1 128 ? -2.950  1.398   18.746  1.00 26.60 ? 158  LEU A CA  1 
ATOM   834  C  C   . LEU A 1 128 ? -3.930  0.538   19.489  1.00 28.03 ? 158  LEU A C   1 
ATOM   835  O  O   . LEU A 1 128 ? -4.183  0.744   20.706  1.00 28.47 ? 158  LEU A O   1 
ATOM   836  C  CB  . LEU A 1 128 ? -3.714  2.428   17.911  1.00 25.71 ? 158  LEU A CB  1 
ATOM   837  C  CG  . LEU A 1 128 ? -2.906  3.666   17.433  1.00 26.28 ? 158  LEU A CG  1 
ATOM   838  C  CD1 . LEU A 1 128 ? -3.603  4.538   16.371  1.00 23.07 ? 158  LEU A CD1 1 
ATOM   839  C  CD2 . LEU A 1 128 ? -2.492  4.600   18.612  1.00 26.15 ? 158  LEU A CD2 1 
ATOM   840  N  N   . LEU A 1 129 ? -4.476  -0.454  18.807  1.00 27.55 ? 159  LEU A N   1 
ATOM   841  C  CA  . LEU A 1 129 ? -5.482  -1.260  19.485  1.00 28.67 ? 159  LEU A CA  1 
ATOM   842  C  C   . LEU A 1 129 ? -4.811  -2.156  20.494  1.00 29.69 ? 159  LEU A C   1 
ATOM   843  O  O   . LEU A 1 129 ? -5.490  -2.730  21.339  1.00 30.15 ? 159  LEU A O   1 
ATOM   844  C  CB  . LEU A 1 129 ? -6.322  -2.085  18.516  1.00 27.09 ? 159  LEU A CB  1 
ATOM   845  C  CG  . LEU A 1 129 ? -7.230  -1.251  17.587  1.00 31.02 ? 159  LEU A CG  1 
ATOM   846  C  CD1 . LEU A 1 129 ? -7.904  -2.167  16.564  1.00 28.75 ? 159  LEU A CD1 1 
ATOM   847  C  CD2 . LEU A 1 129 ? -8.284  -0.395  18.408  1.00 28.70 ? 159  LEU A CD2 1 
ATOM   848  N  N   . ASN A 1 130 ? -3.489  -2.263  20.418  1.00 30.60 ? 160  ASN A N   1 
ATOM   849  C  CA  . ASN A 1 130 ? -2.771  -2.985  21.442  1.00 33.46 ? 160  ASN A CA  1 
ATOM   850  C  C   . ASN A 1 130 ? -2.187  -1.994  22.455  1.00 35.48 ? 160  ASN A C   1 
ATOM   851  O  O   . ASN A 1 130 ? -1.334  -2.370  23.249  1.00 35.90 ? 160  ASN A O   1 
ATOM   852  C  CB  . ASN A 1 130 ? -1.660  -3.842  20.813  1.00 32.79 ? 160  ASN A CB  1 
ATOM   853  C  CG  . ASN A 1 130 ? -2.201  -5.047  20.136  1.00 32.37 ? 160  ASN A CG  1 
ATOM   854  O  OD1 . ASN A 1 130 ? -2.594  -5.999  20.789  1.00 31.99 ? 160  ASN A OD1 1 
ATOM   855  N  ND2 . ASN A 1 130 ? -2.293  -5.000  18.821  1.00 29.08 ? 160  ASN A ND2 1 
ATOM   856  N  N   . GLY A 1 131 ? -2.629  -0.739  22.418  1.00 36.89 ? 161  GLY A N   1 
ATOM   857  C  CA  . GLY A 1 131 ? -2.107  0.252   23.347  1.00 40.31 ? 161  GLY A CA  1 
ATOM   858  C  C   . GLY A 1 131 ? -0.627  0.581   23.139  1.00 42.50 ? 161  GLY A C   1 
ATOM   859  O  O   . GLY A 1 131 ? 0.043   1.044   24.071  1.00 42.24 ? 161  GLY A O   1 
ATOM   860  N  N   . LYS A 1 132 ? -0.105  0.340   21.935  1.00 44.17 ? 162  LYS A N   1 
ATOM   861  C  CA  . LYS A 1 132 ? 1.214   0.838   21.575  1.00 46.88 ? 162  LYS A CA  1 
ATOM   862  C  C   . LYS A 1 132 ? 1.129   2.153   20.836  1.00 48.23 ? 162  LYS A C   1 
ATOM   863  O  O   . LYS A 1 132 ? 0.326   2.315   19.910  1.00 49.33 ? 162  LYS A O   1 
ATOM   864  C  CB  . LYS A 1 132 ? 1.993   -0.184  20.766  1.00 47.30 ? 162  LYS A CB  1 
ATOM   865  C  CG  . LYS A 1 132 ? 2.325   -1.401  21.602  1.00 50.78 ? 162  LYS A CG  1 
ATOM   866  C  CD  . LYS A 1 132 ? 2.601   -2.624  20.778  1.00 55.81 ? 162  LYS A CD  1 
ATOM   867  C  CE  . LYS A 1 132 ? 2.074   -3.877  21.504  0.90 60.39 ? 162  LYS A CE  1 
ATOM   868  N  NZ  . LYS A 1 132 ? 2.050   -5.127  20.614  1.00 62.74 ? 162  LYS A NZ  1 
ATOM   869  N  N   . LYS A 1 133 ? 1.975   3.097   21.227  1.00 49.27 ? 163  LYS A N   1 
ATOM   870  C  CA  . LYS A 1 133 ? 1.860   4.454   20.690  1.00 50.34 ? 163  LYS A CA  1 
ATOM   871  C  C   . LYS A 1 133 ? 3.082   4.957   19.959  1.00 49.38 ? 163  LYS A C   1 
ATOM   872  O  O   . LYS A 1 133 ? 3.025   5.993   19.288  1.00 48.40 ? 163  LYS A O   1 
ATOM   873  C  CB  . LYS A 1 133 ? 1.469   5.440   21.796  1.00 51.10 ? 163  LYS A CB  1 
ATOM   874  C  CG  . LYS A 1 133 ? -0.050  5.701   21.834  1.00 54.72 ? 163  LYS A CG  1 
ATOM   875  C  CD  . LYS A 1 133 ? -0.584  6.514   20.597  1.00 58.73 ? 163  LYS A CD  1 
ATOM   876  C  CE  . LYS A 1 133 ? -0.029  7.941   20.464  1.00 57.88 ? 163  LYS A CE  1 
ATOM   877  N  NZ  . LYS A 1 133 ? 1.329   8.050   19.827  1.00 59.15 ? 163  LYS A NZ  1 
ATOM   878  N  N   . ASP A 1 134 ? 4.176   4.214   20.093  1.00 49.39 ? 164  ASP A N   1 
ATOM   879  C  CA  . ASP A 1 134 ? 5.421   4.544   19.391  1.00 49.71 ? 164  ASP A CA  1 
ATOM   880  C  C   . ASP A 1 134 ? 5.192   4.804   17.876  1.00 48.61 ? 164  ASP A C   1 
ATOM   881  O  O   . ASP A 1 134 ? 5.632   5.847   17.344  1.00 48.66 ? 164  ASP A O   1 
ATOM   882  C  CB  . ASP A 1 134 ? 6.501   3.470   19.648  1.00 50.54 ? 164  ASP A CB  1 
ATOM   883  C  CG  . ASP A 1 134 ? 7.003   3.464   21.114  1.00 54.39 ? 164  ASP A CG  1 
ATOM   884  O  OD1 . ASP A 1 134 ? 6.463   4.282   21.919  1.00 57.44 ? 164  ASP A OD1 1 
ATOM   885  O  OD2 . ASP A 1 134 ? 7.936   2.661   21.458  1.00 52.67 ? 164  ASP A OD2 1 
ATOM   886  N  N   . SER A 1 135 ? 4.482   3.891   17.195  1.00 47.64 ? 165  SER A N   1 
ATOM   887  C  CA  . SER A 1 135 ? 4.337   3.987   15.712  1.00 46.32 ? 165  SER A CA  1 
ATOM   888  C  C   . SER A 1 135 ? 3.413   5.106   15.222  1.00 45.20 ? 165  SER A C   1 
ATOM   889  O  O   . SER A 1 135 ? 3.661   5.626   14.161  1.00 45.57 ? 165  SER A O   1 
ATOM   890  C  CB  . SER A 1 135 ? 3.997   2.633   15.062  1.00 46.38 ? 165  SER A CB  1 
ATOM   891  O  OG  . SER A 1 135 ? 2.867   2.021   15.671  1.00 46.71 ? 165  SER A OG  1 
ATOM   892  N  N   . GLU A 1 136 ? 2.390   5.496   15.988  1.00 44.15 ? 166  GLU A N   1 
ATOM   893  C  CA  . GLU A 1 136 ? 1.592   6.714   15.708  1.00 44.01 ? 166  GLU A CA  1 
ATOM   894  C  C   . GLU A 1 136 ? 2.455   7.961   15.802  1.00 43.01 ? 166  GLU A C   1 
ATOM   895  O  O   . GLU A 1 136 ? 2.190   8.927   15.112  1.00 42.56 ? 166  GLU A O   1 
ATOM   896  C  CB  . GLU A 1 136 ? 0.490   6.893   16.761  1.00 44.14 ? 166  GLU A CB  1 
ATOM   897  C  CG  . GLU A 1 136 ? -0.914  7.489   16.422  1.00 46.65 ? 166  GLU A CG  1 
ATOM   898  C  CD  . GLU A 1 136 ? -1.041  8.579   15.341  1.00 49.05 ? 166  GLU A CD  1 
ATOM   899  O  OE1 . GLU A 1 136 ? -1.388  9.748   15.671  1.00 50.26 ? 166  GLU A OE1 1 
ATOM   900  O  OE2 . GLU A 1 136 ? -0.879  8.248   14.145  1.00 48.48 ? 166  GLU A OE2 1 
ATOM   901  N  N   . ALA A 1 137 ? 3.435   7.965   16.713  1.00 42.91 ? 167  ALA A N   1 
ATOM   902  C  CA  . ALA A 1 137 ? 4.294   9.136   16.908  1.00 43.18 ? 167  ALA A CA  1 
ATOM   903  C  C   . ALA A 1 137 ? 5.192   9.218   15.724  1.00 42.52 ? 167  ALA A C   1 
ATOM   904  O  O   . ALA A 1 137 ? 5.379   10.284  15.186  1.00 43.08 ? 167  ALA A O   1 
ATOM   905  C  CB  . ALA A 1 137 ? 5.130   9.036   18.200  1.00 42.84 ? 167  ALA A CB  1 
ATOM   906  N  N   . VAL A 1 138 ? 5.741   8.073   15.328  1.00 42.46 ? 168  VAL A N   1 
ATOM   907  C  CA  . VAL A 1 138 ? 6.572   8.014   14.132  1.00 43.29 ? 168  VAL A CA  1 
ATOM   908  C  C   . VAL A 1 138 ? 5.710   8.362   12.922  1.00 42.37 ? 168  VAL A C   1 
ATOM   909  O  O   . VAL A 1 138 ? 6.123   9.104   12.075  1.00 42.32 ? 168  VAL A O   1 
ATOM   910  C  CB  . VAL A 1 138 ? 7.246   6.622   13.927  1.00 43.50 ? 168  VAL A CB  1 
ATOM   911  C  CG1 . VAL A 1 138 ? 8.188   6.651   12.675  1.00 45.05 ? 168  VAL A CG1 1 
ATOM   912  C  CG2 . VAL A 1 138 ? 7.999   6.175   15.186  1.00 45.09 ? 168  VAL A CG2 1 
ATOM   913  N  N   . PHE A 1 139 ? 4.492   7.838   12.886  1.00 42.17 ? 169  PHE A N   1 
ATOM   914  C  CA  . PHE A 1 139 ? 3.616   8.022   11.760  1.00 41.54 ? 169  PHE A CA  1 
ATOM   915  C  C   . PHE A 1 139 ? 3.385   9.479   11.486  1.00 41.85 ? 169  PHE A C   1 
ATOM   916  O  O   . PHE A 1 139 ? 3.625   9.903   10.353  1.00 41.30 ? 169  PHE A O   1 
ATOM   917  C  CB  . PHE A 1 139 ? 2.277   7.290   11.958  1.00 41.33 ? 169  PHE A CB  1 
ATOM   918  C  CG  . PHE A 1 139 ? 1.469   7.139   10.674  1.00 41.37 ? 169  PHE A CG  1 
ATOM   919  C  CD1 . PHE A 1 139 ? 1.777   6.126   9.753   1.00 43.07 ? 169  PHE A CD1 1 
ATOM   920  C  CD2 . PHE A 1 139 ? 0.415   7.993   10.392  1.00 39.01 ? 169  PHE A CD2 1 
ATOM   921  C  CE1 . PHE A 1 139 ? 1.038   5.966   8.559   1.00 42.42 ? 169  PHE A CE1 1 
ATOM   922  C  CE2 . PHE A 1 139 ? -0.334  7.850   9.211   1.00 42.03 ? 169  PHE A CE2 1 
ATOM   923  C  CZ  . PHE A 1 139 ? -0.012  6.833   8.283   1.00 43.21 ? 169  PHE A CZ  1 
ATOM   924  N  N   . LYS A 1 140 ? 2.914   10.236  12.495  1.00 42.31 ? 170  LYS A N   1 
ATOM   925  C  CA  . LYS A 1 140 ? 2.670   11.713  12.354  1.00 43.53 ? 170  LYS A CA  1 
ATOM   926  C  C   . LYS A 1 140 ? 3.925   12.489  11.957  1.00 43.52 ? 170  LYS A C   1 
ATOM   927  O  O   . LYS A 1 140 ? 3.841   13.415  11.176  1.00 43.40 ? 170  LYS A O   1 
ATOM   928  C  CB  . LYS A 1 140 ? 2.140   12.344  13.647  1.00 44.22 ? 170  LYS A CB  1 
ATOM   929  C  CG  . LYS A 1 140 ? 0.655   12.209  13.914  1.00 46.30 ? 170  LYS A CG  1 
ATOM   930  C  CD  . LYS A 1 140 ? 0.265   13.137  15.077  1.00 51.64 ? 170  LYS A CD  1 
ATOM   931  C  CE  . LYS A 1 140 ? -1.250  13.499  15.102  0.60 53.69 ? 170  LYS A CE  1 
ATOM   932  N  NZ  . LYS A 1 140 ? -1.545  14.975  14.822  1.00 54.92 ? 170  LYS A NZ  1 
ATOM   933  N  N   . LYS A 1 141 ? 5.085   12.108  12.500  1.00 44.39 ? 171  LYS A N   1 
ATOM   934  C  CA  . LYS A 1 141 ? 6.358   12.765  12.139  1.00 45.99 ? 171  LYS A CA  1 
ATOM   935  C  C   . LYS A 1 141 ? 6.611   12.464  10.681  1.00 45.75 ? 171  LYS A C   1 
ATOM   936  O  O   . LYS A 1 141 ? 6.829   13.396  9.915   1.00 45.53 ? 171  LYS A O   1 
ATOM   937  C  CB  . LYS A 1 141 ? 7.576   12.277  12.976  1.00 46.65 ? 171  LYS A CB  1 
ATOM   938  C  CG  . LYS A 1 141 ? 7.697   12.854  14.385  1.00 50.13 ? 171  LYS A CG  1 
ATOM   939  C  CD  . LYS A 1 141 ? 8.889   12.208  15.139  1.00 56.83 ? 171  LYS A CD  1 
ATOM   940  C  CE  . LYS A 1 141 ? 8.984   12.677  16.617  1.00 60.24 ? 171  LYS A CE  1 
ATOM   941  N  NZ  . LYS A 1 141 ? 10.400  13.140  16.963  1.00 64.15 ? 171  LYS A NZ  1 
ATOM   942  N  N   . THR A 1 142 ? 6.554   11.178  10.288  1.00 45.21 ? 172  THR A N   1 
ATOM   943  C  CA  . THR A 1 142 ? 6.840   10.868  8.885   1.00 45.30 ? 172  THR A CA  1 
ATOM   944  C  C   . THR A 1 142 ? 5.772   11.311  7.867   1.00 44.67 ? 172  THR A C   1 
ATOM   945  O  O   . THR A 1 142 ? 6.122   11.722  6.771   1.00 44.32 ? 172  THR A O   1 
ATOM   946  C  CB  . THR A 1 142 ? 7.521   9.483   8.607   1.00 45.63 ? 172  THR A CB  1 
ATOM   947  O  OG1 . THR A 1 142 ? 6.970   8.903   7.424   1.00 47.73 ? 172  THR A OG1 1 
ATOM   948  C  CG2 . THR A 1 142 ? 7.405   8.529   9.742   1.00 43.56 ? 172  THR A CG2 1 
ATOM   949  N  N   . TYR A 1 143 ? 4.496   11.330  8.248   1.00 44.70 ? 173  TYR A N   1 
ATOM   950  C  CA  . TYR A 1 143 ? 3.472   11.890  7.360   1.00 44.16 ? 173  TYR A CA  1 
ATOM   951  C  C   . TYR A 1 143 ? 2.816   13.075  7.996   1.00 45.12 ? 173  TYR A C   1 
ATOM   952  O  O   . TYR A 1 143 ? 1.727   12.917  8.533   1.00 45.17 ? 173  TYR A O   1 
ATOM   953  C  CB  . TYR A 1 143 ? 2.424   10.824  6.984   1.00 44.26 ? 173  TYR A CB  1 
ATOM   954  C  CG  . TYR A 1 143 ? 3.046   9.560   6.409   1.00 41.52 ? 173  TYR A CG  1 
ATOM   955  C  CD1 . TYR A 1 143 ? 3.465   9.494   5.059   1.00 41.48 ? 173  TYR A CD1 1 
ATOM   956  C  CD2 . TYR A 1 143 ? 3.271   8.450   7.215   1.00 40.26 ? 173  TYR A CD2 1 
ATOM   957  C  CE1 . TYR A 1 143 ? 4.061   8.324   4.540   1.00 39.22 ? 173  TYR A CE1 1 
ATOM   958  C  CE2 . TYR A 1 143 ? 3.863   7.266   6.699   1.00 39.97 ? 173  TYR A CE2 1 
ATOM   959  C  CZ  . TYR A 1 143 ? 4.242   7.222   5.366   1.00 37.65 ? 173  TYR A CZ  1 
ATOM   960  O  OH  . TYR A 1 143 ? 4.836   6.079   4.899   1.00 38.80 ? 173  TYR A OH  1 
ATOM   961  N  N   . PRO A 1 144 ? 3.469   14.280  7.938   1.00 46.84 ? 174  PRO A N   1 
ATOM   962  C  CA  . PRO A 1 144 ? 2.957   15.470  8.670   1.00 47.80 ? 174  PRO A CA  1 
ATOM   963  C  C   . PRO A 1 144 ? 1.551   15.843  8.306   1.00 48.66 ? 174  PRO A C   1 
ATOM   964  O  O   . PRO A 1 144 ? 0.815   16.347  9.143   1.00 49.63 ? 174  PRO A O   1 
ATOM   965  C  CB  . PRO A 1 144 ? 3.900   16.629  8.240   1.00 47.57 ? 174  PRO A CB  1 
ATOM   966  C  CG  . PRO A 1 144 ? 4.924   16.049  7.308   1.00 47.77 ? 174  PRO A CG  1 
ATOM   967  C  CD  . PRO A 1 144 ? 4.826   14.528  7.387   1.00 46.80 ? 174  PRO A CD  1 
ATOM   968  N  N   A ASN A 1 145 ? 1.188   15.608  7.054   0.50 48.88 ? 175  ASN A N   1 
ATOM   969  N  N   C ASN A 1 145 ? 1.192   15.600  7.047   0.50 49.10 ? 175  ASN A N   1 
ATOM   970  C  CA  A ASN A 1 145 ? -0.111  15.994  6.557   0.25 49.00 ? 175  ASN A CA  1 
ATOM   971  C  CA  B ASN A 1 145 ? -0.246  17.755  5.133   0.25 22.80 ? 175  ASN A CA  1 
ATOM   972  C  CA  C ASN A 1 145 ? -0.085  16.007  6.475   0.50 49.47 ? 175  ASN A CA  1 
ATOM   973  C  C   A ASN A 1 145 ? -0.738  14.813  5.835   0.50 49.57 ? 175  ASN A C   1 
ATOM   974  C  C   C ASN A 1 145 ? -0.769  14.816  5.808   0.50 49.83 ? 175  ASN A C   1 
ATOM   975  O  O   A ASN A 1 145 ? -0.629  14.688  4.611   0.50 49.52 ? 175  ASN A O   1 
ATOM   976  O  O   C ASN A 1 145 ? -0.740  14.693  4.580   0.50 49.81 ? 175  ASN A O   1 
ATOM   977  C  CB  A ASN A 1 145 ? 0.002   17.214  5.645   0.25 48.72 ? 175  ASN A CB  1 
ATOM   978  C  CB  B ASN A 1 145 ? 0.585   19.032  4.960   0.25 22.66 ? 175  ASN A CB  1 
ATOM   979  C  CB  C ASN A 1 145 ? 0.120   17.143  5.459   0.50 49.35 ? 175  ASN A CB  1 
ATOM   980  C  CG  A ASN A 1 145 ? -1.304  17.949  5.517   0.25 47.77 ? 175  ASN A CG  1 
ATOM   981  C  CG  B ASN A 1 145 ? 1.141   19.546  6.273   0.25 22.43 ? 175  ASN A CG  1 
ATOM   982  C  CG  C ASN A 1 145 ? 1.386   16.965  4.598   0.50 49.50 ? 175  ASN A CG  1 
ATOM   983  O  OD1 A ASN A 1 145 ? -2.357  17.327  5.427   0.25 45.51 ? 175  ASN A OD1 1 
ATOM   984  O  OD1 B ASN A 1 145 ? 0.559   19.325  7.337   0.25 21.44 ? 175  ASN A OD1 1 
ATOM   985  O  OD1 C ASN A 1 145 ? 1.538   15.982  3.844   0.50 48.58 ? 175  ASN A OD1 1 
ATOM   986  N  ND2 A ASN A 1 145 ? -1.252  19.275  5.540   0.25 46.77 ? 175  ASN A ND2 1 
ATOM   987  N  ND2 B ASN A 1 145 ? 2.278   20.234  6.207   0.25 22.74 ? 175  ASN A ND2 1 
ATOM   988  N  ND2 C ASN A 1 145 ? 2.284   17.944  4.684   0.50 48.05 ? 175  ASN A ND2 1 
ATOM   989  N  N   . GLN A 1 146 ? -1.378  13.953  6.626   1.00 49.63 ? 176  GLN A N   1 
ATOM   990  C  CA  . GLN A 1 146 ? -1.872  12.646  6.170   1.00 50.17 ? 176  GLN A CA  1 
ATOM   991  C  C   . GLN A 1 146 ? -2.936  12.693  5.087   1.00 50.97 ? 176  GLN A C   1 
ATOM   992  O  O   . GLN A 1 146 ? -2.995  11.804  4.236   1.00 50.94 ? 176  GLN A O   1 
ATOM   993  C  CB  . GLN A 1 146 ? -2.410  11.825  7.342   1.00 49.71 ? 176  GLN A CB  1 
ATOM   994  C  CG  . GLN A 1 146 ? -1.355  11.222  8.240   1.00 48.60 ? 176  GLN A CG  1 
ATOM   995  C  CD  . GLN A 1 146 ? -1.886  10.920  9.660   1.00 48.35 ? 176  GLN A CD  1 
ATOM   996  O  OE1 . GLN A 1 146 ? -2.931  10.267  9.830   1.00 44.90 ? 176  GLN A OE1 1 
ATOM   997  N  NE2 . GLN A 1 146 ? -1.149  11.394  10.689  1.00 48.27 ? 176  GLN A NE2 1 
ATOM   998  N  N   . ILE A 1 147 ? -3.788  13.707  5.115   1.00 51.67 ? 177  ILE A N   1 
ATOM   999  C  CA  . ILE A 1 147 ? -4.862  13.762  4.128   1.00 52.66 ? 177  ILE A CA  1 
ATOM   1000 C  C   . ILE A 1 147 ? -4.342  14.289  2.800   1.00 52.42 ? 177  ILE A C   1 
ATOM   1001 O  O   . ILE A 1 147 ? -4.744  13.806  1.738   1.00 52.63 ? 177  ILE A O   1 
ATOM   1002 C  CB  . ILE A 1 147 ? -6.053  14.589  4.592   1.00 53.16 ? 177  ILE A CB  1 
ATOM   1003 C  CG1 . ILE A 1 147 ? -6.721  13.905  5.786   1.00 55.46 ? 177  ILE A CG1 1 
ATOM   1004 C  CG2 . ILE A 1 147 ? -7.086  14.760  3.451   1.00 53.75 ? 177  ILE A CG2 1 
ATOM   1005 C  CD1 . ILE A 1 147 ? -7.890  14.725  6.339   1.00 58.52 ? 177  ILE A CD1 1 
ATOM   1006 N  N   . ILE A 1 148 ? -3.451  15.275  2.847   1.00 51.87 ? 178  ILE A N   1 
ATOM   1007 C  CA  . ILE A 1 148 ? -2.947  15.793  1.598   1.00 50.72 ? 178  ILE A CA  1 
ATOM   1008 C  C   . ILE A 1 148 ? -2.054  14.692  1.031   1.00 49.93 ? 178  ILE A C   1 
ATOM   1009 O  O   . ILE A 1 148 ? -2.211  14.312  -0.119  1.00 49.65 ? 178  ILE A O   1 
ATOM   1010 C  CB  . ILE A 1 148 ? -2.208  17.147  1.716   1.00 50.98 ? 178  ILE A CB  1 
ATOM   1011 C  CG1 . ILE A 1 148 ? -3.058  18.229  2.431   1.00 50.59 ? 178  ILE A CG1 1 
ATOM   1012 C  CG2 . ILE A 1 148 ? -1.736  17.588  0.336   1.00 49.49 ? 178  ILE A CG2 1 
ATOM   1013 C  CD1 . ILE A 1 148 ? -4.576  18.285  2.079   1.00 51.77 ? 178  ILE A CD1 1 
ATOM   1014 N  N   . PHE A 1 149 ? -1.172  14.147  1.863   1.00 48.33 ? 179  PHE A N   1 
ATOM   1015 C  CA  . PHE A 1 149 ? -0.401  12.975  1.477   1.00 47.28 ? 179  PHE A CA  1 
ATOM   1016 C  C   . PHE A 1 149 ? -1.224  11.820  0.829   1.00 47.37 ? 179  PHE A C   1 
ATOM   1017 O  O   . PHE A 1 149 ? -0.828  11.308  -0.221  1.00 46.60 ? 179  PHE A O   1 
ATOM   1018 C  CB  . PHE A 1 149 ? 0.412   12.451  2.634   1.00 45.41 ? 179  PHE A CB  1 
ATOM   1019 C  CG  . PHE A 1 149 ? 1.465   11.458  2.220   1.00 46.21 ? 179  PHE A CG  1 
ATOM   1020 C  CD1 . PHE A 1 149 ? 2.807   11.861  2.079   1.00 45.11 ? 179  PHE A CD1 1 
ATOM   1021 C  CD2 . PHE A 1 149 ? 1.124   10.128  1.946   1.00 42.27 ? 179  PHE A CD2 1 
ATOM   1022 C  CE1 . PHE A 1 149 ? 3.787   10.943  1.706   1.00 44.97 ? 179  PHE A CE1 1 
ATOM   1023 C  CE2 . PHE A 1 149 ? 2.084   9.208   1.580   1.00 42.34 ? 179  PHE A CE2 1 
ATOM   1024 C  CZ  . PHE A 1 149 ? 3.426   9.617   1.440   1.00 45.17 ? 179  PHE A CZ  1 
ATOM   1025 N  N   . LYS A 1 150 ? -2.350  11.419  1.436   1.00 47.61 ? 180  LYS A N   1 
ATOM   1026 C  CA  . LYS A 1 150 ? -3.201  10.377  0.817   1.00 48.27 ? 180  LYS A CA  1 
ATOM   1027 C  C   . LYS A 1 150 ? -3.757  10.843  -0.556  1.00 48.10 ? 180  LYS A C   1 
ATOM   1028 O  O   . LYS A 1 150 ? -3.393  10.278  -1.586  1.00 48.04 ? 180  LYS A O   1 
ATOM   1029 C  CB  . LYS A 1 150 ? -4.317  9.890   1.766   1.00 48.07 ? 180  LYS A CB  1 
ATOM   1030 C  CG  . LYS A 1 150 ? -4.916  8.509   1.429   1.00 49.25 ? 180  LYS A CG  1 
ATOM   1031 C  CD  . LYS A 1 150 ? -6.440  8.513   1.681   1.00 51.23 ? 180  LYS A CD  1 
ATOM   1032 C  CE  . LYS A 1 150 ? -7.110  7.213   1.294   1.00 51.18 ? 180  LYS A CE  1 
ATOM   1033 N  NZ  . LYS A 1 150 ? -8.464  7.046   1.943   1.00 53.72 ? 180  LYS A NZ  1 
ATOM   1034 N  N   . LYS A 1 151 ? -4.592  11.883  -0.564  1.00 48.17 ? 181  LYS A N   1 
ATOM   1035 C  CA  . LYS A 1 151 ? -5.123  12.473  -1.798  1.00 48.04 ? 181  LYS A CA  1 
ATOM   1036 C  C   . LYS A 1 151 ? -4.021  12.493  -2.842  1.00 47.87 ? 181  LYS A C   1 
ATOM   1037 O  O   . LYS A 1 151 ? -4.162  11.911  -3.931  1.00 47.09 ? 181  LYS A O   1 
ATOM   1038 C  CB  . LYS A 1 151 ? -5.566  13.904  -1.524  1.00 48.36 ? 181  LYS A CB  1 
ATOM   1039 C  CG  . LYS A 1 151 ? -6.361  14.597  -2.638  1.00 51.43 ? 181  LYS A CG  1 
ATOM   1040 C  CD  . LYS A 1 151 ? -6.154  16.148  -2.596  1.00 57.48 ? 181  LYS A CD  1 
ATOM   1041 C  CE  . LYS A 1 151 ? -6.509  16.810  -1.220  1.00 59.18 ? 181  LYS A CE  1 
ATOM   1042 N  NZ  . LYS A 1 151 ? -5.804  18.105  -0.992  1.00 58.13 ? 181  LYS A NZ  1 
ATOM   1043 N  N   . VAL A 1 152 ? -2.904  13.136  -2.492  1.00 47.14 ? 182  VAL A N   1 
ATOM   1044 C  CA  . VAL A 1 152 ? -1.862  13.424  -3.465  1.00 46.19 ? 182  VAL A CA  1 
ATOM   1045 C  C   . VAL A 1 152 ? -1.186  12.150  -3.979  1.00 46.30 ? 182  VAL A C   1 
ATOM   1046 O  O   . VAL A 1 152 ? -1.168  11.937  -5.186  1.00 46.03 ? 182  VAL A O   1 
ATOM   1047 C  CB  . VAL A 1 152 ? -0.830  14.519  -2.976  1.00 46.65 ? 182  VAL A CB  1 
ATOM   1048 C  CG1 . VAL A 1 152 ? 0.395   14.610  -3.897  1.00 46.18 ? 182  VAL A CG1 1 
ATOM   1049 C  CG2 . VAL A 1 152 ? -1.482  15.903  -2.880  1.00 45.70 ? 182  VAL A CG2 1 
ATOM   1050 N  N   . ARG A 1 153 ? -0.633  11.301  -3.102  1.00 45.29 ? 183  ARG A N   1 
ATOM   1051 C  CA  . ARG A 1 153 ? 0.079   10.133  -3.621  1.00 44.73 ? 183  ARG A CA  1 
ATOM   1052 C  C   . ARG A 1 153 ? -0.865  9.273   -4.446  1.00 44.40 ? 183  ARG A C   1 
ATOM   1053 O  O   . ARG A 1 153 ? -0.441  8.588   -5.360  1.00 43.51 ? 183  ARG A O   1 
ATOM   1054 C  CB  . ARG A 1 153 ? 0.689   9.231   -2.539  1.00 45.26 ? 183  ARG A CB  1 
ATOM   1055 C  CG  . ARG A 1 153 ? 2.028   9.607   -1.857  1.00 47.28 ? 183  ARG A CG  1 
ATOM   1056 C  CD  . ARG A 1 153 ? 2.836   10.780  -2.406  1.00 51.10 ? 183  ARG A CD  1 
ATOM   1057 N  NE  . ARG A 1 153 ? 2.409   12.046  -1.828  1.00 55.42 ? 183  ARG A NE  1 
ATOM   1058 C  CZ  . ARG A 1 153 ? 3.251   13.000  -1.425  1.00 56.75 ? 183  ARG A CZ  1 
ATOM   1059 N  NH1 . ARG A 1 153 ? 4.557   12.783  -1.502  1.00 54.47 ? 183  ARG A NH1 1 
ATOM   1060 N  NH2 . ARG A 1 153 ? 2.785   14.150  -0.912  1.00 55.76 ? 183  ARG A NH2 1 
ATOM   1061 N  N   . THR A 1 154 ? -2.148  9.274   -4.123  1.00 44.55 ? 184  THR A N   1 
ATOM   1062 C  CA  . THR A 1 154 ? -2.981  8.390   -4.878  1.00 45.23 ? 184  THR A CA  1 
ATOM   1063 C  C   . THR A 1 154 ? -3.357  8.979   -6.244  1.00 45.58 ? 184  THR A C   1 
ATOM   1064 O  O   . THR A 1 154 ? -3.446  8.229   -7.226  1.00 45.06 ? 184  THR A O   1 
ATOM   1065 C  CB  . THR A 1 154 ? -4.166  7.804   -4.127  1.00 45.39 ? 184  THR A CB  1 
ATOM   1066 O  OG1 . THR A 1 154 ? -5.364  8.393   -4.600  1.00 46.82 ? 184  THR A OG1 1 
ATOM   1067 C  CG2 . THR A 1 154 ? -4.050  7.937   -2.657  1.00 45.50 ? 184  THR A CG2 1 
ATOM   1068 N  N   . ASN A 1 155 ? -3.501  10.306  -6.317  1.00 45.11 ? 185  ASN A N   1 
ATOM   1069 C  CA  . ASN A 1 155 ? -3.721  10.984  -7.581  1.00 45.23 ? 185  ASN A CA  1 
ATOM   1070 C  C   . ASN A 1 155 ? -2.590  10.786  -8.561  1.00 44.66 ? 185  ASN A C   1 
ATOM   1071 O  O   . ASN A 1 155 ? -2.836  10.480  -9.720  1.00 44.25 ? 185  ASN A O   1 
ATOM   1072 C  CB  . ASN A 1 155 ? -3.933  12.476  -7.391  1.00 46.01 ? 185  ASN A CB  1 
ATOM   1073 C  CG  . ASN A 1 155 ? -5.361  12.799  -7.083  1.00 48.72 ? 185  ASN A CG  1 
ATOM   1074 O  OD1 . ASN A 1 155 ? -6.239  11.964  -7.283  1.00 51.07 ? 185  ASN A OD1 1 
ATOM   1075 N  ND2 . ASN A 1 155 ? -5.609  13.998  -6.558  1.00 51.13 ? 185  ASN A ND2 1 
ATOM   1076 N  N   . LYS A 1 156 ? -1.359  10.958  -8.094  1.00 43.32 ? 186  LYS A N   1 
ATOM   1077 C  CA  . LYS A 1 156 ? -0.201  10.702  -8.915  1.00 42.21 ? 186  LYS A CA  1 
ATOM   1078 C  C   . LYS A 1 156 ? 0.047   9.222   -9.183  1.00 41.83 ? 186  LYS A C   1 
ATOM   1079 O  O   . LYS A 1 156 ? 0.770   8.884   -10.125 1.00 42.58 ? 186  LYS A O   1 
ATOM   1080 C  CB  . LYS A 1 156 ? 1.040   11.343  -8.289  1.00 42.23 ? 186  LYS A CB  1 
ATOM   1081 C  CG  . LYS A 1 156 ? 0.927   12.879  -8.132  1.00 44.54 ? 186  LYS A CG  1 
ATOM   1082 C  CD  . LYS A 1 156 ? 2.121   13.501  -7.351  1.00 49.08 ? 186  LYS A CD  1 
ATOM   1083 C  CE  . LYS A 1 156 ? 2.139   15.034  -7.549  1.00 49.51 ? 186  LYS A CE  1 
ATOM   1084 N  NZ  . LYS A 1 156 ? 3.433   15.614  -7.129  1.00 50.82 ? 186  LYS A NZ  1 
ATOM   1085 N  N   . LEU A 1 157 ? -0.496  8.319   -8.369  1.00 40.30 ? 187  LEU A N   1 
ATOM   1086 C  CA  . LEU A 1 157 ? -0.339  6.913   -8.722  1.00 39.79 ? 187  LEU A CA  1 
ATOM   1087 C  C   . LEU A 1 157 ? -1.237  6.616   -9.914  1.00 39.31 ? 187  LEU A C   1 
ATOM   1088 O  O   . LEU A 1 157 ? -0.813  5.968   -10.860 1.00 38.54 ? 187  LEU A O   1 
ATOM   1089 C  CB  . LEU A 1 157 ? -0.696  5.957   -7.593  1.00 39.24 ? 187  LEU A CB  1 
ATOM   1090 C  CG  . LEU A 1 157 ? 0.126   4.653   -7.455  1.00 37.30 ? 187  LEU A CG  1 
ATOM   1091 C  CD1 . LEU A 1 157 ? -0.751  3.571   -6.812  1.00 35.36 ? 187  LEU A CD1 1 
ATOM   1092 C  CD2 . LEU A 1 157 ? 0.779   4.124   -8.716  1.00 29.72 ? 187  LEU A CD2 1 
ATOM   1093 N  N   . GLN A 1 158 ? -2.470  7.107   -9.843  1.00 39.09 ? 188  GLN A N   1 
ATOM   1094 C  CA  . GLN A 1 158 ? -3.407  6.941   -10.927 1.00 39.53 ? 188  GLN A CA  1 
ATOM   1095 C  C   . GLN A 1 158 ? -2.777  7.448   -12.199 1.00 39.66 ? 188  GLN A C   1 
ATOM   1096 O  O   . GLN A 1 158 ? -2.738  6.747   -13.201 1.00 39.67 ? 188  GLN A O   1 
ATOM   1097 C  CB  . GLN A 1 158 ? -4.695  7.692   -10.679 1.00 39.19 ? 188  GLN A CB  1 
ATOM   1098 C  CG  . GLN A 1 158 ? -5.829  7.228   -11.587 1.00 39.66 ? 188  GLN A CG  1 
ATOM   1099 C  CD  . GLN A 1 158 ? -6.028  5.744   -11.497 1.00 41.07 ? 188  GLN A CD  1 
ATOM   1100 O  OE1 . GLN A 1 158 ? -6.507  5.224   -10.464 1.00 40.96 ? 188  GLN A OE1 1 
ATOM   1101 N  NE2 . GLN A 1 158 ? -5.642  5.024   -12.575 1.00 40.05 ? 188  GLN A NE2 1 
ATOM   1102 N  N   . THR A 1 159 ? -2.240  8.655   -12.161 1.00 39.54 ? 189  THR A N   1 
ATOM   1103 C  CA  . THR A 1 159 ? -1.782  9.209   -13.413 1.00 38.95 ? 189  THR A CA  1 
ATOM   1104 C  C   . THR A 1 159 ? -0.591  8.383   -13.912 1.00 38.61 ? 189  THR A C   1 
ATOM   1105 O  O   . THR A 1 159 ? -0.535  8.087   -15.090 1.00 38.98 ? 189  THR A O   1 
ATOM   1106 C  CB  . THR A 1 159 ? -1.459  10.725  -13.338 1.00 39.02 ? 189  THR A CB  1 
ATOM   1107 O  OG1 . THR A 1 159 ? -0.125  10.868  -12.889 1.00 38.86 ? 189  THR A OG1 1 
ATOM   1108 C  CG2 . THR A 1 159 ? -2.417  11.490  -12.424 1.00 36.42 ? 189  THR A CG2 1 
ATOM   1109 N  N   . ALA A 1 160 ? 0.345   7.997   -13.036 1.00 37.89 ? 190  ALA A N   1 
ATOM   1110 C  CA  . ALA A 1 160 ? 1.484   7.125   -13.459 1.00 36.99 ? 190  ALA A CA  1 
ATOM   1111 C  C   . ALA A 1 160 ? 1.053   5.774   -14.118 1.00 37.15 ? 190  ALA A C   1 
ATOM   1112 O  O   . ALA A 1 160 ? 1.684   5.298   -15.064 1.00 36.07 ? 190  ALA A O   1 
ATOM   1113 C  CB  . ALA A 1 160 ? 2.412   6.839   -12.303 1.00 35.76 ? 190  ALA A CB  1 
ATOM   1114 N  N   . LEU A 1 161 ? 0.001   5.158   -13.566 1.00 36.30 ? 191  LEU A N   1 
ATOM   1115 C  CA  . LEU A 1 161 ? -0.598  3.947   -14.120 1.00 35.94 ? 191  LEU A CA  1 
ATOM   1116 C  C   . LEU A 1 161 ? -1.124  4.240   -15.522 1.00 36.20 ? 191  LEU A C   1 
ATOM   1117 O  O   . LEU A 1 161 ? -0.715  3.591   -16.479 1.00 35.34 ? 191  LEU A O   1 
ATOM   1118 C  CB  . LEU A 1 161 ? -1.746  3.467   -13.217 1.00 35.12 ? 191  LEU A CB  1 
ATOM   1119 C  CG  . LEU A 1 161 ? -1.252  2.715   -11.982 1.00 34.72 ? 191  LEU A CG  1 
ATOM   1120 C  CD1 . LEU A 1 161 ? -2.319  2.642   -10.938 1.00 34.33 ? 191  LEU A CD1 1 
ATOM   1121 C  CD2 . LEU A 1 161 ? -0.757  1.346   -12.380 1.00 30.60 ? 191  LEU A CD2 1 
ATOM   1122 N  N   . ASN A 1 162 ? -2.008  5.239   -15.604 1.00 36.26 ? 192  ASN A N   1 
ATOM   1123 C  CA  . ASN A 1 162 ? -2.579  5.726   -16.827 1.00 37.23 ? 192  ASN A CA  1 
ATOM   1124 C  C   . ASN A 1 162 ? -1.518  5.869   -17.924 1.00 37.85 ? 192  ASN A C   1 
ATOM   1125 O  O   . ASN A 1 162 ? -1.661  5.292   -19.032 1.00 37.85 ? 192  ASN A O   1 
ATOM   1126 C  CB  . ASN A 1 162 ? -3.224  7.098   -16.590 1.00 37.68 ? 192  ASN A CB  1 
ATOM   1127 C  CG  . ASN A 1 162 ? -4.604  7.047   -15.924 1.00 38.44 ? 192  ASN A CG  1 
ATOM   1128 O  OD1 . ASN A 1 162 ? -5.196  5.989   -15.662 1.00 38.92 ? 192  ASN A OD1 1 
ATOM   1129 N  ND2 . ASN A 1 162 ? -5.122  8.241   -15.638 1.00 38.77 ? 192  ASN A ND2 1 
ATOM   1130 N  N   . ASN A 1 163 ? -0.461  6.626   -17.604 1.00 37.76 ? 193  ASN A N   1 
ATOM   1131 C  CA  . ASN A 1 163 ? 0.695   6.838   -18.497 1.00 37.75 ? 193  ASN A CA  1 
ATOM   1132 C  C   . ASN A 1 163 ? 1.448   5.592   -18.827 1.00 37.09 ? 193  ASN A C   1 
ATOM   1133 O  O   . ASN A 1 163 ? 2.110   5.512   -19.863 1.00 36.45 ? 193  ASN A O   1 
ATOM   1134 C  CB  . ASN A 1 163 ? 1.724   7.821   -17.885 1.00 38.02 ? 193  ASN A CB  1 
ATOM   1135 C  CG  . ASN A 1 163 ? 1.214   9.231   -17.840 1.00 40.38 ? 193  ASN A CG  1 
ATOM   1136 O  OD1 . ASN A 1 163 ? 0.200   9.582   -18.458 1.00 44.86 ? 193  ASN A OD1 1 
ATOM   1137 N  ND2 . ASN A 1 163 ? 1.917   10.057  -17.125 1.00 43.37 ? 193  ASN A ND2 1 
ATOM   1138 N  N   . LEU A 1 164 ? 1.442   4.626   -17.930 1.00 37.37 ? 194  LEU A N   1 
ATOM   1139 C  CA  . LEU A 1 164 ? 2.104   3.372   -18.304 1.00 38.12 ? 194  LEU A CA  1 
ATOM   1140 C  C   . LEU A 1 164 ? 1.125   2.404   -19.025 1.00 37.50 ? 194  LEU A C   1 
ATOM   1141 O  O   . LEU A 1 164 ? 1.418   1.248   -19.152 1.00 36.88 ? 194  LEU A O   1 
ATOM   1142 C  CB  . LEU A 1 164 ? 2.732   2.717   -17.081 1.00 37.72 ? 194  LEU A CB  1 
ATOM   1143 C  CG  . LEU A 1 164 ? 4.146   3.090   -16.640 1.00 38.86 ? 194  LEU A CG  1 
ATOM   1144 C  CD1 . LEU A 1 164 ? 4.475   2.230   -15.453 1.00 40.60 ? 194  LEU A CD1 1 
ATOM   1145 C  CD2 . LEU A 1 164 ? 5.218   2.866   -17.683 1.00 38.36 ? 194  LEU A CD2 1 
ATOM   1146 N  N   . LYS A 1 165 ? -0.050  2.901   -19.425 1.00 38.19 ? 195  LYS A N   1 
ATOM   1147 C  CA  . LYS A 1 165 ? -1.123  2.108   -20.077 1.00 39.88 ? 195  LYS A CA  1 
ATOM   1148 C  C   . LYS A 1 165 ? -1.577  0.832   -19.339 1.00 40.51 ? 195  LYS A C   1 
ATOM   1149 O  O   . LYS A 1 165 ? -1.927  -0.211  -19.963 1.00 40.50 ? 195  LYS A O   1 
ATOM   1150 C  CB  . LYS A 1 165 ? -0.776  1.865   -21.546 1.00 40.02 ? 195  LYS A CB  1 
ATOM   1151 C  CG  . LYS A 1 165 ? -0.495  3.211   -22.203 1.00 44.04 ? 195  LYS A CG  1 
ATOM   1152 C  CD  . LYS A 1 165 ? 0.494   3.167   -23.347 1.00 50.57 ? 195  LYS A CD  1 
ATOM   1153 C  CE  . LYS A 1 165 ? 0.402   4.523   -24.078 1.00 53.37 ? 195  LYS A CE  1 
ATOM   1154 N  NZ  . LYS A 1 165 ? 0.911   4.428   -25.450 1.00 56.14 ? 195  LYS A NZ  1 
ATOM   1155 N  N   . VAL A 1 166 ? -1.582  0.927   -18.001 1.00 39.38 ? 196  VAL A N   1 
ATOM   1156 C  CA  . VAL A 1 166 ? -2.169  -0.100  -17.164 1.00 38.68 ? 196  VAL A CA  1 
ATOM   1157 C  C   . VAL A 1 166 ? -3.515  0.447   -16.777 1.00 39.32 ? 196  VAL A C   1 
ATOM   1158 O  O   . VAL A 1 166 ? -3.622  1.463   -16.011 1.00 39.42 ? 196  VAL A O   1 
ATOM   1159 C  CB  . VAL A 1 166 ? -1.346  -0.359  -15.913 1.00 38.33 ? 196  VAL A CB  1 
ATOM   1160 C  CG1 . VAL A 1 166 ? -1.954  -1.450  -15.096 1.00 35.09 ? 196  VAL A CG1 1 
ATOM   1161 C  CG2 . VAL A 1 166 ? 0.076   -0.682  -16.297 1.00 39.48 ? 196  VAL A CG2 1 
ATOM   1162 N  N   . GLY A 1 167 ? -4.552  -0.206  -17.304 1.00 39.09 ? 197  GLY A N   1 
ATOM   1163 C  CA  . GLY A 1 167 ? -5.916  0.289   -17.137 1.00 38.76 ? 197  GLY A CA  1 
ATOM   1164 C  C   . GLY A 1 167 ? -6.402  -0.204  -15.806 1.00 39.18 ? 197  GLY A C   1 
ATOM   1165 O  O   . GLY A 1 167 ? -7.232  -1.093  -15.752 1.00 39.15 ? 197  GLY A O   1 
ATOM   1166 N  N   . TYR A 1 168 ? -5.837  0.346   -14.730 1.00 39.82 ? 198  TYR A N   1 
ATOM   1167 C  CA  . TYR A 1 168 ? -6.270  0.042   -13.375 1.00 40.35 ? 198  TYR A CA  1 
ATOM   1168 C  C   . TYR A 1 168 ? -6.695  1.315   -12.706 1.00 40.28 ? 198  TYR A C   1 
ATOM   1169 O  O   . TYR A 1 168 ? -5.907  2.263   -12.595 1.00 39.30 ? 198  TYR A O   1 
ATOM   1170 C  CB  . TYR A 1 168 ? -5.180  -0.649  -12.533 1.00 40.26 ? 198  TYR A CB  1 
ATOM   1171 C  CG  . TYR A 1 168 ? -5.690  -1.102  -11.166 1.00 39.31 ? 198  TYR A CG  1 
ATOM   1172 C  CD1 . TYR A 1 168 ? -5.368  -0.398  -9.997  1.00 38.90 ? 198  TYR A CD1 1 
ATOM   1173 C  CD2 . TYR A 1 168 ? -6.510  -2.225  -11.047 1.00 39.07 ? 198  TYR A CD2 1 
ATOM   1174 C  CE1 . TYR A 1 168 ? -5.843  -0.835  -8.731  1.00 37.47 ? 198  TYR A CE1 1 
ATOM   1175 C  CE2 . TYR A 1 168 ? -7.007  -2.646  -9.808  1.00 40.21 ? 198  TYR A CE2 1 
ATOM   1176 C  CZ  . TYR A 1 168 ? -6.666  -1.942  -8.659  1.00 39.23 ? 198  TYR A CZ  1 
ATOM   1177 O  OH  . TYR A 1 168 ? -7.166  -2.365  -7.462  1.00 42.13 ? 198  TYR A OH  1 
ATOM   1178 N  N   . GLU A 1 169 ? -7.940  1.292   -12.239 1.00 40.53 ? 199  GLU A N   1 
ATOM   1179 C  CA  . GLU A 1 169 ? -8.549  2.392   -11.549 1.00 41.29 ? 199  GLU A CA  1 
ATOM   1180 C  C   . GLU A 1 169 ? -8.446  2.129   -10.026 1.00 41.22 ? 199  GLU A C   1 
ATOM   1181 O  O   . GLU A 1 169 ? -9.059  1.177   -9.493  1.00 40.26 ? 199  GLU A O   1 
ATOM   1182 C  CB  . GLU A 1 169 ? -10.002 2.448   -11.980 1.00 42.11 ? 199  GLU A CB  1 
ATOM   1183 C  CG  . GLU A 1 169 ? -10.513 3.818   -12.360 1.00 46.69 ? 199  GLU A CG  1 
ATOM   1184 C  CD  . GLU A 1 169 ? -11.790 4.169   -11.598 1.00 52.87 ? 199  GLU A CD  1 
ATOM   1185 O  OE1 . GLU A 1 169 ? -12.346 5.268   -11.845 1.00 52.83 ? 199  GLU A OE1 1 
ATOM   1186 O  OE2 . GLU A 1 169 ? -12.238 3.356   -10.737 1.00 54.58 ? 199  GLU A OE2 1 
ATOM   1187 N  N   . LEU A 1 170 ? -7.663  2.956   -9.330  1.00 40.62 ? 200  LEU A N   1 
ATOM   1188 C  CA  . LEU A 1 170 ? -7.493  2.753   -7.907  1.00 41.53 ? 200  LEU A CA  1 
ATOM   1189 C  C   . LEU A 1 170 ? -8.819  2.867   -7.187  1.00 43.09 ? 200  LEU A C   1 
ATOM   1190 O  O   . LEU A 1 170 ? -9.665  3.681   -7.563  1.00 43.35 ? 200  LEU A O   1 
ATOM   1191 C  CB  . LEU A 1 170 ? -6.488  3.727   -7.330  1.00 39.93 ? 200  LEU A CB  1 
ATOM   1192 C  CG  . LEU A 1 170 ? -5.062  3.526   -7.826  1.00 36.49 ? 200  LEU A CG  1 
ATOM   1193 C  CD1 . LEU A 1 170 ? -4.230  4.771   -7.543  1.00 31.44 ? 200  LEU A CD1 1 
ATOM   1194 C  CD2 . LEU A 1 170 ? -4.367  2.270   -7.257  1.00 31.22 ? 200  LEU A CD2 1 
ATOM   1195 N  N   . LEU A 1 171 ? -9.015  2.039   -6.173  1.00 44.74 ? 201  LEU A N   1 
ATOM   1196 C  CA  . LEU A 1 171 ? -10.291 2.026   -5.493  1.00 47.65 ? 201  LEU A CA  1 
ATOM   1197 C  C   . LEU A 1 171 ? -10.649 3.420   -4.998  1.00 48.70 ? 201  LEU A C   1 
ATOM   1198 O  O   . LEU A 1 171 ? -11.810 3.841   -5.083  1.00 48.85 ? 201  LEU A O   1 
ATOM   1199 C  CB  . LEU A 1 171 ? -10.312 0.982   -4.360  1.00 48.63 ? 201  LEU A CB  1 
ATOM   1200 C  CG  . LEU A 1 171 ? -10.610 -0.455  -4.818  1.00 50.64 ? 201  LEU A CG  1 
ATOM   1201 C  CD1 . LEU A 1 171 ? -10.694 -1.423  -3.620  1.00 51.50 ? 201  LEU A CD1 1 
ATOM   1202 C  CD2 . LEU A 1 171 ? -11.901 -0.544  -5.691  1.00 51.98 ? 201  LEU A CD2 1 
ATOM   1203 N  N   . ASP A 1 172 ? -9.633  4.133   -4.512  1.00 50.32 ? 202  ASP A N   1 
ATOM   1204 C  CA  . ASP A 1 172 ? -9.734  5.574   -4.191  1.00 52.48 ? 202  ASP A CA  1 
ATOM   1205 C  C   . ASP A 1 172 ? -9.602  6.470   -5.421  1.00 53.48 ? 202  ASP A C   1 
ATOM   1206 O  O   . ASP A 1 172 ? -10.491 7.296   -5.690  1.00 55.13 ? 202  ASP A O   1 
ATOM   1207 C  CB  . ASP A 1 172 ? -8.691  5.993   -3.136  1.00 52.90 ? 202  ASP A CB  1 
ATOM   1208 C  CG  . ASP A 1 172 ? -9.089  5.577   -1.731  1.00 54.17 ? 202  ASP A CG  1 
ATOM   1209 O  OD1 . ASP A 1 172 ? -9.985  6.262   -1.215  1.00 58.23 ? 202  ASP A OD1 1 
ATOM   1210 O  OD2 . ASP A 1 172 ? -8.534  4.590   -1.152  1.00 54.12 ? 202  ASP A OD2 1 
HETATM 1211 C  C1  . GOL B 2 .   ? 12.599  6.831   -22.094 1.00 56.84 ? 1203 GOL A C1  1 
HETATM 1212 O  O1  . GOL B 2 .   ? 13.754  5.998   -22.058 1.00 57.19 ? 1203 GOL A O1  1 
HETATM 1213 C  C2  . GOL B 2 .   ? 13.043  8.259   -21.761 1.00 56.79 ? 1203 GOL A C2  1 
HETATM 1214 O  O2  . GOL B 2 .   ? 13.011  9.038   -22.951 1.00 61.33 ? 1203 GOL A O2  1 
HETATM 1215 C  C3  . GOL B 2 .   ? 12.273  8.946   -20.635 1.00 50.80 ? 1203 GOL A C3  1 
HETATM 1216 O  O3  . GOL B 2 .   ? 11.228  9.722   -21.178 1.00 44.57 ? 1203 GOL A O3  1 
HETATM 1217 C  C1  . GOL C 2 .   ? -0.770  -14.100 -5.149  1.00 83.31 ? 1204 GOL A C1  1 
HETATM 1218 O  O1  . GOL C 2 .   ? -0.887  -14.433 -3.778  1.00 81.18 ? 1204 GOL A O1  1 
HETATM 1219 C  C2  . GOL C 2 .   ? -1.770  -12.978 -5.461  1.00 84.32 ? 1204 GOL A C2  1 
HETATM 1220 O  O2  . GOL C 2 .   ? -3.088  -13.354 -5.072  1.00 85.62 ? 1204 GOL A O2  1 
HETATM 1221 C  C3  . GOL C 2 .   ? -1.626  -12.338 -6.868  1.00 83.93 ? 1204 GOL A C3  1 
HETATM 1222 O  O3  . GOL C 2 .   ? -2.771  -12.413 -7.723  1.00 83.09 ? 1204 GOL A O3  1 
HETATM 1223 O  O   . HOH D 3 .   ? 21.999  0.913   -28.339 1.00 52.12 ? 2001 HOH A O   1 
HETATM 1224 O  O   . HOH D 3 .   ? 17.037  0.876   -20.949 1.00 63.51 ? 2002 HOH A O   1 
HETATM 1225 O  O   . HOH D 3 .   ? 9.394   0.619   -19.010 1.00 47.75 ? 2003 HOH A O   1 
HETATM 1226 O  O   . HOH D 3 .   ? 10.989  -5.146  -16.358 1.00 40.31 ? 2004 HOH A O   1 
HETATM 1227 O  O   . HOH D 3 .   ? -7.208  -6.370  -17.959 1.00 28.66 ? 2005 HOH A O   1 
HETATM 1228 O  O   . HOH D 3 .   ? -5.193  -10.006 -8.912  1.00 44.04 ? 2006 HOH A O   1 
HETATM 1229 O  O   . HOH D 3 .   ? -11.161 -7.681  0.258   1.00 39.74 ? 2007 HOH A O   1 
HETATM 1230 O  O   . HOH D 3 .   ? -9.386  4.478   6.538   1.00 35.87 ? 2008 HOH A O   1 
HETATM 1231 O  O   . HOH D 3 .   ? -14.283 3.471   4.616   1.00 42.63 ? 2009 HOH A O   1 
HETATM 1232 O  O   . HOH D 3 .   ? -14.527 -9.241  21.611  1.00 44.48 ? 2010 HOH A O   1 
HETATM 1233 O  O   . HOH D 3 .   ? -12.425 -6.632  20.134  1.00 42.29 ? 2011 HOH A O   1 
HETATM 1234 O  O   . HOH D 3 .   ? -9.481  -15.024 19.217  1.00 40.67 ? 2012 HOH A O   1 
HETATM 1235 O  O   . HOH D 3 .   ? -7.983  -11.486 22.645  1.00 39.39 ? 2013 HOH A O   1 
HETATM 1236 O  O   . HOH D 3 .   ? -9.446  -15.766 12.088  1.00 33.62 ? 2014 HOH A O   1 
HETATM 1237 O  O   . HOH D 3 .   ? 1.537   -6.156  14.363  1.00 31.79 ? 2015 HOH A O   1 
HETATM 1238 O  O   . HOH D 3 .   ? 7.576   -10.305 -2.783  1.00 46.48 ? 2016 HOH A O   1 
HETATM 1239 O  O   . HOH D 3 .   ? 9.372   1.279   0.646   1.00 60.72 ? 2017 HOH A O   1 
HETATM 1240 O  O   . HOH D 3 .   ? 1.562   -12.020 -6.804  1.00 44.94 ? 2018 HOH A O   1 
HETATM 1241 O  O   . HOH D 3 .   ? 16.659  -3.754  -11.279 1.00 61.38 ? 2019 HOH A O   1 
HETATM 1242 O  O   . HOH D 3 .   ? 13.621  -3.408  -4.352  1.00 47.00 ? 2020 HOH A O   1 
HETATM 1243 O  O   . HOH D 3 .   ? 21.582  3.527   -16.349 1.00 60.63 ? 2021 HOH A O   1 
HETATM 1244 O  O   . HOH D 3 .   ? 4.006   6.756   -15.070 1.00 38.88 ? 2022 HOH A O   1 
HETATM 1245 O  O   . HOH D 3 .   ? 14.944  7.548   -12.220 1.00 53.92 ? 2023 HOH A O   1 
HETATM 1246 O  O   . HOH D 3 .   ? -6.034  4.923   -2.023  1.00 48.34 ? 2024 HOH A O   1 
HETATM 1247 O  O   . HOH D 3 .   ? -5.956  0.714   -0.520  1.00 62.26 ? 2025 HOH A O   1 
HETATM 1248 O  O   . HOH D 3 .   ? 4.924   4.503   12.002  1.00 36.08 ? 2026 HOH A O   1 
HETATM 1249 O  O   . HOH D 3 .   ? 5.526   -3.811  14.397  1.00 42.69 ? 2027 HOH A O   1 
HETATM 1250 O  O   . HOH D 3 .   ? 4.504   -3.426  9.221   1.00 39.70 ? 2028 HOH A O   1 
HETATM 1251 O  O   . HOH D 3 .   ? 3.280   4.089   23.376  1.00 53.01 ? 2029 HOH A O   1 
HETATM 1252 O  O   . HOH D 3 .   ? 1.589   3.590   17.631  1.00 28.14 ? 2030 HOH A O   1 
HETATM 1253 O  O   . HOH D 3 .   ? 11.572  15.142  17.948  1.00 54.36 ? 2031 HOH A O   1 
HETATM 1254 O  O   . HOH D 3 .   ? 5.988   6.182   2.300   1.00 53.55 ? 2032 HOH A O   1 
HETATM 1255 O  O   . HOH D 3 .   ? 2.317   14.114  4.869   1.00 38.17 ? 2033 HOH A O   1 
HETATM 1256 O  O   . HOH D 3 .   ? -4.047  18.746  6.902   1.00 59.08 ? 2034 HOH A O   1 
HETATM 1257 O  O   . HOH D 3 .   ? -4.497  17.352  4.784   1.00 69.28 ? 2035 HOH A O   1 
HETATM 1258 O  O   . HOH D 3 .   ? -2.378  16.887  7.731   1.00 62.06 ? 2036 HOH A O   1 
HETATM 1259 O  O   . HOH D 3 .   ? -5.051  11.253  -10.756 1.00 52.77 ? 2037 HOH A O   1 
HETATM 1260 O  O   . HOH D 3 .   ? -8.559  6.288   -8.887  1.00 45.11 ? 2038 HOH A O   1 
HETATM 1261 O  O   . HOH D 3 .   ? -9.704  -1.056  -11.703 1.00 46.06 ? 2039 HOH A O   1 
HETATM 1262 O  O   . HOH D 3 .   ? -7.191  3.477   -3.843  1.00 50.53 ? 2040 HOH A O   1 
HETATM 1263 O  O   . HOH D 3 .   ? -11.783 6.211   -8.224  1.00 54.94 ? 2041 HOH A O   1 
# 
